data_8UCK
#
_entry.id   8UCK
#
_cell.length_a   1.00
_cell.length_b   1.00
_cell.length_c   1.00
_cell.angle_alpha   90.00
_cell.angle_beta   90.00
_cell.angle_gamma   90.00
#
_symmetry.space_group_name_H-M   'P 1'
#
loop_
_entity.id
_entity.type
_entity.pdbx_description
1 polymer 'Synaptic vesicular amine transporter'
2 polymer 'Cytochrome c oxidase subunit 1'
3 polymer 'Cytochrome c oxidase subunit 2'
4 polymer 'Cytochrome c oxidase subunit 3'
5 polymer 'Cytochrome c oxidase subunit 4'
6 polymer 'Cytochrome c oxidase subunit 5'
7 polymer 'Cytochrome c oxidase subunit 6'
8 polymer 'Cytochrome c oxidase subunit 7'
9 polymer 'Cytochrome c oxidase subunit 8'
10 polymer 'Cytochrome c oxidase subunit 9'
11 non-polymer 'COPPER (II) ION'
12 non-polymer HEME-A
13 non-polymer PHOSPHATIDYLETHANOLAMINE
14 non-polymer 'DINUCLEAR COPPER ION'
15 non-polymer 'ZINC ION'
#
loop_
_entity_poly.entity_id
_entity_poly.type
_entity_poly.pdbx_seq_one_letter_code
_entity_poly.pdbx_strand_id
1 'polypeptide(L)'
;MALSELALVRWLQESRRSRKLILFIVFLALLLDNMLLTVVVPIIPSYLYSIKHEKNATEIQTARPVHTASISDSFQSIFS
YYDNSTMVTGNATRDLTLHQTATQHMVTNASAVPSDCPSEDKDLLNENVQVGLLFASKATVQLITNPFIGLLTNRIGYPI
PIFAGFCIMFVSTIMFAFSSSYAFLLIARSLQGIGSSCSSVAGMGMLASVYTDDEERGNVMGIALGGLAMGVLVGPPFGS
VLYEFVGKTAPFLVLAALVLLDGAIQLFVLQPSRVQPESQKGTPLTTLLKDPYILIAAGSICFANMGIAMLEPALPIWMM
ETMCSRKWQLGVAFLPASISYLIGTNIFGILAHKMGRWLCALLGMIIVGVSILCIPFAKNIYGLIAPNFGVGFAIGMVDS
SMMPIMGYLVDLRHVSVYGSVYAIADVAFCMGYAIGPSAGGAIAKAIGFPWLMTIIGIIDILFAPLCFFLRSPPAKEEKM
AILMDHNCPIKTKMYTQNNIQSYPIGEDEESESD
;
A
2 'polypeptide(L)'
;MNYINRWLFSTNAKDIAVLYFIFALFCGLLGSIMSLILRLELSAPGNQILMGNHQLFNVVATAHAVLMVFFLVMPAAIGF
FGNYLLPLMIGASDMSFARLNNISFWLLPPALVSLLASALIENGAGTGWTVYPPLAGVQSHSGPSVDLAIFALHLTSISS
LLGAINFITTTLNMRTIGMTMSKLPLFVWAVVFTSILLLLSLPVLSAGVTLLLLDRNFNTSFFEPAGGGDPILYQHLFWF
FGHPEVYILIIPGFGIISHIVSTYSKKPVFGAIGMVYAMGSIGFLGLLVWSHHMYTVGLDVDSRAYFTSATMVIAVPTGI
KIFSWLATLYGGSIRYTTPMLYAFAFLFLFTVGGLSGVVLSNASLDIAFHDTYYVIGHFHYVLSLGAVFSLFAGYYYWSP
LITGLYYNNNLANIQFWLLFIGTNVTFFPMHFLGLNGMPRRIPDYPDAFAGWNAISSFGSLISIISVILFAYVIYDQLVN
GLTNKQLSTNSLFKNPDFIESNIIFNDNSIKSSSIDFLLTSPPLPHTFNTPAIQS
;
a
3 'polypeptide(L)'
;DVPTPWGIFFQDSATPNMEGIIELHNNIMFYLVLILTFVSYILYTIIYNYSNATIVHKYMNHGQLIEIVWTTLPAVILLI
IAFPSFILLYLCDEVISPAMTIKAIGLQWYWKYEYSDFINDDGEIVEFESYVIPEELLEDGQLRLLDVDASVVVPVDTHI
RFIVSSADVIHDFCVPALGVKVDASPGRLNQTSALIQREGVYYGQCSELCGVMHSAMPIKIEAVSLYEFINWLDEQ
;
b
4 'polypeptide(L)'
;MRIQNRENLQLFPFHLVTNSPWPLTTSLALMSLALTLGLTMHGYIGNHLWLFLAISLVLSSIFLWVRDVVIEGTYLGDHT
IAVRKGLNIGFMLFVLSEILIFAALFWSYFHSAMGPTIEIGCQWPPVGITSIKPTELPLLNTIILLASGATVTWAHHSIL
YKDRQGTLVGLFITTLLIILFVGCQVLEYTWATFTIADSVFGSIFYAGTGLHFIHMVMLIVMLAICYARMYFYHFTSNHH
LGLETTILYLHVLDIIWLFLYIVFYWWG
;
c
5 'polypeptide(L)'
;QFKTATSIAEVEGLENLVGPGAKTGTVPTDLEQATGLERYELLGKLEGIEVFDETPLEAVRKGTMKDPILIDSYDDYRYV
GCTGVPADSHNIEWLKPTTEKNARCWECGSVYKLNFL
;
d
6 'polypeptide(L)'
;NATVTNLEKRWEDLPETDQKDIISQLSERQKLPWKDLTLSEKKAAWYISFGEWGPRRPVHTKEDKLYIFWGTVIGIVISA
TIFGAFRYNRNVPKTMNREWQAASDEYLKSKNAEPFTGYSQIQS
;
e
7 'polypeptide(L)'
;EETYEEFSQRYEKEFDEAYDLFEVQRVLNNCFSYDIVPSPAVIGKALNACRRVNDYATAVRVFEGLKHKVETKEQYDAYL
EELKDVREELGIDLKEELFP
;
f
8 'polypeptide(L)' TATEKIIELQKFYQSTNKPIYAAHPRSKYYLIPYFGLLGVSVAATLFYTGRACFGIKD g
9 'polypeptide(L)' DVGPYSNLPFKVKNRRVPYAVPHFLFFAIGMGIPFFACYVQLKRSGSI h
10 'polypeptide(L)' SLTRIQGSVKRRILTDISVGLTLGFGFASYWWWGVHKPTVAHRENYYIELAKKKKA i
#
# COMPACT_ATOMS: atom_id res chain seq x y z
N SER A 18 -22.93 10.27 -22.30
CA SER A 18 -22.10 11.02 -23.23
C SER A 18 -21.92 12.46 -22.77
N ARG A 19 -22.15 12.70 -21.48
CA ARG A 19 -21.94 14.02 -20.90
C ARG A 19 -20.79 14.05 -19.90
N LYS A 20 -20.50 12.93 -19.25
CA LYS A 20 -19.44 12.88 -18.25
C LYS A 20 -18.05 12.83 -18.89
N LEU A 21 -17.97 12.27 -20.10
CA LEU A 21 -16.70 12.20 -20.81
C LEU A 21 -16.19 13.58 -21.20
N ILE A 22 -17.11 14.52 -21.48
CA ILE A 22 -16.73 15.90 -21.74
C ILE A 22 -16.09 16.52 -20.50
N LEU A 23 -16.63 16.20 -19.31
CA LEU A 23 -16.06 16.69 -18.07
C LEU A 23 -14.66 16.12 -17.83
N PHE A 24 -14.47 14.84 -18.18
CA PHE A 24 -13.13 14.24 -18.08
C PHE A 24 -12.15 14.91 -19.03
N ILE A 25 -12.58 15.18 -20.28
CA ILE A 25 -11.70 15.81 -21.26
C ILE A 25 -11.33 17.24 -20.84
N VAL A 26 -12.29 17.99 -20.28
CA VAL A 26 -12.01 19.36 -19.82
C VAL A 26 -11.07 19.35 -18.62
N PHE A 27 -11.24 18.40 -17.70
CA PHE A 27 -10.34 18.30 -16.55
C PHE A 27 -8.91 17.97 -16.98
N LEU A 28 -8.77 17.04 -17.93
CA LEU A 28 -7.43 16.73 -18.45
C LEU A 28 -6.82 17.90 -19.22
N ALA A 29 -7.64 18.65 -19.96
CA ALA A 29 -7.14 19.80 -20.71
C ALA A 29 -6.64 20.89 -19.78
N LEU A 30 -7.37 21.17 -18.70
CA LEU A 30 -6.89 22.16 -17.74
C LEU A 30 -5.71 21.66 -16.93
N LEU A 31 -5.61 20.34 -16.73
CA LEU A 31 -4.44 19.77 -16.08
C LEU A 31 -3.19 19.98 -16.92
N LEU A 32 -3.29 19.71 -18.23
CA LEU A 32 -2.14 19.93 -19.12
C LEU A 32 -1.82 21.42 -19.25
N ASP A 33 -2.86 22.27 -19.24
CA ASP A 33 -2.70 23.72 -19.16
C ASP A 33 -1.86 24.16 -17.96
N ASN A 34 -2.25 23.71 -16.77
CA ASN A 34 -1.56 24.17 -15.57
C ASN A 34 -0.18 23.54 -15.43
N MET A 35 0.01 22.31 -15.92
CA MET A 35 1.33 21.71 -15.83
C MET A 35 2.30 22.36 -16.82
N LEU A 36 1.83 22.71 -18.02
CA LEU A 36 2.68 23.43 -18.95
C LEU A 36 2.96 24.85 -18.48
N LEU A 37 2.00 25.49 -17.79
CA LEU A 37 2.21 26.85 -17.32
C LEU A 37 3.16 26.89 -16.13
N THR A 38 3.00 25.98 -15.16
CA THR A 38 3.78 26.02 -13.94
C THR A 38 5.22 25.56 -14.16
N VAL A 39 5.41 24.50 -14.94
CA VAL A 39 6.75 23.95 -15.17
C VAL A 39 7.44 24.83 -16.20
N VAL A 40 8.47 25.55 -15.76
CA VAL A 40 9.27 26.41 -16.63
C VAL A 40 10.68 25.86 -16.70
N VAL A 41 11.23 25.81 -17.91
CA VAL A 41 12.59 25.33 -18.13
C VAL A 41 13.39 26.39 -18.89
N GLN A 130 17.05 37.70 -16.61
CA GLN A 130 16.62 37.43 -17.97
C GLN A 130 15.62 36.28 -18.03
N VAL A 131 15.23 35.78 -16.86
CA VAL A 131 14.26 34.70 -16.79
C VAL A 131 12.83 35.21 -17.01
N GLY A 132 12.59 36.50 -16.77
CA GLY A 132 11.26 37.05 -16.95
C GLY A 132 10.84 37.18 -18.41
N LEU A 133 11.82 37.25 -19.33
CA LEU A 133 11.48 37.23 -20.74
C LEU A 133 11.01 35.86 -21.19
N LEU A 134 11.58 34.81 -20.60
CA LEU A 134 11.17 33.45 -20.94
C LEU A 134 9.86 33.08 -20.26
N PHE A 135 9.69 33.51 -19.01
CA PHE A 135 8.58 33.02 -18.18
C PHE A 135 7.23 33.61 -18.60
N ALA A 136 7.21 34.88 -19.03
CA ALA A 136 5.96 35.56 -19.37
C ALA A 136 5.58 35.39 -20.83
N SER A 137 6.04 34.33 -21.49
CA SER A 137 5.70 34.10 -22.89
C SER A 137 4.35 33.38 -23.05
N LYS A 138 3.90 32.64 -22.04
CA LYS A 138 2.68 31.87 -22.17
C LYS A 138 1.44 32.75 -22.06
N ALA A 139 1.30 33.42 -20.91
CA ALA A 139 0.11 34.21 -20.63
C ALA A 139 -0.02 35.43 -21.50
N THR A 140 1.08 35.95 -22.06
CA THR A 140 1.00 37.07 -22.98
C THR A 140 0.30 36.68 -24.28
N VAL A 141 0.66 35.51 -24.83
CA VAL A 141 0.00 35.02 -26.04
C VAL A 141 -1.42 34.56 -25.72
N GLN A 142 -1.63 33.98 -24.54
CA GLN A 142 -2.98 33.57 -24.12
C GLN A 142 -3.90 34.76 -23.88
N LEU A 143 -3.35 35.94 -23.56
CA LEU A 143 -4.17 37.14 -23.45
C LEU A 143 -4.76 37.56 -24.80
N ILE A 144 -4.06 37.28 -25.89
CA ILE A 144 -4.48 37.73 -27.21
C ILE A 144 -5.27 36.67 -27.96
N THR A 145 -4.88 35.40 -27.80
CA THR A 145 -5.46 34.34 -28.64
C THR A 145 -6.89 34.01 -28.22
N ASN A 146 -7.21 34.18 -26.94
CA ASN A 146 -8.50 33.74 -26.38
C ASN A 146 -9.76 34.34 -27.02
N PRO A 147 -9.85 35.64 -27.38
CA PRO A 147 -11.09 36.07 -28.08
C PRO A 147 -11.27 35.48 -29.47
N PHE A 148 -10.20 35.00 -30.12
CA PHE A 148 -10.34 34.51 -31.49
C PHE A 148 -11.04 33.15 -31.55
N ILE A 149 -10.80 32.29 -30.55
CA ILE A 149 -11.44 30.99 -30.53
C ILE A 149 -12.94 31.12 -30.28
N GLY A 150 -13.34 32.14 -29.50
CA GLY A 150 -14.75 32.37 -29.25
C GLY A 150 -15.54 32.76 -30.47
N LEU A 151 -14.87 33.30 -31.49
CA LEU A 151 -15.51 33.51 -32.78
C LEU A 151 -15.29 32.35 -33.74
N LEU A 152 -14.20 31.58 -33.58
CA LEU A 152 -13.96 30.45 -34.47
C LEU A 152 -14.94 29.31 -34.22
N THR A 153 -15.34 29.09 -32.96
CA THR A 153 -16.27 28.01 -32.66
C THR A 153 -17.68 28.25 -33.17
N ASN A 154 -18.01 29.47 -33.59
CA ASN A 154 -19.27 29.68 -34.31
C ASN A 154 -19.17 29.18 -35.75
N ARG A 155 -17.97 28.99 -36.28
CA ARG A 155 -17.79 28.54 -37.66
C ARG A 155 -17.49 27.04 -37.74
N ILE A 156 -16.52 26.58 -36.95
CA ILE A 156 -16.01 25.21 -37.10
C ILE A 156 -16.63 24.25 -36.11
N GLY A 157 -17.13 24.73 -34.96
CA GLY A 157 -17.66 23.85 -33.95
C GLY A 157 -16.69 23.65 -32.79
N TYR A 158 -17.15 22.88 -31.82
CA TYR A 158 -16.44 22.68 -30.56
C TYR A 158 -15.31 21.65 -30.49
N PRO A 159 -15.43 20.40 -30.98
CA PRO A 159 -14.40 19.40 -30.61
C PRO A 159 -13.09 19.55 -31.36
N ILE A 160 -13.12 20.09 -32.58
CA ILE A 160 -11.95 20.22 -33.44
C ILE A 160 -10.90 21.17 -32.84
N PRO A 161 -11.23 22.36 -32.30
CA PRO A 161 -10.18 23.11 -31.58
C PRO A 161 -9.62 22.42 -30.36
N ILE A 162 -10.43 21.61 -29.64
CA ILE A 162 -9.94 20.89 -28.47
C ILE A 162 -8.85 19.90 -28.87
N PHE A 163 -9.16 19.04 -29.84
CA PHE A 163 -8.18 18.02 -30.19
C PHE A 163 -7.04 18.57 -31.06
N ALA A 164 -7.28 19.64 -31.81
CA ALA A 164 -6.19 20.31 -32.50
C ALA A 164 -5.23 20.96 -31.51
N GLY A 165 -5.76 21.54 -30.43
CA GLY A 165 -4.90 22.09 -29.40
C GLY A 165 -4.12 21.01 -28.68
N PHE A 166 -4.75 19.85 -28.46
CA PHE A 166 -4.03 18.70 -27.89
C PHE A 166 -2.88 18.28 -28.79
N CYS A 167 -3.11 18.27 -30.11
CA CYS A 167 -2.04 17.96 -31.06
C CYS A 167 -0.93 19.01 -31.05
N ILE A 168 -1.29 20.29 -30.89
CA ILE A 168 -0.28 21.35 -30.91
C ILE A 168 0.61 21.29 -29.67
N MET A 169 0.03 21.08 -28.48
CA MET A 169 0.88 20.90 -27.30
C MET A 169 1.66 19.59 -27.37
N PHE A 170 1.10 18.55 -28.01
CA PHE A 170 1.82 17.29 -28.18
C PHE A 170 3.07 17.47 -29.04
N VAL A 171 2.92 17.85 -30.31
CA VAL A 171 4.13 18.25 -31.02
C VAL A 171 4.34 19.76 -30.93
N SER A 172 4.52 20.24 -29.71
CA SER A 172 5.40 21.35 -29.36
C SER A 172 6.20 21.11 -28.10
N THR A 173 5.72 20.27 -27.16
CA THR A 173 6.51 19.95 -25.98
C THR A 173 7.72 19.09 -26.35
N ILE A 174 7.57 18.19 -27.32
CA ILE A 174 8.70 17.41 -27.79
C ILE A 174 9.67 18.29 -28.58
N MET A 175 9.18 19.33 -29.26
CA MET A 175 10.04 20.25 -29.98
C MET A 175 10.81 21.15 -29.01
N PHE A 176 10.24 21.41 -27.83
CA PHE A 176 10.94 22.14 -26.79
C PHE A 176 12.15 21.39 -26.26
N ALA A 177 12.15 20.05 -26.36
CA ALA A 177 13.24 19.25 -25.82
C ALA A 177 14.53 19.44 -26.60
N PHE A 178 14.45 19.49 -27.93
CA PHE A 178 15.64 19.72 -28.75
C PHE A 178 16.01 21.20 -28.85
N SER A 179 15.14 22.09 -28.38
CA SER A 179 15.38 23.52 -28.51
C SER A 179 16.46 23.98 -27.54
N SER A 180 17.40 24.77 -28.04
CA SER A 180 18.48 25.30 -27.20
C SER A 180 18.63 26.82 -27.30
N SER A 181 18.47 27.40 -28.48
CA SER A 181 18.66 28.84 -28.66
C SER A 181 17.42 29.60 -28.19
N TYR A 182 17.64 30.86 -27.81
CA TYR A 182 16.62 31.67 -27.14
C TYR A 182 15.42 31.94 -28.04
N ALA A 183 15.66 32.15 -29.33
CA ALA A 183 14.56 32.32 -30.29
C ALA A 183 13.74 31.05 -30.39
N PHE A 184 14.38 29.89 -30.36
CA PHE A 184 13.64 28.62 -30.40
C PHE A 184 12.85 28.39 -29.13
N LEU A 185 13.37 28.79 -27.96
CA LEU A 185 12.59 28.69 -26.72
C LEU A 185 11.38 29.60 -26.75
N LEU A 186 11.51 30.83 -27.26
CA LEU A 186 10.35 31.72 -27.27
C LEU A 186 9.30 31.27 -28.29
N ILE A 187 9.74 30.75 -29.44
CA ILE A 187 8.77 30.26 -30.43
C ILE A 187 8.24 28.90 -30.01
N ALA A 188 8.88 28.23 -29.05
CA ALA A 188 8.31 27.01 -28.47
C ALA A 188 7.26 27.31 -27.41
N ARG A 189 7.46 28.35 -26.59
CA ARG A 189 6.42 28.72 -25.62
C ARG A 189 5.22 29.35 -26.30
N SER A 190 5.46 30.15 -27.35
CA SER A 190 4.41 30.47 -28.28
C SER A 190 3.97 29.21 -29.00
N LEU A 191 2.67 29.16 -29.31
CA LEU A 191 1.85 28.07 -29.84
C LEU A 191 1.60 26.96 -28.83
N GLN A 192 2.41 26.88 -27.77
CA GLN A 192 1.99 26.14 -26.58
C GLN A 192 0.92 26.92 -25.85
N GLY A 193 1.11 28.23 -25.76
CA GLY A 193 0.04 29.11 -25.31
C GLY A 193 -1.20 29.03 -26.16
N ILE A 194 -1.04 28.90 -27.48
CA ILE A 194 -2.18 28.86 -28.39
C ILE A 194 -2.96 27.55 -28.23
N GLY A 195 -2.25 26.42 -28.14
CA GLY A 195 -2.93 25.15 -27.94
C GLY A 195 -3.63 25.07 -26.60
N SER A 196 -3.01 25.62 -25.55
CA SER A 196 -3.66 25.70 -24.25
C SER A 196 -4.91 26.56 -24.29
N SER A 197 -4.85 27.70 -24.99
CA SER A 197 -6.00 28.58 -25.11
C SER A 197 -7.15 27.91 -25.85
N CYS A 198 -6.83 27.20 -26.94
CA CYS A 198 -7.84 26.48 -27.72
C CYS A 198 -8.54 25.43 -26.87
N SER A 199 -7.75 24.61 -26.16
CA SER A 199 -8.30 23.53 -25.35
C SER A 199 -9.19 24.06 -24.23
N SER A 200 -8.71 25.10 -23.52
CA SER A 200 -9.46 25.64 -22.39
C SER A 200 -10.77 26.29 -22.82
N VAL A 201 -10.71 27.18 -23.83
CA VAL A 201 -11.90 27.93 -24.23
C VAL A 201 -12.94 27.01 -24.85
N ALA A 202 -12.53 26.13 -25.75
CA ALA A 202 -13.51 25.26 -26.40
C ALA A 202 -14.06 24.20 -25.47
N GLY A 203 -13.25 23.70 -24.52
CA GLY A 203 -13.77 22.74 -23.55
C GLY A 203 -14.79 23.34 -22.60
N MET A 204 -14.53 24.56 -22.10
CA MET A 204 -15.50 25.18 -21.23
C MET A 204 -16.75 25.58 -21.97
N GLY A 205 -16.62 25.95 -23.26
CA GLY A 205 -17.81 26.15 -24.08
C GLY A 205 -18.62 24.89 -24.27
N MET A 206 -17.95 23.74 -24.43
CA MET A 206 -18.69 22.51 -24.64
C MET A 206 -19.42 22.06 -23.36
N LEU A 207 -18.78 22.24 -22.19
CA LEU A 207 -19.48 21.96 -20.93
C LEU A 207 -20.65 22.91 -20.70
N ALA A 208 -20.51 24.17 -21.10
CA ALA A 208 -21.65 25.06 -20.98
C ALA A 208 -22.75 24.69 -21.97
N SER A 209 -22.39 24.10 -23.11
CA SER A 209 -23.39 23.72 -24.10
C SER A 209 -24.19 22.50 -23.67
N VAL A 210 -23.53 21.46 -23.18
CA VAL A 210 -24.25 20.21 -22.98
C VAL A 210 -25.00 20.18 -21.64
N TYR A 211 -24.62 21.01 -20.68
CA TYR A 211 -25.27 21.05 -19.37
C TYR A 211 -26.15 22.29 -19.31
N THR A 212 -27.46 22.08 -19.46
CA THR A 212 -28.39 23.19 -19.60
C THR A 212 -28.87 23.72 -18.25
N ASP A 213 -29.12 22.82 -17.30
CA ASP A 213 -29.62 23.21 -15.99
C ASP A 213 -28.57 23.99 -15.20
N ASP A 214 -29.02 25.06 -14.54
CA ASP A 214 -28.10 25.91 -13.80
C ASP A 214 -27.60 25.24 -12.53
N GLU A 215 -28.42 24.39 -11.92
CA GLU A 215 -28.00 23.68 -10.71
C GLU A 215 -26.95 22.61 -11.02
N GLU A 216 -27.11 21.92 -12.15
CA GLU A 216 -26.14 20.90 -12.53
C GLU A 216 -24.85 21.51 -13.05
N ARG A 217 -24.93 22.71 -13.61
CA ARG A 217 -23.77 23.35 -14.25
C ARG A 217 -22.70 23.71 -13.24
N GLY A 218 -23.11 24.24 -12.08
CA GLY A 218 -22.14 24.54 -11.03
C GLY A 218 -21.48 23.30 -10.46
N ASN A 219 -22.24 22.21 -10.32
CA ASN A 219 -21.69 20.96 -9.84
C ASN A 219 -20.69 20.36 -10.83
N VAL A 220 -20.95 20.53 -12.13
CA VAL A 220 -19.98 20.06 -13.11
C VAL A 220 -18.73 20.93 -13.14
N MET A 221 -18.89 22.26 -13.15
CA MET A 221 -17.72 23.14 -13.25
C MET A 221 -16.88 23.18 -11.99
N GLY A 222 -17.45 22.84 -10.83
CA GLY A 222 -16.64 22.72 -9.63
C GLY A 222 -15.63 21.59 -9.71
N ILE A 223 -16.05 20.45 -10.25
CA ILE A 223 -15.12 19.35 -10.49
C ILE A 223 -14.19 19.66 -11.64
N ALA A 224 -14.67 20.39 -12.65
CA ALA A 224 -13.84 20.69 -13.81
C ALA A 224 -12.73 21.68 -13.49
N LEU A 225 -12.96 22.63 -12.58
CA LEU A 225 -11.93 23.59 -12.21
C LEU A 225 -10.91 23.04 -11.24
N GLY A 226 -11.05 21.79 -10.80
CA GLY A 226 -10.06 21.19 -9.93
C GLY A 226 -8.79 20.78 -10.62
N GLY A 227 -8.75 20.87 -11.94
CA GLY A 227 -7.54 20.56 -12.69
C GLY A 227 -6.47 21.62 -12.57
N LEU A 228 -6.81 22.82 -12.12
CA LEU A 228 -5.80 23.85 -11.90
C LEU A 228 -5.28 23.82 -10.47
N ALA A 229 -5.01 22.60 -9.98
CA ALA A 229 -4.21 22.38 -8.79
C ALA A 229 -3.26 21.21 -8.94
N MET A 230 -3.55 20.25 -9.81
CA MET A 230 -2.66 19.15 -10.07
C MET A 230 -1.48 19.56 -10.95
N GLY A 231 -1.60 20.69 -11.66
CA GLY A 231 -0.43 21.22 -12.33
C GLY A 231 0.61 21.74 -11.36
N VAL A 232 0.16 22.41 -10.29
CA VAL A 232 1.08 22.84 -9.24
C VAL A 232 1.57 21.64 -8.43
N LEU A 233 0.66 20.69 -8.15
CA LEU A 233 1.03 19.53 -7.35
C LEU A 233 1.92 18.55 -8.13
N VAL A 234 1.56 18.26 -9.38
CA VAL A 234 2.30 17.30 -10.17
C VAL A 234 2.92 17.98 -11.38
N GLY A 247 6.15 13.91 -9.17
CA GLY A 247 6.07 12.46 -9.26
C GLY A 247 6.80 11.90 -10.45
N LYS A 248 6.47 10.65 -10.81
CA LYS A 248 7.10 10.02 -11.97
C LYS A 248 6.64 10.65 -13.28
N THR A 249 5.33 10.96 -13.37
CA THR A 249 4.62 11.62 -14.47
C THR A 249 4.60 10.85 -15.78
N ALA A 250 5.22 9.67 -15.83
CA ALA A 250 5.05 8.80 -16.98
C ALA A 250 3.77 7.96 -16.93
N PRO A 251 3.33 7.37 -15.79
CA PRO A 251 2.01 6.72 -15.79
C PRO A 251 0.81 7.64 -16.05
N PHE A 252 0.85 8.86 -15.54
CA PHE A 252 -0.28 9.77 -15.67
C PHE A 252 -0.50 10.22 -17.11
N LEU A 253 0.59 10.36 -17.87
CA LEU A 253 0.45 10.69 -19.29
C LEU A 253 -0.16 9.54 -20.08
N VAL A 254 0.14 8.29 -19.71
CA VAL A 254 -0.49 7.13 -20.34
C VAL A 254 -1.98 7.11 -20.02
N LEU A 255 -2.35 7.43 -18.77
CA LEU A 255 -3.76 7.51 -18.40
C LEU A 255 -4.49 8.59 -19.18
N ALA A 256 -3.84 9.75 -19.37
CA ALA A 256 -4.42 10.82 -20.17
C ALA A 256 -4.59 10.42 -21.62
N ALA A 257 -3.61 9.68 -22.17
CA ALA A 257 -3.70 9.21 -23.55
C ALA A 257 -4.85 8.23 -23.72
N LEU A 258 -5.07 7.34 -22.74
CA LEU A 258 -6.18 6.40 -22.82
C LEU A 258 -7.54 7.09 -22.76
N VAL A 259 -7.69 8.08 -21.87
CA VAL A 259 -8.96 8.81 -21.80
C VAL A 259 -9.20 9.62 -23.07
N LEU A 260 -8.13 10.16 -23.67
CA LEU A 260 -8.26 10.85 -24.95
C LEU A 260 -8.61 9.89 -26.09
N LEU A 261 -8.14 8.64 -26.03
CA LEU A 261 -8.59 7.62 -26.99
C LEU A 261 -10.08 7.36 -26.85
N ASP A 262 -10.58 7.30 -25.62
CA ASP A 262 -12.02 7.13 -25.40
C ASP A 262 -12.81 8.29 -25.99
N GLY A 263 -12.30 9.52 -25.79
CA GLY A 263 -12.97 10.68 -26.36
C GLY A 263 -12.98 10.68 -27.89
N ALA A 264 -11.85 10.30 -28.49
CA ALA A 264 -11.80 10.23 -29.95
C ALA A 264 -12.68 9.12 -30.51
N ILE A 265 -12.77 8.00 -29.80
CA ILE A 265 -13.62 6.89 -30.23
C ILE A 265 -15.09 7.29 -30.19
N GLN A 266 -15.52 7.99 -29.13
CA GLN A 266 -16.90 8.48 -29.10
C GLN A 266 -17.16 9.53 -30.19
N LEU A 267 -16.30 10.54 -30.31
CA LEU A 267 -16.67 11.73 -31.06
C LEU A 267 -16.33 11.65 -32.55
N PHE A 268 -15.35 10.83 -32.95
CA PHE A 268 -14.90 10.84 -34.33
C PHE A 268 -15.07 9.52 -35.08
N VAL A 269 -15.36 8.42 -34.39
CA VAL A 269 -15.38 7.09 -35.00
C VAL A 269 -16.77 6.47 -34.95
N LEU A 270 -17.42 6.53 -33.79
CA LEU A 270 -18.69 5.84 -33.60
C LEU A 270 -19.82 6.51 -34.37
N GLN A 271 -19.93 7.83 -34.29
CA GLN A 271 -20.93 8.57 -35.05
C GLN A 271 -20.24 9.61 -35.90
N PRO A 272 -20.44 9.61 -37.22
CA PRO A 272 -19.80 10.61 -38.08
C PRO A 272 -20.67 11.85 -38.25
N SER A 273 -20.02 13.00 -38.25
CA SER A 273 -20.71 14.28 -38.30
C SER A 273 -20.07 15.17 -39.34
N ARG A 274 -20.83 16.17 -39.77
CA ARG A 274 -20.36 17.15 -40.75
C ARG A 274 -19.56 18.25 -40.04
N VAL A 275 -19.32 19.35 -40.75
CA VAL A 275 -18.68 20.52 -40.14
C VAL A 275 -19.58 21.14 -39.09
N GLN A 276 -20.90 21.15 -39.35
CA GLN A 276 -21.97 21.61 -38.47
C GLN A 276 -21.80 23.01 -37.88
N PRO A 277 -22.06 24.08 -38.64
CA PRO A 277 -22.16 25.41 -38.01
C PRO A 277 -23.27 25.47 -36.97
N GLU A 278 -23.11 26.41 -36.03
CA GLU A 278 -24.07 26.57 -34.96
C GLU A 278 -25.41 27.07 -35.50
N SER A 279 -26.49 26.72 -34.79
CA SER A 279 -27.83 27.01 -35.26
C SER A 279 -28.14 28.50 -35.19
N GLN A 280 -27.61 29.19 -34.18
CA GLN A 280 -27.90 30.60 -33.99
C GLN A 280 -26.60 31.40 -33.98
N LYS A 281 -26.59 32.51 -34.70
CA LYS A 281 -25.50 33.46 -34.59
C LYS A 281 -25.56 34.16 -33.24
N GLY A 282 -24.41 34.30 -32.59
CA GLY A 282 -24.34 34.92 -31.29
C GLY A 282 -24.12 36.41 -31.36
N THR A 283 -24.21 37.05 -30.20
CA THR A 283 -23.88 38.46 -30.10
C THR A 283 -22.38 38.67 -30.31
N PRO A 284 -21.98 39.79 -30.90
CA PRO A 284 -20.56 40.07 -31.05
C PRO A 284 -19.90 40.35 -29.71
N LEU A 285 -18.57 40.35 -29.72
CA LEU A 285 -17.79 40.59 -28.50
C LEU A 285 -17.92 42.01 -28.01
N THR A 286 -18.20 42.97 -28.90
CA THR A 286 -18.25 44.38 -28.51
C THR A 286 -19.43 44.68 -27.59
N THR A 287 -20.58 44.06 -27.85
CA THR A 287 -21.74 44.32 -27.00
C THR A 287 -21.70 43.54 -25.70
N LEU A 288 -20.81 42.57 -25.56
CA LEU A 288 -20.72 41.83 -24.30
C LEU A 288 -19.81 42.51 -23.30
N LEU A 289 -18.79 43.25 -23.77
CA LEU A 289 -17.97 44.01 -22.85
C LEU A 289 -18.69 45.25 -22.33
N LYS A 290 -19.74 45.69 -23.02
CA LYS A 290 -20.54 46.79 -22.51
C LYS A 290 -21.54 46.36 -21.45
N ASP A 291 -21.75 45.06 -21.26
CA ASP A 291 -22.64 44.59 -20.20
C ASP A 291 -21.94 44.76 -18.86
N PRO A 292 -22.58 45.40 -17.88
CA PRO A 292 -21.89 45.73 -16.63
C PRO A 292 -21.67 44.53 -15.72
N TYR A 293 -22.66 43.64 -15.66
CA TYR A 293 -22.60 42.50 -14.78
C TYR A 293 -21.54 41.49 -15.19
N ILE A 294 -21.29 41.35 -16.50
CA ILE A 294 -20.22 40.48 -16.97
C ILE A 294 -18.87 41.04 -16.55
N LEU A 295 -18.73 42.37 -16.58
CA LEU A 295 -17.50 43.01 -16.09
C LEU A 295 -17.32 42.80 -14.60
N ILE A 296 -18.40 42.90 -13.83
CA ILE A 296 -18.31 42.67 -12.38
C ILE A 296 -17.98 41.21 -12.10
N ALA A 297 -18.50 40.29 -12.92
CA ALA A 297 -18.20 38.87 -12.77
C ALA A 297 -16.73 38.57 -13.08
N ALA A 298 -16.19 39.19 -14.12
CA ALA A 298 -14.78 38.98 -14.46
C ALA A 298 -13.85 39.70 -13.49
N GLY A 299 -14.32 40.76 -12.83
CA GLY A 299 -13.47 41.51 -11.93
C GLY A 299 -13.09 40.72 -10.69
N SER A 300 -13.96 39.82 -10.24
CA SER A 300 -13.64 38.97 -9.09
C SER A 300 -12.54 37.98 -9.42
N ILE A 301 -12.61 37.34 -10.59
CA ILE A 301 -11.59 36.38 -10.99
C ILE A 301 -10.28 37.10 -11.31
N CYS A 302 -10.36 38.36 -11.76
CA CYS A 302 -9.19 39.21 -11.84
C CYS A 302 -8.56 39.44 -10.48
N PHE A 303 -9.31 40.05 -9.57
CA PHE A 303 -8.73 40.59 -8.35
C PHE A 303 -8.41 39.53 -7.32
N ALA A 304 -9.03 38.34 -7.40
CA ALA A 304 -8.63 37.26 -6.51
C ALA A 304 -7.26 36.71 -6.90
N ASN A 305 -6.98 36.62 -8.19
CA ASN A 305 -5.70 36.13 -8.64
C ASN A 305 -4.62 37.20 -8.68
N MET A 306 -5.01 38.48 -8.56
CA MET A 306 -4.00 39.54 -8.39
C MET A 306 -3.15 39.30 -7.14
N GLY A 307 -3.79 38.90 -6.04
CA GLY A 307 -3.05 38.66 -4.81
C GLY A 307 -2.14 37.46 -4.88
N ILE A 308 -2.55 36.42 -5.62
CA ILE A 308 -1.78 35.19 -5.61
C ILE A 308 -0.74 35.18 -6.74
N ALA A 309 -0.87 36.04 -7.75
CA ALA A 309 0.08 36.01 -8.87
C ALA A 309 1.43 36.58 -8.47
N MET A 310 1.44 37.70 -7.76
CA MET A 310 2.68 38.38 -7.40
C MET A 310 3.23 37.93 -6.04
N LEU A 311 3.28 36.62 -5.84
CA LEU A 311 3.79 36.08 -4.60
C LEU A 311 4.85 35.00 -4.82
N GLU A 312 4.68 34.13 -5.81
CA GLU A 312 5.63 33.03 -6.00
C GLU A 312 6.93 33.45 -6.71
N PRO A 313 6.93 34.35 -7.71
CA PRO A 313 8.23 34.94 -8.11
C PRO A 313 8.90 35.75 -7.03
N ALA A 314 8.12 36.36 -6.14
CA ALA A 314 8.67 37.23 -5.11
C ALA A 314 9.04 36.48 -3.83
N LEU A 315 8.75 35.19 -3.75
CA LEU A 315 9.05 34.42 -2.54
C LEU A 315 10.53 34.03 -2.38
N PRO A 316 11.28 33.62 -3.42
CA PRO A 316 12.74 33.50 -3.21
C PRO A 316 13.45 34.82 -2.97
N ILE A 317 12.87 35.96 -3.37
CA ILE A 317 13.50 37.25 -3.12
C ILE A 317 13.48 37.60 -1.64
N TRP A 318 12.37 37.29 -0.97
CA TRP A 318 12.22 37.60 0.45
C TRP A 318 12.72 36.47 1.34
N ALA A 333 4.59 25.45 0.37
CA ALA A 333 3.67 26.53 0.01
C ALA A 333 2.75 26.10 -1.13
N PHE A 334 3.31 25.36 -2.10
CA PHE A 334 2.53 24.88 -3.23
C PHE A 334 1.50 23.84 -2.79
N LEU A 335 1.92 22.89 -1.96
CA LEU A 335 1.07 21.81 -1.48
C LEU A 335 -0.11 22.29 -0.61
N PRO A 336 0.05 23.22 0.37
CA PRO A 336 -1.16 23.70 1.08
C PRO A 336 -2.14 24.43 0.19
N ALA A 337 -1.65 25.25 -0.75
CA ALA A 337 -2.52 25.96 -1.67
C ALA A 337 -3.27 25.02 -2.59
N SER A 338 -2.59 24.01 -3.13
CA SER A 338 -3.24 23.05 -4.02
C SER A 338 -4.25 22.18 -3.27
N ILE A 339 -3.92 21.74 -2.06
CA ILE A 339 -4.83 20.92 -1.29
C ILE A 339 -6.07 21.71 -0.88
N SER A 340 -5.89 22.96 -0.43
CA SER A 340 -7.02 23.80 -0.05
C SER A 340 -7.89 24.14 -1.25
N TYR A 341 -7.28 24.35 -2.43
CA TYR A 341 -8.03 24.59 -3.66
C TYR A 341 -8.90 23.40 -4.02
N LEU A 342 -8.30 22.20 -4.05
CA LEU A 342 -9.01 21.00 -4.48
C LEU A 342 -10.09 20.61 -3.48
N ILE A 343 -9.88 20.89 -2.19
CA ILE A 343 -10.95 20.66 -1.22
C ILE A 343 -12.08 21.66 -1.38
N GLY A 344 -11.75 22.96 -1.52
CA GLY A 344 -12.78 23.99 -1.46
C GLY A 344 -13.68 24.07 -2.66
N THR A 345 -13.12 23.92 -3.87
CA THR A 345 -13.92 24.20 -5.06
C THR A 345 -15.01 23.15 -5.29
N ASN A 346 -14.76 21.89 -4.93
CA ASN A 346 -15.70 20.81 -5.16
C ASN A 346 -16.93 20.93 -4.27
N ILE A 347 -16.73 21.37 -3.02
CA ILE A 347 -17.86 21.45 -2.10
C ILE A 347 -18.62 22.76 -2.29
N PHE A 348 -17.94 23.87 -2.59
CA PHE A 348 -18.73 25.08 -2.82
C PHE A 348 -19.33 25.18 -4.20
N GLY A 349 -18.89 24.37 -5.17
CA GLY A 349 -19.63 24.28 -6.42
C GLY A 349 -21.02 23.71 -6.25
N ILE A 350 -21.18 22.76 -5.32
CA ILE A 350 -22.51 22.28 -4.98
C ILE A 350 -23.24 23.28 -4.09
N LEU A 351 -22.56 23.80 -3.06
CA LEU A 351 -23.25 24.56 -2.02
C LEU A 351 -23.65 25.97 -2.42
N ALA A 352 -23.05 26.53 -3.49
CA ALA A 352 -23.27 27.93 -3.82
C ALA A 352 -24.65 28.22 -4.39
N HIS A 353 -25.45 27.21 -4.73
CA HIS A 353 -26.78 27.48 -5.24
C HIS A 353 -27.73 27.87 -4.10
N LYS A 354 -27.92 26.98 -3.14
CA LYS A 354 -28.83 27.28 -2.03
C LYS A 354 -28.18 28.19 -0.99
N MET A 355 -26.85 28.26 -0.95
CA MET A 355 -26.23 29.22 -0.04
C MET A 355 -26.30 30.64 -0.58
N GLY A 356 -26.48 30.79 -1.89
CA GLY A 356 -26.49 32.10 -2.52
C GLY A 356 -25.13 32.41 -3.09
N ARG A 357 -25.07 32.77 -4.39
CA ARG A 357 -23.79 32.93 -5.06
C ARG A 357 -23.08 34.20 -4.62
N TRP A 358 -23.82 35.29 -4.46
CA TRP A 358 -23.18 36.56 -4.09
C TRP A 358 -22.69 36.54 -2.66
N LEU A 359 -23.39 35.83 -1.76
CA LEU A 359 -22.90 35.66 -0.40
C LEU A 359 -21.60 34.84 -0.38
N CYS A 360 -21.51 33.81 -1.23
CA CYS A 360 -20.27 33.05 -1.35
C CYS A 360 -19.14 33.91 -1.89
N ALA A 361 -19.45 34.79 -2.86
CA ALA A 361 -18.42 35.68 -3.40
C ALA A 361 -17.92 36.68 -2.36
N LEU A 362 -18.83 37.29 -1.59
CA LEU A 362 -18.44 38.17 -0.51
C LEU A 362 -17.59 37.47 0.53
N LEU A 363 -18.06 36.31 1.01
CA LEU A 363 -17.33 35.59 2.07
C LEU A 363 -15.95 35.14 1.58
N GLY A 364 -15.88 34.62 0.36
CA GLY A 364 -14.60 34.19 -0.18
C GLY A 364 -13.62 35.32 -0.39
N MET A 365 -14.09 36.46 -0.91
CA MET A 365 -13.17 37.55 -1.20
C MET A 365 -12.70 38.24 0.09
N ILE A 366 -13.56 38.30 1.11
CA ILE A 366 -13.11 38.82 2.41
C ILE A 366 -12.11 37.86 3.05
N ILE A 367 -12.28 36.54 2.90
CA ILE A 367 -11.26 35.63 3.39
C ILE A 367 -9.95 35.78 2.62
N VAL A 368 -10.02 36.06 1.30
CA VAL A 368 -8.81 36.38 0.52
C VAL A 368 -8.09 37.58 1.11
N GLY A 369 -8.82 38.66 1.38
CA GLY A 369 -8.20 39.88 1.89
C GLY A 369 -7.61 39.72 3.29
N VAL A 370 -8.37 39.10 4.20
CA VAL A 370 -7.89 38.92 5.57
C VAL A 370 -6.72 37.94 5.62
N SER A 371 -6.75 36.90 4.78
CA SER A 371 -5.64 35.96 4.75
C SER A 371 -4.41 36.56 4.08
N ILE A 372 -4.59 37.51 3.15
CA ILE A 372 -3.43 37.99 2.43
C ILE A 372 -2.78 39.14 3.21
N LEU A 373 -3.52 39.79 4.13
CA LEU A 373 -2.90 40.79 4.99
C LEU A 373 -2.02 40.19 6.09
N CYS A 374 -2.23 38.91 6.43
CA CYS A 374 -1.56 38.34 7.60
C CYS A 374 -0.14 37.87 7.31
N ILE A 375 0.32 37.95 6.07
CA ILE A 375 1.66 37.50 5.71
C ILE A 375 2.76 38.49 6.16
N PRO A 376 2.60 39.83 6.08
CA PRO A 376 3.62 40.70 6.71
C PRO A 376 3.81 40.53 8.21
N PHE A 377 2.76 40.16 8.95
CA PHE A 377 2.91 39.95 10.38
C PHE A 377 3.72 38.69 10.68
N ALA A 378 3.58 37.67 9.85
CA ALA A 378 4.39 36.47 10.00
C ALA A 378 5.78 36.69 9.45
N LYS A 379 6.79 36.23 10.20
CA LYS A 379 8.18 36.38 9.78
C LYS A 379 8.91 35.04 9.73
N ASN A 380 8.20 33.92 9.89
CA ASN A 380 8.80 32.60 9.88
C ASN A 380 8.16 31.75 8.79
N ILE A 381 8.96 30.83 8.24
CA ILE A 381 8.49 29.96 7.18
C ILE A 381 7.46 28.96 7.71
N TYR A 382 7.63 28.52 8.96
CA TYR A 382 6.65 27.62 9.59
C TYR A 382 5.34 28.32 9.88
N GLY A 383 5.35 29.64 10.04
CA GLY A 383 4.13 30.39 10.26
C GLY A 383 3.41 30.81 9.00
N LEU A 384 3.97 30.53 7.82
CA LEU A 384 3.32 30.87 6.57
C LEU A 384 2.38 29.78 6.08
N ILE A 385 2.27 28.66 6.80
CA ILE A 385 1.42 27.56 6.37
C ILE A 385 -0.05 27.93 6.54
N ALA A 386 -0.40 28.53 7.68
CA ALA A 386 -1.76 28.92 8.01
C ALA A 386 -2.39 29.97 7.07
N PRO A 387 -1.68 31.03 6.61
CA PRO A 387 -2.32 31.90 5.59
C PRO A 387 -2.54 31.23 4.25
N ASN A 388 -1.73 30.24 3.86
CA ASN A 388 -1.88 29.61 2.55
C ASN A 388 -3.17 28.82 2.44
N PHE A 389 -3.54 28.10 3.51
CA PHE A 389 -4.87 27.51 3.59
C PHE A 389 -5.96 28.58 3.62
N GLY A 390 -5.61 29.81 4.01
CA GLY A 390 -6.54 30.92 3.83
C GLY A 390 -6.75 31.26 2.37
N VAL A 391 -5.69 31.19 1.55
CA VAL A 391 -5.75 31.80 0.23
C VAL A 391 -6.40 30.86 -0.77
N GLY A 392 -5.77 29.70 -1.01
CA GLY A 392 -6.19 28.84 -2.12
C GLY A 392 -7.54 28.20 -1.91
N PHE A 393 -7.95 28.06 -0.65
CA PHE A 393 -9.33 27.73 -0.33
C PHE A 393 -10.29 28.80 -0.82
N ALA A 394 -10.06 30.05 -0.42
CA ALA A 394 -11.02 31.11 -0.66
C ALA A 394 -11.07 31.51 -2.13
N ILE A 395 -9.91 31.54 -2.80
CA ILE A 395 -9.87 31.65 -4.25
C ILE A 395 -10.64 30.51 -4.90
N GLY A 396 -10.48 29.30 -4.36
CA GLY A 396 -11.24 28.16 -4.85
C GLY A 396 -12.73 28.29 -4.60
N MET A 397 -13.11 29.13 -3.64
CA MET A 397 -14.51 29.49 -3.52
C MET A 397 -14.91 30.45 -4.62
N VAL A 398 -14.14 31.53 -4.80
CA VAL A 398 -14.63 32.67 -5.57
C VAL A 398 -14.56 32.39 -7.05
N ASP A 399 -13.76 31.40 -7.47
CA ASP A 399 -13.88 30.89 -8.83
C ASP A 399 -15.19 30.12 -9.00
N SER A 400 -15.44 29.14 -8.12
CA SER A 400 -16.48 28.15 -8.34
C SER A 400 -17.89 28.70 -8.18
N SER A 401 -18.03 29.89 -7.62
CA SER A 401 -19.32 30.57 -7.54
C SER A 401 -19.50 31.58 -8.65
N MET A 402 -18.40 32.12 -9.19
CA MET A 402 -18.50 33.20 -10.15
C MET A 402 -18.39 32.72 -11.59
N MET A 403 -18.03 31.47 -11.80
CA MET A 403 -17.80 30.97 -13.16
C MET A 403 -19.09 30.48 -13.83
N PRO A 404 -20.03 29.78 -13.16
CA PRO A 404 -21.32 29.55 -13.83
C PRO A 404 -22.24 30.76 -13.87
N ILE A 405 -21.99 31.81 -13.08
CA ILE A 405 -22.90 32.94 -13.05
C ILE A 405 -22.80 33.76 -14.32
N MET A 406 -21.69 33.65 -15.05
CA MET A 406 -21.60 34.29 -16.36
C MET A 406 -22.47 33.58 -17.39
N GLY A 407 -22.52 32.25 -17.34
CA GLY A 407 -23.44 31.52 -18.17
C GLY A 407 -24.89 31.81 -17.83
N TYR A 408 -25.16 32.01 -16.53
CA TYR A 408 -26.50 32.43 -16.11
C TYR A 408 -26.84 33.83 -16.65
N LEU A 409 -25.85 34.74 -16.63
CA LEU A 409 -26.06 36.09 -17.16
C LEU A 409 -26.32 36.07 -18.65
N VAL A 410 -25.58 35.24 -19.39
CA VAL A 410 -25.75 35.15 -20.84
C VAL A 410 -27.09 34.51 -21.17
N ASP A 411 -27.51 33.49 -20.41
CA ASP A 411 -28.80 32.85 -20.63
C ASP A 411 -29.95 33.79 -20.29
N LEU A 412 -29.76 34.68 -19.32
CA LEU A 412 -30.86 35.53 -18.89
C LEU A 412 -31.00 36.78 -19.74
N ARG A 413 -29.89 37.40 -20.14
CA ARG A 413 -29.94 38.70 -20.79
C ARG A 413 -29.74 38.68 -22.29
N HIS A 414 -29.05 37.68 -22.85
CA HIS A 414 -28.76 37.69 -24.29
C HIS A 414 -29.04 36.33 -24.91
N VAL A 415 -28.56 36.14 -26.15
CA VAL A 415 -28.72 34.86 -26.83
C VAL A 415 -27.77 33.84 -26.23
N SER A 416 -28.09 32.56 -26.39
CA SER A 416 -27.38 31.48 -25.72
C SER A 416 -26.27 30.94 -26.62
N VAL A 417 -25.16 31.67 -26.66
CA VAL A 417 -23.90 31.19 -27.22
C VAL A 417 -22.82 31.41 -26.18
N TYR A 418 -22.07 30.35 -25.86
CA TYR A 418 -21.27 30.31 -24.64
C TYR A 418 -19.77 30.51 -24.84
N GLY A 419 -19.29 30.54 -26.09
CA GLY A 419 -17.84 30.58 -26.30
C GLY A 419 -17.20 31.90 -25.92
N SER A 420 -17.86 33.02 -26.26
CA SER A 420 -17.22 34.33 -26.13
C SER A 420 -17.14 34.79 -24.68
N VAL A 421 -18.16 34.49 -23.88
CA VAL A 421 -18.15 34.90 -22.48
C VAL A 421 -17.09 34.12 -21.69
N TYR A 422 -16.86 32.86 -22.04
CA TYR A 422 -15.80 32.12 -21.39
C TYR A 422 -14.43 32.46 -21.97
N ALA A 423 -14.37 32.99 -23.19
CA ALA A 423 -13.15 33.61 -23.66
C ALA A 423 -12.79 34.84 -22.83
N ILE A 424 -13.80 35.64 -22.49
CA ILE A 424 -13.62 36.78 -21.58
C ILE A 424 -13.14 36.30 -20.21
N ALA A 425 -13.68 35.16 -19.75
CA ALA A 425 -13.24 34.55 -18.49
C ALA A 425 -11.78 34.14 -18.54
N ASP A 426 -11.35 33.51 -19.63
CA ASP A 426 -9.96 33.08 -19.72
C ASP A 426 -9.01 34.27 -19.85
N VAL A 427 -9.46 35.34 -20.51
CA VAL A 427 -8.68 36.58 -20.59
C VAL A 427 -8.48 37.17 -19.20
N ALA A 428 -9.58 37.32 -18.45
CA ALA A 428 -9.49 37.93 -17.12
C ALA A 428 -8.82 37.01 -16.11
N PHE A 429 -8.75 35.71 -16.39
CA PHE A 429 -8.05 34.80 -15.51
C PHE A 429 -6.56 34.82 -15.76
N CYS A 430 -6.14 34.71 -17.02
CA CYS A 430 -4.73 34.54 -17.34
C CYS A 430 -4.01 35.85 -17.61
N MET A 431 -4.66 37.01 -17.49
CA MET A 431 -3.89 38.25 -17.58
C MET A 431 -3.02 38.43 -16.35
N GLY A 432 -3.41 37.83 -15.22
CA GLY A 432 -2.68 38.02 -13.97
C GLY A 432 -1.31 37.41 -13.99
N TYR A 433 -1.15 36.23 -14.57
CA TYR A 433 0.17 35.61 -14.65
C TYR A 433 1.10 36.34 -15.61
N ALA A 434 0.55 37.05 -16.59
CA ALA A 434 1.38 37.90 -17.44
C ALA A 434 1.83 39.15 -16.68
N ILE A 435 0.91 39.79 -15.96
CA ILE A 435 1.22 41.12 -15.43
C ILE A 435 1.96 41.02 -14.10
N GLY A 436 1.80 39.91 -13.38
CA GLY A 436 2.24 39.79 -12.01
C GLY A 436 3.74 39.74 -11.77
N PRO A 437 4.42 38.71 -12.30
CA PRO A 437 5.88 38.61 -12.08
C PRO A 437 6.69 39.76 -12.64
N SER A 438 6.21 40.44 -13.67
CA SER A 438 6.93 41.59 -14.22
C SER A 438 6.85 42.78 -13.29
N ALA A 439 5.66 43.08 -12.77
CA ALA A 439 5.48 44.26 -11.93
C ALA A 439 5.83 44.01 -10.47
N GLY A 440 5.92 42.74 -10.05
CA GLY A 440 6.16 42.43 -8.66
C GLY A 440 7.54 42.84 -8.19
N GLY A 441 8.56 42.61 -9.02
CA GLY A 441 9.91 43.06 -8.69
C GLY A 441 10.03 44.57 -8.65
N ALA A 442 9.33 45.26 -9.55
CA ALA A 442 9.36 46.72 -9.57
C ALA A 442 8.70 47.31 -8.32
N ILE A 443 7.55 46.77 -7.91
CA ILE A 443 6.91 47.26 -6.69
C ILE A 443 7.71 46.84 -5.46
N ALA A 444 8.38 45.69 -5.50
CA ALA A 444 9.22 45.25 -4.39
C ALA A 444 10.44 46.16 -4.22
N LYS A 445 11.03 46.59 -5.34
CA LYS A 445 12.12 47.57 -5.25
C LYS A 445 11.58 48.95 -4.90
N ALA A 446 10.32 49.23 -5.19
CA ALA A 446 9.77 50.56 -4.95
C ALA A 446 9.41 50.77 -3.49
N ILE A 447 8.46 49.99 -2.96
CA ILE A 447 7.87 50.28 -1.67
C ILE A 447 8.16 49.22 -0.61
N GLY A 448 8.60 48.02 -0.98
CA GLY A 448 8.86 46.98 -0.01
C GLY A 448 7.71 45.99 0.10
N PHE A 449 7.98 44.92 0.83
CA PHE A 449 7.04 43.80 0.88
C PHE A 449 5.79 44.03 1.74
N PRO A 450 5.87 44.51 3.01
CA PRO A 450 4.62 44.69 3.77
C PRO A 450 3.69 45.73 3.17
N TRP A 451 4.25 46.77 2.54
CA TRP A 451 3.43 47.77 1.86
C TRP A 451 2.73 47.18 0.64
N LEU A 452 3.45 46.34 -0.12
CA LEU A 452 2.85 45.69 -1.30
C LEU A 452 1.74 44.72 -0.89
N MET A 453 1.98 43.94 0.17
CA MET A 453 0.97 43.01 0.65
C MET A 453 -0.24 43.74 1.22
N THR A 454 0.00 44.87 1.90
CA THR A 454 -1.09 45.67 2.44
C THR A 454 -1.94 46.30 1.33
N ILE A 455 -1.29 46.82 0.28
CA ILE A 455 -2.09 47.47 -0.77
C ILE A 455 -2.81 46.44 -1.62
N ILE A 456 -2.23 45.23 -1.80
CA ILE A 456 -2.98 44.22 -2.53
C ILE A 456 -4.12 43.66 -1.66
N GLY A 457 -3.96 43.67 -0.34
CA GLY A 457 -5.08 43.34 0.53
C GLY A 457 -6.19 44.37 0.50
N ILE A 458 -5.81 45.64 0.43
CA ILE A 458 -6.79 46.72 0.29
C ILE A 458 -7.54 46.60 -1.02
N ILE A 459 -6.82 46.26 -2.10
CA ILE A 459 -7.46 46.07 -3.41
C ILE A 459 -8.40 44.88 -3.38
N ASP A 460 -8.01 43.79 -2.69
CA ASP A 460 -8.88 42.62 -2.60
C ASP A 460 -10.14 42.89 -1.78
N ILE A 461 -10.00 43.58 -0.65
CA ILE A 461 -11.16 43.82 0.21
C ILE A 461 -12.11 44.85 -0.41
N LEU A 462 -11.57 45.94 -0.95
CA LEU A 462 -12.38 47.10 -1.29
C LEU A 462 -13.25 46.91 -2.53
N PHE A 463 -13.03 45.86 -3.32
CA PHE A 463 -13.86 45.65 -4.50
C PHE A 463 -15.14 44.90 -4.14
N ALA A 464 -15.14 44.11 -3.06
CA ALA A 464 -16.20 43.21 -2.62
C ALA A 464 -17.60 43.82 -2.43
N PRO A 465 -17.81 45.02 -1.88
CA PRO A 465 -19.20 45.53 -1.78
C PRO A 465 -19.90 45.80 -3.11
N LEU A 466 -19.18 45.82 -4.22
CA LEU A 466 -19.85 45.85 -5.52
C LEU A 466 -20.59 44.57 -5.83
N CYS A 467 -20.17 43.43 -5.26
CA CYS A 467 -20.77 42.14 -5.59
C CYS A 467 -22.20 41.99 -5.06
N PHE A 468 -22.63 42.88 -4.16
CA PHE A 468 -24.03 42.98 -3.75
C PHE A 468 -24.96 43.36 -4.91
N PHE A 469 -24.42 43.90 -6.01
CA PHE A 469 -25.19 44.12 -7.22
C PHE A 469 -25.61 42.82 -7.91
N LEU A 470 -25.08 41.67 -7.50
CA LEU A 470 -25.41 40.40 -8.13
C LEU A 470 -26.69 39.76 -7.60
N ARG A 471 -27.58 40.53 -6.97
CA ARG A 471 -28.82 39.97 -6.45
C ARG A 471 -29.79 39.62 -7.57
N SER A 472 -30.06 40.58 -8.44
CA SER A 472 -30.95 40.33 -9.57
C SER A 472 -30.64 41.31 -10.71
N PRO A 473 -30.19 40.81 -11.86
CA PRO A 473 -29.96 41.69 -13.01
C PRO A 473 -31.28 42.03 -13.67
N PRO A 474 -31.29 43.05 -14.54
CA PRO A 474 -32.48 43.31 -15.34
C PRO A 474 -32.71 42.19 -16.35
N ALA A 475 -33.94 41.68 -16.37
CA ALA A 475 -34.28 40.57 -17.26
C ALA A 475 -34.58 41.08 -18.66
N LYS A 476 -34.86 40.14 -19.56
CA LYS A 476 -35.23 40.49 -20.93
C LYS A 476 -36.16 39.43 -21.51
N MET B 1 9.65 -11.64 39.13
CA MET B 1 9.21 -10.28 38.84
C MET B 1 9.95 -9.76 37.61
N ASN B 2 11.18 -10.25 37.42
CA ASN B 2 11.97 -9.86 36.26
C ASN B 2 11.40 -10.42 34.96
N TYR B 3 10.63 -11.51 35.04
CA TYR B 3 9.95 -12.02 33.86
C TYR B 3 8.80 -11.11 33.46
N ILE B 4 8.12 -10.52 34.44
CA ILE B 4 6.97 -9.67 34.14
C ILE B 4 7.42 -8.31 33.59
N ASN B 5 8.52 -7.76 34.09
CA ASN B 5 8.97 -6.43 33.69
C ASN B 5 9.80 -6.44 32.42
N ARG B 6 9.86 -7.57 31.72
CA ARG B 6 10.62 -7.63 30.49
C ARG B 6 9.86 -8.32 29.37
N TRP B 7 8.83 -9.11 29.69
CA TRP B 7 8.03 -9.79 28.67
C TRP B 7 6.52 -9.56 28.80
N LEU B 8 6.07 -8.83 29.79
CA LEU B 8 4.69 -8.34 29.80
C LEU B 8 4.61 -6.83 29.87
N PHE B 9 5.49 -6.19 30.65
CA PHE B 9 5.54 -4.74 30.79
C PHE B 9 6.82 -4.31 30.06
N SER B 10 6.72 -4.14 28.75
CA SER B 10 7.90 -4.07 27.91
C SER B 10 8.07 -2.68 27.30
N THR B 11 9.30 -2.39 26.91
CA THR B 11 9.65 -1.11 26.31
C THR B 11 10.51 -1.33 25.06
N ASN B 12 11.28 -2.41 25.04
CA ASN B 12 12.23 -2.66 23.97
C ASN B 12 11.52 -3.09 22.69
N ALA B 13 12.00 -2.60 21.55
CA ALA B 13 11.37 -2.93 20.28
C ALA B 13 11.64 -4.36 19.84
N LYS B 14 12.83 -4.91 20.15
CA LYS B 14 13.18 -6.24 19.69
C LYS B 14 12.57 -7.35 20.53
N ASP B 15 12.11 -7.04 21.74
CA ASP B 15 11.52 -8.06 22.59
C ASP B 15 10.02 -8.25 22.32
N ILE B 16 9.42 -7.39 21.52
CA ILE B 16 8.02 -7.56 21.12
C ILE B 16 7.89 -8.29 19.79
N ALA B 17 8.91 -8.19 18.92
CA ALA B 17 8.86 -8.82 17.61
C ALA B 17 8.84 -10.35 17.72
N VAL B 18 9.50 -10.90 18.75
CA VAL B 18 9.44 -12.33 18.97
C VAL B 18 8.03 -12.76 19.37
N LEU B 19 7.29 -11.91 20.11
CA LEU B 19 5.92 -12.25 20.48
C LEU B 19 4.99 -12.14 19.28
N TYR B 20 5.24 -11.18 18.38
CA TYR B 20 4.55 -11.18 17.09
C TYR B 20 4.81 -12.46 16.30
N PHE B 21 6.04 -12.97 16.31
CA PHE B 21 6.33 -14.21 15.57
C PHE B 21 5.58 -15.40 16.15
N ILE B 22 5.58 -15.53 17.49
CA ILE B 22 4.87 -16.62 18.15
C ILE B 22 3.37 -16.55 17.93
N PHE B 23 2.77 -15.35 17.97
CA PHE B 23 1.36 -15.21 17.66
C PHE B 23 1.04 -15.48 16.19
N ALA B 24 1.95 -15.08 15.29
CA ALA B 24 1.72 -15.23 13.85
C ALA B 24 1.73 -16.70 13.44
N LEU B 25 2.62 -17.51 14.03
CA LEU B 25 2.64 -18.94 13.72
C LEU B 25 1.33 -19.63 14.12
N PHE B 26 0.81 -19.30 15.31
CA PHE B 26 -0.43 -19.87 15.79
C PHE B 26 -1.61 -19.51 14.88
N CYS B 27 -1.73 -18.21 14.55
CA CYS B 27 -2.83 -17.78 13.71
C CYS B 27 -2.64 -18.14 12.25
N GLY B 28 -1.47 -18.61 11.85
CA GLY B 28 -1.31 -19.11 10.50
C GLY B 28 -1.52 -20.61 10.44
N LEU B 29 -1.39 -21.28 11.58
CA LEU B 29 -1.72 -22.70 11.66
C LEU B 29 -3.23 -22.94 11.66
N LEU B 30 -3.96 -22.10 12.42
CA LEU B 30 -5.42 -22.27 12.51
C LEU B 30 -6.10 -22.14 11.16
N GLY B 31 -5.72 -21.12 10.38
CA GLY B 31 -6.37 -20.93 9.09
C GLY B 31 -5.99 -21.99 8.07
N SER B 32 -4.77 -22.52 8.15
CA SER B 32 -4.38 -23.61 7.27
C SER B 32 -5.17 -24.88 7.56
N ILE B 33 -5.44 -25.16 8.83
CA ILE B 33 -6.30 -26.31 9.14
C ILE B 33 -7.74 -26.06 8.68
N MET B 34 -8.22 -24.81 8.80
CA MET B 34 -9.55 -24.51 8.25
C MET B 34 -9.60 -24.60 6.73
N SER B 35 -8.50 -24.32 6.04
CA SER B 35 -8.47 -24.49 4.58
C SER B 35 -8.46 -25.95 4.19
N LEU B 36 -7.78 -26.79 4.98
CA LEU B 36 -7.85 -28.23 4.76
C LEU B 36 -9.26 -28.78 4.99
N ILE B 37 -9.97 -28.25 5.99
CA ILE B 37 -11.35 -28.68 6.22
C ILE B 37 -12.25 -28.30 5.04
N LEU B 38 -12.00 -27.13 4.43
CA LEU B 38 -12.72 -26.73 3.23
C LEU B 38 -12.41 -27.65 2.06
N ARG B 39 -11.14 -28.01 1.90
CA ARG B 39 -10.69 -28.71 0.71
C ARG B 39 -11.05 -30.20 0.69
N LEU B 40 -11.27 -30.82 1.84
CA LEU B 40 -11.79 -32.19 1.87
C LEU B 40 -13.31 -32.27 1.82
N GLU B 41 -14.01 -31.14 1.81
CA GLU B 41 -15.43 -31.12 1.47
C GLU B 41 -15.66 -30.94 -0.03
N LEU B 42 -14.85 -30.13 -0.68
CA LEU B 42 -14.86 -29.96 -2.13
C LEU B 42 -13.92 -30.94 -2.81
N SER B 43 -14.10 -32.24 -2.57
CA SER B 43 -13.26 -33.26 -3.18
C SER B 43 -13.97 -34.05 -4.26
N ALA B 44 -15.12 -34.64 -3.93
CA ALA B 44 -15.99 -35.33 -4.87
C ALA B 44 -17.42 -34.85 -4.61
N PRO B 45 -18.30 -34.93 -5.62
CA PRO B 45 -19.66 -34.42 -5.45
C PRO B 45 -20.46 -35.14 -4.37
N GLY B 46 -21.27 -34.38 -3.64
CA GLY B 46 -22.08 -34.89 -2.55
C GLY B 46 -21.87 -34.07 -1.30
N ASN B 47 -22.23 -34.67 -0.16
CA ASN B 47 -22.10 -34.04 1.16
C ASN B 47 -21.29 -34.97 2.06
N GLN B 48 -19.98 -34.71 2.16
CA GLN B 48 -19.06 -35.72 2.67
C GLN B 48 -18.72 -35.51 4.14
N ILE B 49 -18.04 -34.42 4.51
CA ILE B 49 -17.56 -34.30 5.89
C ILE B 49 -18.58 -33.54 6.73
N LEU B 50 -18.98 -32.37 6.28
CA LEU B 50 -20.14 -31.70 6.85
C LEU B 50 -21.38 -32.36 6.28
N MET B 51 -22.23 -32.92 7.14
CA MET B 51 -23.22 -33.92 6.72
C MET B 51 -24.29 -33.31 5.83
N GLY B 52 -24.88 -32.19 6.25
CA GLY B 52 -25.83 -31.52 5.40
C GLY B 52 -25.84 -30.02 5.64
N ASN B 53 -24.90 -29.55 6.43
CA ASN B 53 -24.97 -28.23 7.03
C ASN B 53 -24.22 -27.27 6.12
N HIS B 54 -24.95 -26.34 5.50
CA HIS B 54 -24.33 -25.34 4.65
C HIS B 54 -23.80 -24.16 5.44
N GLN B 55 -24.36 -23.91 6.63
CA GLN B 55 -23.59 -23.22 7.65
C GLN B 55 -22.47 -24.15 8.13
N LEU B 56 -21.46 -23.58 8.77
CA LEU B 56 -20.16 -24.18 9.09
C LEU B 56 -19.41 -24.55 7.80
N PHE B 57 -19.83 -24.02 6.65
CA PHE B 57 -18.97 -23.96 5.49
C PHE B 57 -18.61 -22.52 5.15
N ASN B 58 -19.57 -21.62 5.22
CA ASN B 58 -19.28 -20.20 5.04
C ASN B 58 -18.59 -19.62 6.26
N VAL B 59 -18.88 -20.18 7.44
CA VAL B 59 -18.19 -19.78 8.67
C VAL B 59 -16.71 -20.12 8.59
N VAL B 60 -16.40 -21.31 8.06
CA VAL B 60 -15.02 -21.76 7.92
C VAL B 60 -14.29 -20.91 6.88
N ALA B 61 -14.98 -20.51 5.81
CA ALA B 61 -14.36 -19.66 4.79
C ALA B 61 -14.08 -18.25 5.32
N THR B 62 -15.03 -17.69 6.08
CA THR B 62 -14.84 -16.37 6.68
C THR B 62 -13.70 -16.38 7.70
N ALA B 63 -13.65 -17.42 8.54
CA ALA B 63 -12.57 -17.52 9.51
C ALA B 63 -11.25 -17.92 8.87
N HIS B 64 -11.26 -18.46 7.66
CA HIS B 64 -10.00 -18.64 6.94
C HIS B 64 -9.51 -17.35 6.35
N ALA B 65 -10.40 -16.49 5.86
CA ALA B 65 -10.03 -15.18 5.35
C ALA B 65 -9.46 -14.27 6.42
N VAL B 66 -10.17 -14.14 7.55
CA VAL B 66 -9.79 -13.17 8.57
C VAL B 66 -8.51 -13.58 9.29
N LEU B 67 -8.35 -14.88 9.57
CA LEU B 67 -7.20 -15.33 10.35
C LEU B 67 -5.90 -15.28 9.57
N MET B 68 -5.93 -15.33 8.24
CA MET B 68 -4.66 -15.26 7.54
C MET B 68 -4.49 -14.00 6.70
N VAL B 69 -5.48 -13.12 6.63
CA VAL B 69 -5.24 -11.79 6.11
C VAL B 69 -4.90 -10.81 7.23
N PHE B 70 -5.66 -10.83 8.33
CA PHE B 70 -5.51 -9.86 9.39
C PHE B 70 -4.63 -10.32 10.54
N PHE B 71 -4.46 -11.63 10.75
CA PHE B 71 -3.71 -12.13 11.89
C PHE B 71 -2.40 -12.82 11.53
N LEU B 72 -2.10 -13.04 10.24
CA LEU B 72 -0.86 -13.70 9.85
C LEU B 72 0.07 -12.78 9.08
N VAL B 73 -0.36 -12.21 7.95
CA VAL B 73 0.56 -11.52 7.06
C VAL B 73 0.95 -10.15 7.63
N MET B 74 -0.04 -9.39 8.14
CA MET B 74 0.29 -8.12 8.78
C MET B 74 1.11 -8.22 10.07
N PRO B 75 0.80 -9.10 11.05
CA PRO B 75 1.72 -9.19 12.20
C PRO B 75 3.12 -9.68 11.85
N ALA B 76 3.27 -10.54 10.85
CA ALA B 76 4.60 -10.98 10.45
C ALA B 76 5.37 -9.88 9.74
N ALA B 77 4.71 -9.18 8.81
CA ALA B 77 5.40 -8.20 7.98
C ALA B 77 5.46 -6.81 8.61
N ILE B 78 4.77 -6.58 9.73
CA ILE B 78 4.83 -5.32 10.44
C ILE B 78 5.47 -5.48 11.81
N GLY B 79 5.15 -6.55 12.53
CA GLY B 79 5.72 -6.76 13.84
C GLY B 79 7.09 -7.40 13.85
N PHE B 80 7.27 -8.52 13.16
CA PHE B 80 8.53 -9.25 13.29
C PHE B 80 9.62 -8.64 12.42
N PHE B 81 9.28 -8.09 11.26
CA PHE B 81 10.28 -7.50 10.39
C PHE B 81 10.29 -5.98 10.41
N GLY B 82 9.21 -5.34 10.81
CA GLY B 82 9.21 -3.88 10.89
C GLY B 82 9.75 -3.37 12.20
N ASN B 83 9.34 -3.96 13.32
CA ASN B 83 9.79 -3.48 14.62
C ASN B 83 11.23 -3.86 14.88
N TYR B 84 11.65 -5.03 14.42
CA TYR B 84 12.99 -5.51 14.77
C TYR B 84 14.05 -4.81 13.93
N LEU B 85 13.81 -4.67 12.63
CA LEU B 85 14.86 -4.30 11.70
C LEU B 85 15.00 -2.81 11.46
N LEU B 86 13.89 -2.07 11.39
CA LEU B 86 13.93 -0.66 11.02
C LEU B 86 14.75 0.24 11.96
N PRO B 87 14.67 0.13 13.30
CA PRO B 87 15.65 0.86 14.12
C PRO B 87 17.09 0.41 13.91
N LEU B 88 17.32 -0.86 13.54
CA LEU B 88 18.69 -1.30 13.30
C LEU B 88 19.22 -0.80 11.97
N MET B 89 18.35 -0.69 10.95
CA MET B 89 18.81 -0.11 9.69
C MET B 89 19.02 1.39 9.79
N ILE B 90 18.09 2.13 10.40
CA ILE B 90 18.28 3.57 10.48
C ILE B 90 19.19 3.98 11.62
N GLY B 91 19.56 3.06 12.50
CA GLY B 91 20.50 3.35 13.55
C GLY B 91 19.94 3.99 14.81
N ALA B 92 18.69 3.74 15.14
CA ALA B 92 18.09 4.26 16.36
C ALA B 92 18.16 3.22 17.45
N SER B 93 18.15 3.69 18.70
CA SER B 93 18.23 2.80 19.85
C SER B 93 16.93 2.05 20.04
N ASP B 94 15.85 2.79 20.28
CA ASP B 94 14.50 2.26 20.31
C ASP B 94 13.57 3.18 19.53
N MET B 95 12.30 2.79 19.45
CA MET B 95 11.33 3.57 18.68
C MET B 95 10.92 4.80 19.48
N SER B 96 10.16 5.68 18.85
CA SER B 96 9.78 6.95 19.46
C SER B 96 8.74 6.78 20.56
N PHE B 97 7.74 5.94 20.35
CA PHE B 97 6.67 5.70 21.32
C PHE B 97 6.63 4.20 21.62
N ALA B 98 7.29 3.80 22.71
CA ALA B 98 7.43 2.37 23.01
C ALA B 98 6.15 1.77 23.59
N ARG B 99 5.43 2.54 24.41
CA ARG B 99 4.18 2.05 25.00
C ARG B 99 3.12 1.83 23.94
N LEU B 100 3.17 2.60 22.84
CA LEU B 100 2.26 2.34 21.73
C LEU B 100 2.61 1.05 20.99
N ASN B 101 3.90 0.69 20.93
CA ASN B 101 4.27 -0.62 20.39
C ASN B 101 3.73 -1.73 21.26
N ASN B 102 3.80 -1.57 22.58
CA ASN B 102 3.28 -2.58 23.50
C ASN B 102 1.76 -2.72 23.37
N ILE B 103 1.04 -1.61 23.26
CA ILE B 103 -0.41 -1.72 23.11
C ILE B 103 -0.79 -2.25 21.73
N SER B 104 0.03 -1.98 20.70
CA SER B 104 -0.27 -2.47 19.37
C SER B 104 -0.06 -3.97 19.28
N PHE B 105 0.83 -4.52 20.11
CA PHE B 105 0.84 -5.97 20.24
C PHE B 105 -0.35 -6.47 21.05
N TRP B 106 -0.58 -5.88 22.23
CA TRP B 106 -1.48 -6.52 23.18
C TRP B 106 -2.96 -6.35 22.85
N LEU B 107 -3.32 -5.59 21.82
CA LEU B 107 -4.72 -5.60 21.40
C LEU B 107 -5.08 -6.80 20.52
N LEU B 108 -4.12 -7.59 20.06
CA LEU B 108 -4.40 -8.76 19.21
C LEU B 108 -4.81 -10.07 19.93
N PRO B 109 -4.21 -10.47 21.07
CA PRO B 109 -4.77 -11.65 21.80
C PRO B 109 -6.22 -11.51 22.26
N PRO B 110 -6.72 -10.35 22.73
CA PRO B 110 -8.17 -10.27 22.88
C PRO B 110 -8.93 -9.85 21.62
N ALA B 111 -8.27 -9.71 20.49
CA ALA B 111 -8.95 -9.72 19.20
C ALA B 111 -9.16 -11.12 18.66
N LEU B 112 -8.34 -12.09 19.10
CA LEU B 112 -8.56 -13.48 18.71
C LEU B 112 -9.73 -14.11 19.45
N VAL B 113 -9.96 -13.69 20.70
CA VAL B 113 -11.01 -14.29 21.54
C VAL B 113 -12.39 -13.97 20.98
N SER B 114 -12.57 -12.73 20.49
CA SER B 114 -13.87 -12.34 19.93
C SER B 114 -14.18 -13.09 18.65
N LEU B 115 -13.17 -13.34 17.82
CA LEU B 115 -13.41 -14.07 16.57
C LEU B 115 -13.63 -15.55 16.82
N LEU B 116 -12.90 -16.14 17.77
CA LEU B 116 -13.11 -17.55 18.08
C LEU B 116 -14.40 -17.77 18.84
N ALA B 117 -14.89 -16.74 19.53
CA ALA B 117 -16.20 -16.80 20.15
C ALA B 117 -17.32 -16.37 19.22
N SER B 118 -16.97 -15.82 18.06
CA SER B 118 -17.94 -15.49 17.02
C SER B 118 -18.24 -16.68 16.12
N ALA B 119 -17.58 -17.81 16.35
CA ALA B 119 -17.86 -19.02 15.61
C ALA B 119 -18.49 -20.09 16.46
N LEU B 120 -18.90 -19.77 17.69
CA LEU B 120 -19.53 -20.75 18.55
C LEU B 120 -20.93 -20.35 18.98
N ILE B 121 -21.16 -19.10 19.38
CA ILE B 121 -22.40 -18.80 20.09
C ILE B 121 -23.52 -18.32 19.15
N GLU B 122 -23.84 -19.16 18.15
CA GLU B 122 -25.15 -19.40 17.52
C GLU B 122 -24.67 -20.39 16.44
N ASN B 123 -25.46 -20.63 15.38
CA ASN B 123 -24.98 -21.31 14.18
C ASN B 123 -23.72 -20.65 13.59
N GLY B 124 -23.61 -19.32 13.68
CA GLY B 124 -22.33 -18.71 13.36
C GLY B 124 -22.50 -17.44 12.55
N ALA B 125 -21.40 -17.00 11.94
CA ALA B 125 -21.35 -15.78 11.14
C ALA B 125 -20.84 -16.13 9.75
N GLY B 126 -21.77 -16.54 8.88
CA GLY B 126 -21.44 -16.88 7.52
C GLY B 126 -21.74 -15.80 6.50
N THR B 127 -21.15 -14.63 6.68
CA THR B 127 -21.40 -13.49 5.81
C THR B 127 -20.38 -13.35 4.69
N GLY B 128 -19.34 -14.18 4.69
CA GLY B 128 -18.19 -13.95 3.84
C GLY B 128 -17.24 -12.96 4.45
N TRP B 129 -16.08 -12.81 3.80
CA TRP B 129 -15.08 -11.85 4.26
C TRP B 129 -15.59 -10.42 4.09
N THR B 130 -16.20 -10.11 2.95
CA THR B 130 -16.83 -8.82 2.75
C THR B 130 -18.24 -8.91 3.31
N VAL B 131 -18.49 -8.22 4.42
CA VAL B 131 -19.73 -8.44 5.18
C VAL B 131 -20.78 -7.53 4.55
N TYR B 132 -21.43 -8.06 3.50
CA TYR B 132 -22.39 -7.28 2.73
C TYR B 132 -23.66 -6.99 3.55
N PRO B 133 -24.26 -5.81 3.36
CA PRO B 133 -25.28 -5.32 4.34
C PRO B 133 -26.58 -6.12 4.40
N PRO B 134 -27.32 -6.36 3.30
CA PRO B 134 -28.66 -6.91 3.51
C PRO B 134 -28.71 -8.39 3.84
N LEU B 135 -27.58 -9.10 3.75
CA LEU B 135 -27.44 -10.45 4.28
C LEU B 135 -27.05 -10.40 5.75
N ALA B 136 -26.22 -9.43 6.13
CA ALA B 136 -25.82 -9.27 7.52
C ALA B 136 -26.80 -8.39 8.27
N GLY B 137 -28.08 -8.75 8.24
CA GLY B 137 -29.08 -7.99 8.96
C GLY B 137 -29.49 -8.69 10.24
N VAL B 138 -30.77 -8.62 10.58
CA VAL B 138 -31.28 -9.27 11.78
C VAL B 138 -32.22 -10.37 11.26
N GLN B 139 -32.48 -10.35 9.96
CA GLN B 139 -33.38 -11.31 9.34
C GLN B 139 -32.71 -12.60 8.92
N SER B 140 -31.39 -12.60 8.71
CA SER B 140 -30.65 -13.80 8.35
C SER B 140 -29.69 -14.25 9.45
N HIS B 141 -28.90 -13.34 9.98
CA HIS B 141 -27.96 -13.62 11.06
C HIS B 141 -28.42 -12.85 12.30
N SER B 142 -29.18 -13.52 13.15
CA SER B 142 -29.81 -12.89 14.31
C SER B 142 -29.15 -13.40 15.58
N GLY B 143 -28.07 -12.74 15.99
CA GLY B 143 -27.41 -13.10 17.22
C GLY B 143 -26.06 -12.43 17.40
N PRO B 144 -25.43 -12.62 18.57
CA PRO B 144 -24.11 -12.04 18.80
C PRO B 144 -23.00 -12.78 18.08
N SER B 145 -23.03 -12.86 16.75
CA SER B 145 -21.98 -13.56 16.07
C SER B 145 -21.31 -12.63 15.07
N VAL B 146 -22.10 -11.91 14.28
CA VAL B 146 -21.54 -10.92 13.38
C VAL B 146 -21.02 -9.70 14.16
N ASP B 147 -21.68 -9.39 15.28
CA ASP B 147 -21.24 -8.29 16.14
C ASP B 147 -19.85 -8.56 16.72
N LEU B 148 -19.61 -9.79 17.17
CA LEU B 148 -18.32 -10.13 17.73
C LEU B 148 -17.25 -10.31 16.68
N ALA B 149 -17.64 -10.43 15.41
CA ALA B 149 -16.69 -10.46 14.31
C ALA B 149 -16.38 -9.08 13.77
N ILE B 150 -17.27 -8.10 13.96
CA ILE B 150 -16.95 -6.75 13.54
C ILE B 150 -16.33 -5.92 14.66
N PHE B 151 -16.25 -6.45 15.88
CA PHE B 151 -15.37 -5.86 16.88
C PHE B 151 -13.95 -6.38 16.80
N ALA B 152 -13.70 -7.43 16.02
CA ALA B 152 -12.34 -7.90 15.77
C ALA B 152 -11.68 -7.16 14.63
N LEU B 153 -12.43 -6.40 13.85
CA LEU B 153 -11.87 -5.54 12.82
C LEU B 153 -11.66 -4.12 13.32
N HIS B 154 -12.02 -3.83 14.57
CA HIS B 154 -11.75 -2.54 15.20
C HIS B 154 -10.44 -2.54 15.97
N LEU B 155 -10.19 -3.59 16.75
CA LEU B 155 -8.97 -3.66 17.56
C LEU B 155 -7.74 -3.83 16.67
N THR B 156 -7.86 -4.62 15.61
CA THR B 156 -6.80 -4.75 14.62
C THR B 156 -6.54 -3.42 13.91
N SER B 157 -7.60 -2.67 13.60
CA SER B 157 -7.45 -1.37 12.97
C SER B 157 -6.74 -0.37 13.88
N ILE B 158 -7.09 -0.37 15.18
CA ILE B 158 -6.43 0.50 16.14
C ILE B 158 -4.95 0.13 16.28
N SER B 159 -4.65 -1.17 16.32
CA SER B 159 -3.27 -1.63 16.41
C SER B 159 -2.45 -1.22 15.19
N SER B 160 -3.02 -1.36 13.99
CA SER B 160 -2.31 -0.98 12.77
C SER B 160 -2.09 0.52 12.68
N LEU B 161 -3.08 1.32 13.11
CA LEU B 161 -2.94 2.77 13.07
C LEU B 161 -1.87 3.25 14.05
N LEU B 162 -1.86 2.68 15.26
CA LEU B 162 -0.86 3.05 16.27
C LEU B 162 0.53 2.60 15.86
N GLY B 163 0.65 1.49 15.14
CA GLY B 163 1.94 1.11 14.58
C GLY B 163 2.40 2.04 13.48
N ALA B 164 1.47 2.47 12.62
CA ALA B 164 1.82 3.30 11.47
C ALA B 164 2.32 4.67 11.90
N ILE B 165 1.68 5.26 12.91
CA ILE B 165 2.12 6.57 13.40
C ILE B 165 3.50 6.49 14.04
N ASN B 166 3.77 5.38 14.74
CA ASN B 166 5.11 5.14 15.29
C ASN B 166 6.16 5.00 14.19
N PHE B 167 5.84 4.28 13.13
CA PHE B 167 6.80 4.08 12.05
C PHE B 167 7.10 5.36 11.30
N ILE B 168 6.09 6.22 11.10
CA ILE B 168 6.37 7.51 10.45
C ILE B 168 7.16 8.42 11.38
N THR B 169 6.79 8.51 12.65
CA THR B 169 7.49 9.45 13.52
C THR B 169 8.86 8.97 13.97
N THR B 170 9.21 7.70 13.75
CA THR B 170 10.56 7.24 14.04
C THR B 170 11.55 7.58 12.93
N THR B 171 11.18 7.36 11.67
CA THR B 171 12.10 7.54 10.56
C THR B 171 12.33 8.99 10.20
N LEU B 172 11.62 9.93 10.84
CA LEU B 172 11.78 11.33 10.47
C LEU B 172 12.80 12.04 11.35
N ASN B 173 12.83 11.75 12.66
CA ASN B 173 13.75 12.46 13.54
C ASN B 173 14.66 11.58 14.39
N MET B 174 14.69 10.27 14.17
CA MET B 174 15.58 9.38 14.92
C MET B 174 16.59 8.69 14.01
N ARG B 175 17.19 9.43 13.09
CA ARG B 175 18.26 8.88 12.27
C ARG B 175 19.62 9.18 12.89
N THR B 176 20.67 8.64 12.29
CA THR B 176 22.03 8.83 12.77
C THR B 176 22.60 10.16 12.30
N ILE B 177 23.92 10.29 12.39
CA ILE B 177 24.58 11.58 12.20
C ILE B 177 24.52 12.00 10.74
N GLY B 178 24.77 11.08 9.82
CA GLY B 178 24.84 11.45 8.43
C GLY B 178 23.96 10.69 7.47
N MET B 179 22.74 10.35 7.87
CA MET B 179 21.78 9.72 6.97
C MET B 179 20.69 10.73 6.63
N THR B 180 20.78 11.31 5.45
CA THR B 180 19.67 12.06 4.89
C THR B 180 18.67 11.09 4.29
N MET B 181 17.46 11.59 3.99
CA MET B 181 16.43 10.72 3.42
C MET B 181 16.55 10.55 1.92
N SER B 182 17.74 10.20 1.45
CA SER B 182 17.95 9.62 0.14
C SER B 182 18.94 8.48 0.23
N LYS B 183 19.48 8.21 1.41
CA LYS B 183 20.44 7.14 1.65
C LYS B 183 19.84 6.02 2.50
N LEU B 184 18.55 6.06 2.77
CA LEU B 184 17.90 5.00 3.53
C LEU B 184 17.83 3.71 2.70
N PRO B 185 17.86 2.55 3.35
CA PRO B 185 17.64 1.30 2.63
C PRO B 185 16.20 1.17 2.18
N LEU B 186 15.96 0.21 1.29
CA LEU B 186 14.69 0.12 0.59
C LEU B 186 13.56 -0.39 1.48
N PHE B 187 13.89 -1.21 2.48
CA PHE B 187 12.87 -1.77 3.37
C PHE B 187 12.22 -0.69 4.23
N VAL B 188 12.99 0.32 4.63
CA VAL B 188 12.46 1.44 5.39
C VAL B 188 11.47 2.24 4.55
N TRP B 189 11.79 2.44 3.27
CA TRP B 189 10.88 3.13 2.36
C TRP B 189 9.59 2.34 2.16
N ALA B 190 9.70 1.01 2.09
CA ALA B 190 8.51 0.17 1.95
C ALA B 190 7.60 0.27 3.17
N VAL B 191 8.19 0.25 4.38
CA VAL B 191 7.41 0.38 5.60
C VAL B 191 6.74 1.77 5.69
N VAL B 192 7.45 2.82 5.26
CA VAL B 192 6.90 4.17 5.27
C VAL B 192 5.71 4.29 4.31
N PHE B 193 5.84 3.74 3.10
CA PHE B 193 4.78 3.83 2.12
C PHE B 193 3.57 2.99 2.50
N THR B 194 3.75 1.88 3.22
CA THR B 194 2.58 1.19 3.74
C THR B 194 1.93 1.92 4.91
N SER B 195 2.73 2.57 5.75
CA SER B 195 2.19 3.26 6.91
C SER B 195 1.43 4.54 6.55
N ILE B 196 1.71 5.15 5.40
CA ILE B 196 0.84 6.23 4.93
C ILE B 196 -0.51 5.72 4.44
N LEU B 197 -0.55 4.61 3.71
CA LEU B 197 -1.83 4.04 3.28
C LEU B 197 -2.65 3.52 4.45
N LEU B 198 -2.01 3.07 5.53
CA LEU B 198 -2.77 2.66 6.71
C LEU B 198 -3.42 3.85 7.41
N LEU B 199 -2.80 5.04 7.34
CA LEU B 199 -3.49 6.24 7.81
C LEU B 199 -4.65 6.61 6.91
N LEU B 200 -4.44 6.59 5.60
CA LEU B 200 -5.46 7.09 4.68
C LEU B 200 -6.55 6.07 4.34
N SER B 201 -6.46 4.84 4.83
CA SER B 201 -7.40 3.81 4.43
C SER B 201 -8.27 3.24 5.54
N LEU B 202 -7.85 3.30 6.79
CA LEU B 202 -8.61 2.69 7.90
C LEU B 202 -9.83 3.47 8.42
N PRO B 203 -9.87 4.83 8.46
CA PRO B 203 -11.12 5.50 8.86
C PRO B 203 -12.36 5.18 8.04
N VAL B 204 -12.25 4.97 6.73
CA VAL B 204 -13.44 4.69 5.94
C VAL B 204 -13.98 3.28 6.24
N LEU B 205 -13.09 2.33 6.51
CA LEU B 205 -13.52 1.01 6.94
C LEU B 205 -14.18 1.06 8.32
N SER B 206 -13.61 1.84 9.23
CA SER B 206 -14.19 1.99 10.56
C SER B 206 -15.59 2.63 10.49
N ALA B 207 -15.75 3.62 9.61
CA ALA B 207 -17.06 4.23 9.40
C ALA B 207 -18.07 3.24 8.83
N GLY B 208 -17.66 2.44 7.85
CA GLY B 208 -18.57 1.46 7.26
C GLY B 208 -19.02 0.38 8.23
N VAL B 209 -18.07 -0.16 9.01
CA VAL B 209 -18.38 -1.18 10.01
C VAL B 209 -19.27 -0.63 11.11
N THR B 210 -18.97 0.59 11.60
CA THR B 210 -19.79 1.17 12.67
C THR B 210 -21.20 1.49 12.20
N LEU B 211 -21.34 1.96 10.95
CA LEU B 211 -22.67 2.20 10.40
C LEU B 211 -23.46 0.90 10.21
N LEU B 212 -22.78 -0.18 9.84
CA LEU B 212 -23.45 -1.48 9.77
C LEU B 212 -23.93 -1.94 11.14
N LEU B 213 -23.11 -1.74 12.17
CA LEU B 213 -23.48 -2.10 13.53
C LEU B 213 -24.69 -1.30 14.02
N LEU B 214 -24.71 0.00 13.71
CA LEU B 214 -25.84 0.84 14.07
C LEU B 214 -27.11 0.44 13.30
N ASP B 215 -26.97 -0.03 12.06
CA ASP B 215 -28.13 -0.54 11.34
C ASP B 215 -28.65 -1.83 11.96
N ARG B 216 -27.75 -2.70 12.41
CA ARG B 216 -28.18 -3.98 12.98
C ARG B 216 -28.86 -3.80 14.33
N ASN B 217 -28.31 -2.97 15.20
CA ASN B 217 -28.76 -3.00 16.59
C ASN B 217 -29.48 -1.76 17.08
N PHE B 218 -29.51 -0.67 16.31
CA PHE B 218 -30.17 0.55 16.75
C PHE B 218 -31.04 1.14 15.64
N ASN B 219 -31.45 0.29 14.69
CA ASN B 219 -32.36 0.49 13.53
C ASN B 219 -32.28 1.89 12.91
N THR B 220 -31.08 2.24 12.46
CA THR B 220 -30.82 3.57 11.90
C THR B 220 -31.21 3.70 10.43
N SER B 221 -31.28 2.59 9.70
CA SER B 221 -31.66 2.52 8.28
C SER B 221 -30.74 3.34 7.38
N PHE B 222 -29.43 3.14 7.54
CA PHE B 222 -28.48 3.64 6.54
C PHE B 222 -28.56 2.83 5.26
N PHE B 223 -28.57 1.50 5.38
CA PHE B 223 -28.41 0.59 4.25
C PHE B 223 -29.67 -0.22 3.96
N GLU B 224 -30.81 0.19 4.49
CA GLU B 224 -32.06 -0.50 4.20
C GLU B 224 -32.84 0.29 3.15
N PRO B 225 -33.35 -0.36 2.11
CA PRO B 225 -34.01 0.37 1.03
C PRO B 225 -35.49 0.62 1.27
N ALA B 226 -35.96 0.45 2.49
CA ALA B 226 -37.34 0.75 2.86
C ALA B 226 -37.45 2.07 3.61
N GLY B 227 -36.34 2.80 3.73
CA GLY B 227 -36.34 4.07 4.41
C GLY B 227 -35.55 5.13 3.68
N GLY B 228 -34.89 4.76 2.58
CA GLY B 228 -34.20 5.73 1.77
C GLY B 228 -32.69 5.55 1.68
N GLY B 229 -32.22 4.33 1.91
CA GLY B 229 -30.80 4.02 1.81
C GLY B 229 -30.53 2.99 0.73
N ASP B 230 -29.24 2.83 0.43
CA ASP B 230 -28.82 1.86 -0.57
C ASP B 230 -27.71 0.97 0.02
N PRO B 231 -27.75 -0.33 -0.27
CA PRO B 231 -26.62 -1.20 0.13
C PRO B 231 -25.32 -0.85 -0.56
N ILE B 232 -25.38 -0.33 -1.79
CA ILE B 232 -24.21 -0.05 -2.63
C ILE B 232 -23.25 0.94 -1.98
N LEU B 233 -23.79 1.85 -1.16
CA LEU B 233 -22.99 2.77 -0.36
C LEU B 233 -21.94 2.06 0.47
N TYR B 234 -22.36 0.97 1.16
CA TYR B 234 -21.43 0.19 1.98
C TYR B 234 -20.31 -0.37 1.13
N GLN B 235 -20.64 -0.80 -0.09
CA GLN B 235 -19.66 -1.37 -1.00
C GLN B 235 -18.57 -0.37 -1.31
N HIS B 236 -18.94 0.89 -1.55
CA HIS B 236 -17.95 1.95 -1.73
C HIS B 236 -17.12 2.11 -0.47
N LEU B 237 -17.81 2.18 0.67
CA LEU B 237 -17.14 2.36 1.95
C LEU B 237 -16.38 1.12 2.38
N PHE B 238 -16.55 -0.01 1.69
CA PHE B 238 -15.64 -1.10 1.93
C PHE B 238 -14.43 -1.02 1.02
N TRP B 239 -14.66 -0.76 -0.27
CA TRP B 239 -13.59 -1.06 -1.21
C TRP B 239 -12.58 0.07 -1.31
N PHE B 240 -12.91 1.25 -0.80
CA PHE B 240 -11.90 2.27 -0.58
C PHE B 240 -10.87 1.81 0.45
N PHE B 241 -11.28 0.95 1.38
CA PHE B 241 -10.30 0.25 2.20
C PHE B 241 -9.73 -0.96 1.48
N GLY B 242 -10.55 -1.59 0.63
CA GLY B 242 -10.22 -2.93 0.15
C GLY B 242 -9.03 -2.99 -0.78
N HIS B 243 -8.90 -2.04 -1.69
CA HIS B 243 -7.78 -2.09 -2.61
C HIS B 243 -6.45 -1.55 -2.08
N PRO B 244 -6.39 -0.51 -1.22
CA PRO B 244 -5.11 -0.26 -0.52
C PRO B 244 -4.63 -1.44 0.31
N GLU B 245 -5.58 -2.18 0.89
CA GLU B 245 -5.29 -3.32 1.76
C GLU B 245 -4.42 -4.36 1.07
N VAL B 246 -4.78 -4.74 -0.15
CA VAL B 246 -4.01 -5.74 -0.88
C VAL B 246 -2.66 -5.24 -1.36
N TYR B 247 -2.38 -3.94 -1.24
CA TYR B 247 -1.03 -3.49 -1.50
C TYR B 247 -0.21 -3.42 -0.22
N ILE B 248 -0.89 -3.22 0.91
CA ILE B 248 -0.24 -3.16 2.22
C ILE B 248 0.43 -4.49 2.53
N LEU B 249 -0.17 -5.59 2.08
CA LEU B 249 0.41 -6.91 2.27
C LEU B 249 1.57 -7.22 1.33
N ILE B 250 1.75 -6.48 0.23
CA ILE B 250 2.71 -6.89 -0.78
C ILE B 250 3.92 -5.96 -0.87
N ILE B 251 3.81 -4.68 -0.45
CA ILE B 251 4.96 -3.78 -0.51
C ILE B 251 6.10 -4.16 0.45
N PRO B 252 5.88 -4.54 1.72
CA PRO B 252 7.02 -4.99 2.55
C PRO B 252 7.68 -6.26 2.08
N GLY B 253 6.99 -7.08 1.27
CA GLY B 253 7.66 -8.23 0.67
C GLY B 253 8.73 -7.82 -0.32
N PHE B 254 8.41 -6.85 -1.19
CA PHE B 254 9.28 -6.42 -2.29
C PHE B 254 10.66 -6.00 -1.80
N GLY B 255 10.69 -5.14 -0.77
CA GLY B 255 11.95 -4.68 -0.21
C GLY B 255 12.81 -5.80 0.32
N ILE B 256 12.17 -6.81 0.96
CA ILE B 256 12.90 -7.98 1.46
C ILE B 256 13.58 -8.70 0.31
N ILE B 257 12.86 -8.86 -0.81
CA ILE B 257 13.39 -9.53 -1.99
C ILE B 257 14.60 -8.78 -2.52
N SER B 258 14.55 -7.44 -2.46
CA SER B 258 15.63 -6.60 -2.96
C SER B 258 16.93 -6.90 -2.23
N HIS B 259 16.84 -7.04 -0.89
CA HIS B 259 18.03 -7.30 -0.09
C HIS B 259 18.65 -8.62 -0.45
N ILE B 260 17.82 -9.64 -0.71
CA ILE B 260 18.34 -10.96 -1.05
C ILE B 260 19.05 -10.91 -2.39
N VAL B 261 18.48 -10.16 -3.34
CA VAL B 261 19.07 -10.05 -4.67
C VAL B 261 20.37 -9.24 -4.59
N SER B 262 20.47 -8.38 -3.56
CA SER B 262 21.71 -7.65 -3.37
C SER B 262 22.81 -8.52 -2.79
N THR B 263 22.49 -9.59 -2.06
CA THR B 263 23.57 -10.20 -1.27
C THR B 263 24.08 -11.51 -1.89
N TYR B 264 23.20 -12.37 -2.37
CA TYR B 264 23.67 -13.61 -2.96
C TYR B 264 24.02 -13.46 -4.44
N SER B 265 23.64 -12.35 -5.05
CA SER B 265 24.24 -11.85 -6.29
C SER B 265 25.00 -10.59 -5.91
N LYS B 266 26.33 -10.65 -5.96
CA LYS B 266 27.17 -9.64 -5.31
C LYS B 266 27.23 -8.36 -6.15
N LYS B 267 26.08 -7.69 -6.21
CA LYS B 267 25.91 -6.47 -6.98
C LYS B 267 24.96 -5.57 -6.23
N PRO B 268 25.11 -4.26 -6.32
CA PRO B 268 24.08 -3.35 -5.80
C PRO B 268 22.83 -3.40 -6.68
N VAL B 269 21.73 -2.91 -6.10
CA VAL B 269 20.43 -2.97 -6.77
C VAL B 269 20.40 -1.97 -7.92
N PHE B 270 19.94 -2.43 -9.08
CA PHE B 270 19.92 -1.63 -10.31
C PHE B 270 18.90 -0.50 -10.19
N GLY B 271 19.40 0.72 -9.99
CA GLY B 271 18.54 1.88 -9.97
C GLY B 271 17.63 1.97 -8.76
N ALA B 272 18.21 2.22 -7.58
CA ALA B 272 17.43 2.23 -6.34
C ALA B 272 16.44 3.40 -6.30
N ILE B 273 16.81 4.52 -6.92
CA ILE B 273 15.91 5.67 -6.99
C ILE B 273 14.70 5.34 -7.85
N GLY B 274 14.91 4.56 -8.92
CA GLY B 274 13.78 4.04 -9.68
C GLY B 274 12.86 3.15 -8.86
N MET B 275 13.44 2.38 -7.93
CA MET B 275 12.63 1.53 -7.07
C MET B 275 11.79 2.35 -6.09
N VAL B 276 12.37 3.40 -5.50
CA VAL B 276 11.59 4.18 -4.53
C VAL B 276 10.50 5.01 -5.23
N TYR B 277 10.78 5.56 -6.43
CA TYR B 277 9.71 6.21 -7.18
C TYR B 277 8.63 5.23 -7.66
N ALA B 278 9.04 4.00 -8.00
CA ALA B 278 8.05 3.00 -8.40
C ALA B 278 7.15 2.59 -7.25
N MET B 279 7.72 2.46 -6.05
CA MET B 279 6.90 2.17 -4.87
C MET B 279 5.94 3.31 -4.57
N GLY B 280 6.40 4.56 -4.74
CA GLY B 280 5.51 5.70 -4.55
C GLY B 280 4.36 5.73 -5.55
N SER B 281 4.63 5.45 -6.81
CA SER B 281 3.57 5.45 -7.82
C SER B 281 2.57 4.31 -7.60
N ILE B 282 3.07 3.13 -7.22
CA ILE B 282 2.18 1.99 -6.91
C ILE B 282 1.31 2.33 -5.70
N GLY B 283 1.88 2.97 -4.68
CA GLY B 283 1.08 3.36 -3.52
C GLY B 283 0.06 4.43 -3.84
N PHE B 284 0.40 5.36 -4.73
CA PHE B 284 -0.54 6.44 -5.04
C PHE B 284 -1.67 5.97 -5.95
N LEU B 285 -1.39 5.06 -6.88
CA LEU B 285 -2.43 4.62 -7.80
C LEU B 285 -3.26 3.49 -7.23
N GLY B 286 -3.18 3.26 -5.92
CA GLY B 286 -3.99 2.25 -5.27
C GLY B 286 -5.14 2.89 -4.52
N LEU B 287 -5.14 4.21 -4.48
CA LEU B 287 -6.24 4.97 -3.92
C LEU B 287 -7.21 5.46 -4.98
N LEU B 288 -6.73 5.69 -6.19
CA LEU B 288 -7.53 6.24 -7.28
C LEU B 288 -8.30 5.19 -8.05
N VAL B 289 -8.16 3.91 -7.70
CA VAL B 289 -9.00 2.86 -8.26
C VAL B 289 -9.53 1.99 -7.12
N TRP B 290 -10.85 1.91 -7.01
CA TRP B 290 -11.50 1.03 -6.06
C TRP B 290 -12.77 0.38 -6.58
N SER B 291 -13.21 0.71 -7.79
CA SER B 291 -14.52 0.29 -8.28
C SER B 291 -14.43 -0.78 -9.35
N HIS B 292 -13.27 -1.41 -9.54
CA HIS B 292 -13.23 -2.56 -10.43
C HIS B 292 -13.69 -3.83 -9.75
N HIS B 293 -14.03 -3.76 -8.46
CA HIS B 293 -14.68 -4.85 -7.78
C HIS B 293 -16.17 -4.85 -8.00
N MET B 294 -16.73 -3.77 -8.58
CA MET B 294 -18.16 -3.65 -8.81
C MET B 294 -18.40 -3.25 -10.28
N TYR B 295 -18.30 -4.23 -11.17
CA TYR B 295 -18.63 -4.01 -12.57
C TYR B 295 -19.98 -4.56 -12.95
N THR B 296 -20.61 -5.35 -12.08
CA THR B 296 -21.92 -5.91 -12.34
C THR B 296 -23.01 -5.30 -11.49
N VAL B 297 -22.70 -4.21 -10.75
CA VAL B 297 -23.70 -3.58 -9.89
C VAL B 297 -24.59 -2.60 -10.64
N GLY B 298 -24.25 -2.24 -11.87
CA GLY B 298 -25.06 -1.32 -12.63
C GLY B 298 -24.49 0.07 -12.76
N LEU B 299 -23.19 0.16 -12.99
CA LEU B 299 -22.55 1.46 -13.15
C LEU B 299 -22.84 2.05 -14.53
N ASP B 300 -22.39 3.29 -14.72
CA ASP B 300 -22.56 3.98 -15.99
C ASP B 300 -21.55 3.46 -17.00
N VAL B 301 -21.64 3.90 -18.26
CA VAL B 301 -20.73 3.44 -19.29
C VAL B 301 -19.51 4.36 -19.43
N ASP B 302 -19.62 5.60 -18.95
CA ASP B 302 -18.50 6.52 -18.95
C ASP B 302 -17.68 6.41 -17.67
N SER B 303 -18.12 5.62 -16.70
CA SER B 303 -17.38 5.34 -15.49
C SER B 303 -16.63 4.02 -15.56
N ARG B 304 -17.12 3.06 -16.34
CA ARG B 304 -16.37 1.84 -16.58
C ARG B 304 -15.08 2.12 -17.35
N ALA B 305 -15.14 3.06 -18.31
CA ALA B 305 -13.98 3.33 -19.15
C ALA B 305 -12.86 4.02 -18.37
N TYR B 306 -13.20 4.79 -17.34
CA TYR B 306 -12.16 5.39 -16.50
C TYR B 306 -11.51 4.35 -15.61
N PHE B 307 -12.30 3.45 -15.03
CA PHE B 307 -11.74 2.47 -14.11
C PHE B 307 -11.06 1.31 -14.80
N THR B 308 -11.35 1.05 -16.08
CA THR B 308 -10.50 0.14 -16.85
C THR B 308 -9.17 0.79 -17.18
N SER B 309 -9.17 2.10 -17.40
CA SER B 309 -7.94 2.80 -17.76
C SER B 309 -7.01 2.93 -16.55
N ALA B 310 -7.56 3.31 -15.40
CA ALA B 310 -6.74 3.58 -14.22
C ALA B 310 -6.23 2.31 -13.55
N THR B 311 -6.69 1.13 -13.94
CA THR B 311 -6.18 -0.11 -13.36
C THR B 311 -5.00 -0.67 -14.14
N MET B 312 -5.04 -0.59 -15.47
CA MET B 312 -3.97 -1.11 -16.31
C MET B 312 -2.72 -0.25 -16.26
N VAL B 313 -2.81 0.98 -15.76
CA VAL B 313 -1.65 1.87 -15.63
C VAL B 313 -0.66 1.34 -14.61
N ILE B 314 -1.14 0.60 -13.60
CA ILE B 314 -0.27 0.05 -12.55
C ILE B 314 0.67 -1.03 -13.06
N ALA B 315 0.47 -1.53 -14.28
CA ALA B 315 1.41 -2.46 -14.89
C ALA B 315 2.75 -1.81 -15.19
N VAL B 316 2.76 -0.50 -15.48
CA VAL B 316 3.99 0.23 -15.81
C VAL B 316 4.97 0.32 -14.63
N PRO B 317 4.59 0.68 -13.39
CA PRO B 317 5.61 0.73 -12.33
C PRO B 317 6.08 -0.64 -11.83
N THR B 318 5.24 -1.67 -11.86
CA THR B 318 5.65 -2.99 -11.38
C THR B 318 6.66 -3.63 -12.33
N GLY B 319 6.51 -3.37 -13.63
CA GLY B 319 7.47 -3.87 -14.61
C GLY B 319 8.86 -3.30 -14.42
N ILE B 320 8.95 -2.05 -13.97
CA ILE B 320 10.25 -1.44 -13.65
C ILE B 320 10.93 -2.21 -12.53
N LYS B 321 10.18 -2.62 -11.51
CA LYS B 321 10.73 -3.39 -10.39
C LYS B 321 11.19 -4.77 -10.84
N ILE B 322 10.38 -5.45 -11.66
CA ILE B 322 10.72 -6.79 -12.12
C ILE B 322 11.97 -6.76 -13.00
N PHE B 323 12.03 -5.82 -13.94
CA PHE B 323 13.17 -5.75 -14.84
C PHE B 323 14.41 -5.23 -14.13
N SER B 324 14.25 -4.42 -13.08
CA SER B 324 15.40 -4.02 -12.27
C SER B 324 15.95 -5.18 -11.46
N TRP B 325 15.08 -6.06 -10.96
CA TRP B 325 15.59 -7.24 -10.25
C TRP B 325 16.32 -8.19 -11.20
N LEU B 326 15.81 -8.34 -12.42
CA LEU B 326 16.52 -9.14 -13.42
C LEU B 326 17.86 -8.52 -13.80
N ALA B 327 17.91 -7.19 -13.93
CA ALA B 327 19.16 -6.52 -14.25
C ALA B 327 20.15 -6.59 -13.09
N THR B 328 19.66 -6.65 -11.86
CA THR B 328 20.55 -6.88 -10.73
C THR B 328 21.10 -8.30 -10.73
N LEU B 329 20.28 -9.28 -11.08
CA LEU B 329 20.72 -10.66 -11.12
C LEU B 329 21.57 -11.00 -12.34
N TYR B 330 21.62 -10.10 -13.34
CA TYR B 330 22.21 -10.46 -14.63
C TYR B 330 23.71 -10.69 -14.54
N GLY B 331 24.48 -9.67 -14.17
CA GLY B 331 25.92 -9.77 -14.28
C GLY B 331 26.64 -10.52 -13.18
N GLY B 332 26.03 -10.66 -12.01
CA GLY B 332 26.73 -11.09 -10.83
C GLY B 332 26.92 -12.59 -10.72
N SER B 333 27.53 -12.98 -9.61
CA SER B 333 27.74 -14.38 -9.27
C SER B 333 26.64 -14.86 -8.33
N ILE B 334 26.04 -16.01 -8.65
CA ILE B 334 24.86 -16.49 -7.97
C ILE B 334 25.16 -17.84 -7.32
N ARG B 335 24.94 -17.93 -6.02
CA ARG B 335 24.96 -19.19 -5.29
C ARG B 335 23.57 -19.45 -4.75
N TYR B 336 23.11 -20.68 -4.86
CA TYR B 336 21.71 -21.01 -4.58
C TYR B 336 21.58 -21.48 -3.15
N THR B 337 21.41 -20.52 -2.24
CA THR B 337 21.13 -20.80 -0.84
C THR B 337 19.63 -20.67 -0.60
N THR B 338 19.18 -21.10 0.57
CA THR B 338 17.75 -21.28 0.78
C THR B 338 16.90 -19.99 0.82
N PRO B 339 17.39 -18.77 1.09
CA PRO B 339 16.55 -17.62 0.74
C PRO B 339 16.50 -17.34 -0.75
N MET B 340 17.57 -17.66 -1.47
CA MET B 340 17.67 -17.31 -2.88
C MET B 340 16.75 -18.13 -3.77
N LEU B 341 16.45 -19.37 -3.38
CA LEU B 341 15.48 -20.17 -4.11
C LEU B 341 14.07 -19.61 -3.95
N TYR B 342 13.73 -19.11 -2.77
CA TYR B 342 12.45 -18.43 -2.59
C TYR B 342 12.42 -17.12 -3.35
N ALA B 343 13.55 -16.43 -3.47
CA ALA B 343 13.60 -15.21 -4.25
C ALA B 343 13.40 -15.49 -5.75
N PHE B 344 13.99 -16.57 -6.25
CA PHE B 344 13.76 -17.00 -7.63
C PHE B 344 12.35 -17.51 -7.86
N ALA B 345 11.71 -18.10 -6.87
CA ALA B 345 10.35 -18.61 -7.01
C ALA B 345 9.30 -17.52 -6.80
N PHE B 346 9.72 -16.32 -6.46
CA PHE B 346 8.84 -15.17 -6.37
C PHE B 346 8.82 -14.34 -7.65
N LEU B 347 9.92 -14.34 -8.41
CA LEU B 347 10.00 -13.54 -9.63
C LEU B 347 9.28 -14.18 -10.80
N PHE B 348 8.91 -15.45 -10.70
CA PHE B 348 8.17 -16.14 -11.75
C PHE B 348 6.70 -16.37 -11.39
N LEU B 349 6.38 -16.48 -10.10
CA LEU B 349 5.00 -16.80 -9.76
C LEU B 349 4.18 -15.54 -9.50
N PHE B 350 4.83 -14.45 -9.09
CA PHE B 350 4.13 -13.19 -9.00
C PHE B 350 3.78 -12.63 -10.38
N THR B 351 4.62 -12.88 -11.38
CA THR B 351 4.33 -12.34 -12.70
C THR B 351 3.25 -13.15 -13.41
N VAL B 352 3.10 -14.44 -13.08
CA VAL B 352 1.97 -15.19 -13.63
C VAL B 352 0.73 -14.92 -12.78
N GLY B 353 0.93 -14.45 -11.55
CA GLY B 353 -0.20 -14.03 -10.75
C GLY B 353 -0.71 -12.65 -11.05
N GLY B 354 0.13 -11.80 -11.64
CA GLY B 354 -0.27 -10.44 -11.91
C GLY B 354 -0.74 -10.19 -13.33
N LEU B 355 -0.33 -11.04 -14.27
CA LEU B 355 -0.77 -10.91 -15.64
C LEU B 355 -2.23 -11.32 -15.83
N SER B 356 -2.78 -12.10 -14.91
CA SER B 356 -4.19 -12.46 -15.01
C SER B 356 -5.10 -11.30 -14.62
N GLY B 357 -4.59 -10.34 -13.84
CA GLY B 357 -5.40 -9.21 -13.46
C GLY B 357 -5.61 -8.18 -14.55
N VAL B 358 -4.73 -8.15 -15.56
CA VAL B 358 -4.98 -7.36 -16.76
C VAL B 358 -6.15 -7.92 -17.55
N VAL B 359 -6.36 -9.24 -17.53
CA VAL B 359 -7.54 -9.87 -18.10
C VAL B 359 -8.79 -9.53 -17.32
N LEU B 360 -8.69 -9.39 -16.01
CA LEU B 360 -9.83 -9.10 -15.16
C LEU B 360 -10.11 -7.61 -14.98
N SER B 361 -9.23 -6.73 -15.47
CA SER B 361 -9.44 -5.30 -15.30
C SER B 361 -10.46 -4.74 -16.28
N ASN B 362 -10.66 -5.41 -17.42
CA ASN B 362 -11.61 -4.94 -18.42
C ASN B 362 -13.05 -5.16 -17.96
N ALA B 363 -13.89 -4.16 -18.20
CA ALA B 363 -15.30 -4.28 -17.84
C ALA B 363 -16.04 -5.19 -18.79
N SER B 364 -15.54 -5.34 -20.02
CA SER B 364 -16.15 -6.26 -20.96
C SER B 364 -15.84 -7.72 -20.62
N LEU B 365 -14.61 -8.00 -20.18
CA LEU B 365 -14.22 -9.35 -19.84
C LEU B 365 -14.62 -9.77 -18.43
N ASP B 366 -15.02 -8.82 -17.59
CA ASP B 366 -15.38 -9.16 -16.22
C ASP B 366 -16.79 -9.73 -16.09
N ILE B 367 -17.62 -9.63 -17.13
CA ILE B 367 -18.95 -10.22 -17.06
C ILE B 367 -18.94 -11.70 -17.39
N ALA B 368 -17.77 -12.28 -17.62
CA ALA B 368 -17.61 -13.72 -17.71
C ALA B 368 -16.80 -14.32 -16.57
N PHE B 369 -16.12 -13.50 -15.77
CA PHE B 369 -15.23 -13.99 -14.73
C PHE B 369 -15.62 -13.58 -13.32
N HIS B 370 -16.65 -12.76 -13.13
CA HIS B 370 -16.98 -12.28 -11.81
C HIS B 370 -17.69 -13.34 -10.98
N ASP B 371 -17.31 -13.41 -9.70
CA ASP B 371 -17.78 -14.41 -8.73
C ASP B 371 -17.57 -15.82 -9.26
N THR B 372 -16.41 -16.04 -9.86
CA THR B 372 -16.08 -17.29 -10.52
C THR B 372 -14.64 -17.60 -10.13
N TYR B 373 -14.24 -18.88 -10.16
CA TYR B 373 -12.98 -19.32 -9.55
C TYR B 373 -11.73 -18.82 -10.25
N TYR B 374 -11.85 -18.12 -11.38
CA TYR B 374 -10.71 -17.44 -11.98
C TYR B 374 -10.16 -16.36 -11.06
N VAL B 375 -11.04 -15.70 -10.30
CA VAL B 375 -10.61 -14.68 -9.35
C VAL B 375 -9.80 -15.31 -8.21
N ILE B 376 -10.25 -16.46 -7.72
CA ILE B 376 -9.53 -17.16 -6.65
C ILE B 376 -8.18 -17.68 -7.15
N GLY B 377 -8.15 -18.21 -8.38
CA GLY B 377 -6.88 -18.61 -8.97
C GLY B 377 -5.95 -17.46 -9.27
N HIS B 378 -6.51 -16.28 -9.57
CA HIS B 378 -5.74 -15.04 -9.56
C HIS B 378 -5.10 -14.77 -8.22
N PHE B 379 -5.90 -14.64 -7.17
CA PHE B 379 -5.31 -14.03 -5.99
C PHE B 379 -4.59 -15.01 -5.09
N HIS B 380 -4.60 -16.30 -5.41
CA HIS B 380 -3.71 -17.16 -4.64
C HIS B 380 -2.28 -17.15 -5.16
N TYR B 381 -2.08 -16.87 -6.44
CA TYR B 381 -0.71 -16.76 -6.96
C TYR B 381 -0.02 -15.51 -6.46
N VAL B 382 -0.78 -14.49 -6.06
CA VAL B 382 -0.16 -13.29 -5.50
C VAL B 382 -0.28 -13.17 -3.98
N LEU B 383 -1.17 -13.93 -3.33
CA LEU B 383 -1.20 -13.94 -1.88
C LEU B 383 -0.37 -15.08 -1.30
N SER B 384 -0.72 -16.32 -1.65
CA SER B 384 -0.06 -17.49 -1.08
C SER B 384 1.32 -17.70 -1.68
N LEU B 385 1.53 -17.28 -2.92
CA LEU B 385 2.80 -17.52 -3.60
C LEU B 385 3.63 -16.27 -3.79
N GLY B 386 3.14 -15.11 -3.34
CA GLY B 386 3.91 -13.90 -3.41
C GLY B 386 4.34 -13.34 -2.07
N ALA B 387 3.46 -13.43 -1.07
CA ALA B 387 3.73 -12.87 0.24
C ALA B 387 4.30 -13.90 1.20
N VAL B 388 3.78 -15.13 1.15
CA VAL B 388 4.23 -16.17 2.06
C VAL B 388 5.67 -16.59 1.76
N PHE B 389 6.06 -16.64 0.47
CA PHE B 389 7.46 -16.88 0.16
C PHE B 389 8.36 -15.71 0.57
N SER B 390 7.84 -14.49 0.52
CA SER B 390 8.60 -13.35 1.05
C SER B 390 8.82 -13.48 2.54
N LEU B 391 7.80 -13.94 3.28
CA LEU B 391 7.93 -14.15 4.72
C LEU B 391 8.92 -15.26 5.04
N PHE B 392 8.85 -16.37 4.30
CA PHE B 392 9.78 -17.48 4.51
C PHE B 392 11.22 -17.10 4.18
N ALA B 393 11.41 -16.35 3.09
CA ALA B 393 12.74 -15.91 2.71
C ALA B 393 13.31 -14.93 3.73
N GLY B 394 12.48 -14.04 4.26
CA GLY B 394 12.93 -13.15 5.31
C GLY B 394 13.30 -13.87 6.60
N TYR B 395 12.53 -14.92 6.94
CA TYR B 395 12.84 -15.71 8.13
C TYR B 395 14.15 -16.47 7.97
N TYR B 396 14.34 -17.16 6.85
CA TYR B 396 15.58 -17.89 6.61
C TYR B 396 16.76 -16.96 6.37
N TYR B 397 16.50 -15.70 6.01
CA TYR B 397 17.56 -14.72 5.85
C TYR B 397 18.02 -14.18 7.20
N TRP B 398 17.08 -13.83 8.09
CA TRP B 398 17.42 -13.09 9.31
C TRP B 398 17.39 -13.92 10.58
N SER B 399 17.03 -15.20 10.55
CA SER B 399 16.97 -15.95 11.81
C SER B 399 18.30 -16.30 12.47
N PRO B 400 19.39 -16.64 11.75
CA PRO B 400 20.68 -16.77 12.45
C PRO B 400 21.21 -15.49 13.08
N LEU B 401 20.91 -14.32 12.53
CA LEU B 401 21.34 -13.08 13.14
C LEU B 401 20.57 -12.80 14.42
N ILE B 402 19.25 -12.99 14.40
CA ILE B 402 18.42 -12.68 15.56
C ILE B 402 18.64 -13.69 16.67
N THR B 403 18.64 -14.99 16.33
CA THR B 403 18.68 -16.01 17.37
C THR B 403 20.09 -16.44 17.74
N GLY B 404 20.97 -16.59 16.76
CA GLY B 404 22.30 -17.12 17.01
C GLY B 404 22.43 -18.60 16.78
N LEU B 405 21.37 -19.25 16.30
CA LEU B 405 21.36 -20.68 16.04
C LEU B 405 21.07 -20.89 14.56
N TYR B 406 21.74 -21.86 13.94
CA TYR B 406 21.60 -22.10 12.52
C TYR B 406 20.65 -23.26 12.27
N TYR B 407 20.38 -23.54 10.99
CA TYR B 407 19.37 -24.49 10.59
C TYR B 407 19.92 -25.42 9.52
N ASN B 408 19.30 -26.59 9.40
CA ASN B 408 19.75 -27.58 8.42
C ASN B 408 19.31 -27.15 7.02
N ASN B 409 20.24 -27.19 6.07
CA ASN B 409 19.96 -26.72 4.72
C ASN B 409 19.11 -27.71 3.93
N ASN B 410 19.36 -29.01 4.10
CA ASN B 410 18.69 -30.04 3.34
C ASN B 410 17.19 -30.10 3.63
N LEU B 411 16.81 -30.04 4.89
CA LEU B 411 15.40 -30.10 5.27
C LEU B 411 14.65 -28.85 4.84
N ALA B 412 15.31 -27.69 4.86
CA ALA B 412 14.72 -26.47 4.34
C ALA B 412 14.48 -26.56 2.82
N ASN B 413 15.43 -27.17 2.10
CA ASN B 413 15.21 -27.37 0.66
C ASN B 413 14.08 -28.34 0.37
N ILE B 414 13.95 -29.41 1.18
CA ILE B 414 12.84 -30.35 1.02
C ILE B 414 11.51 -29.65 1.27
N GLN B 415 11.47 -28.79 2.29
CA GLN B 415 10.27 -28.00 2.58
C GLN B 415 9.90 -27.08 1.43
N PHE B 416 10.91 -26.41 0.84
CA PHE B 416 10.66 -25.50 -0.26
C PHE B 416 10.12 -26.23 -1.49
N TRP B 417 10.70 -27.39 -1.81
CA TRP B 417 10.24 -28.12 -2.99
C TRP B 417 8.84 -28.70 -2.79
N LEU B 418 8.54 -29.16 -1.57
CA LEU B 418 7.20 -29.67 -1.30
C LEU B 418 6.16 -28.56 -1.37
N LEU B 419 6.48 -27.37 -0.85
CA LEU B 419 5.55 -26.24 -0.93
C LEU B 419 5.33 -25.80 -2.37
N PHE B 420 6.41 -25.73 -3.16
CA PHE B 420 6.34 -25.39 -4.58
C PHE B 420 5.44 -26.34 -5.37
N ILE B 421 5.70 -27.65 -5.25
CA ILE B 421 4.95 -28.65 -6.01
C ILE B 421 3.48 -28.66 -5.59
N GLY B 422 3.22 -28.72 -4.28
CA GLY B 422 1.84 -28.82 -3.83
C GLY B 422 1.02 -27.57 -4.09
N THR B 423 1.62 -26.39 -3.88
CA THR B 423 0.87 -25.16 -4.03
C THR B 423 0.65 -24.84 -5.51
N ASN B 424 1.56 -25.25 -6.39
CA ASN B 424 1.32 -25.12 -7.81
C ASN B 424 0.33 -26.15 -8.34
N VAL B 425 0.22 -27.32 -7.71
CA VAL B 425 -0.83 -28.27 -8.07
C VAL B 425 -2.21 -27.78 -7.65
N THR B 426 -2.35 -27.19 -6.47
CA THR B 426 -3.64 -26.77 -5.95
C THR B 426 -4.28 -25.64 -6.74
N PHE B 427 -3.52 -24.61 -7.10
CA PHE B 427 -4.05 -23.33 -7.55
C PHE B 427 -4.13 -23.17 -9.07
N PHE B 428 -3.62 -24.11 -9.85
CA PHE B 428 -3.74 -24.02 -11.31
C PHE B 428 -5.07 -24.49 -11.90
N PRO B 429 -5.70 -25.62 -11.52
CA PRO B 429 -6.98 -25.97 -12.15
C PRO B 429 -8.16 -25.07 -11.76
N MET B 430 -7.98 -24.16 -10.81
CA MET B 430 -9.01 -23.16 -10.55
C MET B 430 -9.22 -22.23 -11.74
N HIS B 431 -8.18 -21.98 -12.54
CA HIS B 431 -8.34 -21.21 -13.77
C HIS B 431 -9.23 -21.94 -14.77
N PHE B 432 -9.06 -23.25 -14.90
CA PHE B 432 -9.88 -24.03 -15.81
C PHE B 432 -11.34 -24.11 -15.33
N LEU B 433 -11.53 -24.27 -14.02
CA LEU B 433 -12.88 -24.29 -13.47
C LEU B 433 -13.55 -22.92 -13.62
N GLY B 434 -12.76 -21.85 -13.53
CA GLY B 434 -13.30 -20.52 -13.75
C GLY B 434 -13.69 -20.29 -15.21
N LEU B 435 -12.88 -20.78 -16.14
CA LEU B 435 -13.20 -20.63 -17.54
C LEU B 435 -14.42 -21.45 -17.93
N ASN B 436 -14.65 -22.59 -17.28
CA ASN B 436 -15.82 -23.39 -17.61
C ASN B 436 -17.09 -22.92 -16.90
N GLY B 437 -16.97 -22.07 -15.87
CA GLY B 437 -18.15 -21.46 -15.29
C GLY B 437 -18.57 -21.89 -13.90
N MET B 438 -17.62 -22.11 -12.98
CA MET B 438 -17.95 -22.54 -11.63
C MET B 438 -18.07 -21.35 -10.69
N PRO B 439 -19.20 -21.14 -10.02
CA PRO B 439 -19.36 -19.99 -9.13
C PRO B 439 -18.63 -20.18 -7.81
N ARG B 440 -18.53 -19.07 -7.07
CA ARG B 440 -17.82 -19.03 -5.80
C ARG B 440 -18.77 -19.32 -4.64
N ARG B 441 -18.16 -19.74 -3.52
CA ARG B 441 -18.83 -19.93 -2.23
C ARG B 441 -19.97 -20.94 -2.29
N ILE B 442 -19.74 -22.07 -2.96
CA ILE B 442 -20.72 -23.15 -3.07
C ILE B 442 -20.14 -24.39 -2.39
N PRO B 443 -20.88 -25.03 -1.49
CA PRO B 443 -20.41 -26.29 -0.91
C PRO B 443 -20.47 -27.44 -1.90
N ASP B 444 -21.59 -27.54 -2.62
CA ASP B 444 -21.80 -28.60 -3.60
C ASP B 444 -21.83 -28.00 -4.99
N TYR B 445 -21.35 -28.77 -5.95
CA TYR B 445 -21.21 -28.35 -7.33
C TYR B 445 -21.81 -29.42 -8.23
N PRO B 446 -22.14 -29.07 -9.49
CA PRO B 446 -22.59 -30.09 -10.44
C PRO B 446 -21.52 -31.14 -10.72
N ASP B 447 -21.98 -32.25 -11.32
CA ASP B 447 -21.13 -33.42 -11.50
C ASP B 447 -20.02 -33.21 -12.52
N ALA B 448 -20.11 -32.15 -13.34
CA ALA B 448 -19.08 -31.92 -14.34
C ALA B 448 -17.78 -31.43 -13.75
N PHE B 449 -17.82 -30.71 -12.63
CA PHE B 449 -16.63 -30.08 -12.08
C PHE B 449 -15.85 -30.98 -11.12
N ALA B 450 -16.03 -32.29 -11.21
CA ALA B 450 -15.46 -33.19 -10.20
C ALA B 450 -13.96 -33.36 -10.35
N GLY B 451 -13.49 -33.56 -11.59
CA GLY B 451 -12.16 -34.10 -11.81
C GLY B 451 -11.03 -33.20 -11.34
N TRP B 452 -11.10 -31.91 -11.68
CA TRP B 452 -10.09 -30.98 -11.19
C TRP B 452 -10.18 -30.78 -9.70
N ASN B 453 -11.38 -30.94 -9.12
CA ASN B 453 -11.50 -30.85 -7.67
C ASN B 453 -10.88 -32.06 -6.99
N ALA B 454 -10.68 -33.15 -7.73
CA ALA B 454 -9.89 -34.26 -7.21
C ALA B 454 -8.40 -33.97 -7.23
N ILE B 455 -7.93 -33.08 -8.11
CA ILE B 455 -6.50 -32.82 -8.20
C ILE B 455 -6.10 -31.66 -7.31
N SER B 456 -6.95 -30.64 -7.22
CA SER B 456 -6.69 -29.51 -6.35
C SER B 456 -6.82 -29.84 -4.86
N SER B 457 -7.40 -31.00 -4.54
CA SER B 457 -7.42 -31.49 -3.16
C SER B 457 -6.25 -32.39 -2.83
N PHE B 458 -5.34 -32.60 -3.78
CA PHE B 458 -4.16 -33.43 -3.58
C PHE B 458 -2.97 -32.57 -3.14
N GLY B 459 -2.94 -31.31 -3.56
CA GLY B 459 -1.81 -30.46 -3.24
C GLY B 459 -1.84 -29.90 -1.83
N SER B 460 -3.03 -29.82 -1.23
CA SER B 460 -3.15 -29.31 0.14
C SER B 460 -2.48 -30.25 1.13
N LEU B 461 -2.61 -31.56 0.91
CA LEU B 461 -1.92 -32.55 1.71
C LEU B 461 -0.42 -32.58 1.45
N ILE B 462 0.03 -32.08 0.29
CA ILE B 462 1.45 -31.87 0.08
C ILE B 462 1.97 -30.65 0.86
N SER B 463 1.19 -29.57 0.91
CA SER B 463 1.65 -28.36 1.59
C SER B 463 1.61 -28.46 3.11
N ILE B 464 0.65 -29.22 3.67
CA ILE B 464 0.59 -29.34 5.12
C ILE B 464 1.74 -30.21 5.65
N ILE B 465 2.19 -31.18 4.86
CA ILE B 465 3.41 -31.92 5.19
C ILE B 465 4.62 -31.00 5.18
N SER B 466 4.63 -30.00 4.28
CA SER B 466 5.69 -29.00 4.29
C SER B 466 5.64 -28.13 5.54
N VAL B 467 4.43 -27.84 6.03
CA VAL B 467 4.28 -27.08 7.28
C VAL B 467 4.81 -27.88 8.47
N ILE B 468 4.52 -29.19 8.52
CA ILE B 468 5.02 -30.05 9.59
C ILE B 468 6.55 -30.16 9.52
N LEU B 469 7.10 -30.23 8.30
CA LEU B 469 8.55 -30.23 8.15
C LEU B 469 9.16 -28.91 8.58
N PHE B 470 8.44 -27.80 8.38
CA PHE B 470 8.91 -26.50 8.88
C PHE B 470 8.95 -26.47 10.40
N ALA B 471 7.97 -27.13 11.04
CA ALA B 471 7.97 -27.27 12.49
C ALA B 471 9.19 -28.04 12.97
N TYR B 472 9.52 -29.14 12.28
CA TYR B 472 10.74 -29.86 12.65
C TYR B 472 12.01 -29.07 12.35
N VAL B 473 12.00 -28.22 11.33
CA VAL B 473 13.16 -27.37 11.05
C VAL B 473 13.39 -26.37 12.17
N ILE B 474 12.30 -25.80 12.71
CA ILE B 474 12.43 -24.90 13.87
C ILE B 474 12.94 -25.65 15.10
N TYR B 475 12.45 -26.88 15.31
CA TYR B 475 12.93 -27.70 16.43
C TYR B 475 14.41 -28.05 16.30
N ASP B 476 14.87 -28.40 15.10
CA ASP B 476 16.28 -28.69 14.89
C ASP B 476 17.13 -27.43 14.88
N GLN B 477 16.52 -26.27 14.66
CA GLN B 477 17.25 -25.02 14.82
C GLN B 477 17.50 -24.71 16.28
N LEU B 478 16.48 -24.87 17.13
CA LEU B 478 16.62 -24.46 18.53
C LEU B 478 17.49 -25.42 19.33
N VAL B 479 17.27 -26.72 19.19
CA VAL B 479 18.05 -27.74 19.85
C VAL B 479 19.17 -28.15 18.91
N ASN B 480 20.40 -28.26 19.45
CA ASN B 480 21.65 -28.58 18.75
C ASN B 480 21.93 -27.67 17.55
N GLY B 481 21.51 -26.41 17.63
CA GLY B 481 21.76 -25.48 16.54
C GLY B 481 23.17 -24.90 16.52
N LEU B 482 23.95 -25.13 17.58
CA LEU B 482 25.32 -24.61 17.59
C LEU B 482 26.23 -25.42 16.67
N THR B 483 25.88 -26.68 16.39
CA THR B 483 26.70 -27.55 15.57
C THR B 483 26.23 -27.63 14.12
N ASN B 484 25.28 -26.80 13.73
CA ASN B 484 24.79 -26.77 12.35
C ASN B 484 25.37 -25.59 11.58
N LYS B 485 26.58 -25.17 11.93
CA LYS B 485 27.26 -24.15 11.15
C LYS B 485 28.46 -24.71 10.40
N GLN B 486 28.85 -25.95 10.67
CA GLN B 486 29.94 -26.61 9.96
C GLN B 486 29.47 -27.64 8.96
N LEU B 487 28.17 -27.91 8.88
CA LEU B 487 27.68 -28.89 7.91
C LEU B 487 27.77 -28.35 6.49
N SER B 488 27.32 -27.12 6.28
CA SER B 488 27.31 -26.53 4.96
C SER B 488 27.76 -25.08 5.05
N THR B 489 28.19 -24.53 3.92
CA THR B 489 28.63 -23.16 3.84
C THR B 489 27.48 -22.19 3.57
N ASN B 490 26.24 -22.63 3.83
CA ASN B 490 25.09 -21.73 3.86
C ASN B 490 25.17 -20.75 5.04
N SER B 491 25.92 -21.11 6.08
CA SER B 491 26.06 -20.24 7.25
C SER B 491 26.85 -18.98 6.90
N LEU B 492 27.72 -19.07 5.90
CA LEU B 492 28.45 -17.89 5.44
C LEU B 492 27.52 -16.92 4.73
N PHE B 493 27.65 -15.64 5.08
CA PHE B 493 26.87 -14.60 4.43
C PHE B 493 27.40 -14.26 3.05
N LYS B 494 28.72 -14.32 2.84
CA LYS B 494 29.30 -14.01 1.55
C LYS B 494 30.46 -14.96 1.25
N ASN B 495 30.48 -15.44 0.00
CA ASN B 495 31.50 -16.32 -0.54
C ASN B 495 32.79 -15.52 -0.75
N PRO B 496 33.94 -16.12 -0.46
CA PRO B 496 35.22 -15.52 -0.87
C PRO B 496 35.29 -15.29 -2.38
N ASP B 497 35.94 -14.19 -2.76
CA ASP B 497 36.06 -13.82 -4.17
C ASP B 497 37.14 -14.66 -4.84
N PHE B 498 37.50 -14.29 -6.08
CA PHE B 498 38.42 -15.12 -6.86
C PHE B 498 39.85 -14.96 -6.36
N ILE B 499 40.28 -13.73 -6.07
CA ILE B 499 41.66 -13.47 -5.70
C ILE B 499 41.83 -13.29 -4.19
N GLU B 500 40.73 -13.21 -3.45
CA GLU B 500 40.77 -13.09 -2.00
C GLU B 500 41.12 -14.43 -1.38
N SER B 501 42.24 -14.50 -0.67
CA SER B 501 42.68 -15.73 -0.04
C SER B 501 41.82 -16.07 1.17
N ASN B 502 41.91 -17.32 1.61
CA ASN B 502 41.15 -17.76 2.78
C ASN B 502 41.69 -17.15 4.06
N ILE B 503 43.00 -16.96 4.15
CA ILE B 503 43.62 -16.41 5.35
C ILE B 503 43.22 -14.96 5.54
N ILE B 504 43.16 -14.19 4.44
CA ILE B 504 42.67 -12.83 4.50
C ILE B 504 41.17 -12.80 4.78
N PHE B 505 40.42 -13.75 4.21
CA PHE B 505 38.97 -13.77 4.38
C PHE B 505 38.55 -14.09 5.81
N ASN B 506 39.32 -14.91 6.53
CA ASN B 506 38.96 -15.22 7.90
C ASN B 506 39.17 -14.03 8.83
N ASP B 507 40.09 -13.13 8.49
CA ASP B 507 40.26 -11.91 9.27
C ASP B 507 39.17 -10.89 8.99
N ASN B 508 38.77 -10.75 7.73
CA ASN B 508 37.77 -9.79 7.28
C ASN B 508 36.65 -10.57 6.61
N SER B 509 35.65 -10.97 7.40
CA SER B 509 34.64 -11.91 6.93
C SER B 509 33.39 -11.21 6.40
N ILE B 510 32.86 -10.25 7.15
CA ILE B 510 31.56 -9.67 6.85
C ILE B 510 31.75 -8.35 6.13
N LYS B 511 31.27 -8.30 4.88
CA LYS B 511 31.19 -7.06 4.11
C LYS B 511 29.73 -6.81 3.79
N SER B 512 29.20 -5.68 4.25
CA SER B 512 27.77 -5.45 4.20
C SER B 512 27.48 -4.06 3.67
N SER B 513 26.20 -3.83 3.40
CA SER B 513 25.72 -2.51 3.05
C SER B 513 24.70 -1.98 4.03
N SER B 514 24.56 -2.59 5.21
CA SER B 514 23.66 -2.12 6.25
C SER B 514 24.31 -2.39 7.61
N ILE B 515 23.62 -1.98 8.66
CA ILE B 515 24.14 -2.04 10.02
C ILE B 515 23.82 -3.42 10.58
N ASP B 516 22.93 -4.14 9.89
CA ASP B 516 22.30 -5.35 10.43
C ASP B 516 23.30 -6.47 10.65
N PHE B 517 24.12 -6.78 9.65
CA PHE B 517 24.93 -7.98 9.71
C PHE B 517 26.32 -7.73 10.26
N LEU B 518 26.57 -6.54 10.82
CA LEU B 518 27.78 -6.31 11.58
C LEU B 518 27.56 -6.38 13.08
N LEU B 519 26.33 -6.53 13.53
CA LEU B 519 26.06 -6.61 14.95
C LEU B 519 26.48 -7.98 15.47
N THR B 520 26.69 -8.07 16.78
CA THR B 520 26.80 -9.38 17.40
C THR B 520 25.45 -10.07 17.32
N SER B 521 25.44 -11.39 17.24
CA SER B 521 24.27 -12.07 16.70
C SER B 521 23.57 -12.96 17.71
N PRO B 522 23.67 -12.63 19.00
CA PRO B 522 22.52 -12.05 19.70
C PRO B 522 22.70 -10.55 19.73
N PRO B 523 21.78 -9.77 19.17
CA PRO B 523 21.90 -8.31 19.32
C PRO B 523 21.74 -7.87 20.77
N LEU B 524 22.50 -6.84 21.18
CA LEU B 524 22.42 -6.33 22.54
C LEU B 524 21.08 -5.66 22.79
N PRO B 525 20.64 -5.61 24.06
CA PRO B 525 19.42 -4.84 24.38
C PRO B 525 19.52 -3.37 24.02
N HIS B 526 20.54 -2.69 24.54
CA HIS B 526 20.86 -1.34 24.11
C HIS B 526 22.00 -1.45 23.11
N THR B 527 21.67 -1.42 21.82
CA THR B 527 22.66 -1.72 20.79
C THR B 527 23.61 -0.56 20.57
N PHE B 528 23.10 0.66 20.46
CA PHE B 528 23.90 1.83 20.13
C PHE B 528 24.03 2.70 21.38
N ASN B 529 25.24 2.78 21.94
CA ASN B 529 25.48 3.66 23.06
C ASN B 529 26.00 4.98 22.52
N THR B 530 27.16 4.94 21.87
CA THR B 530 27.62 6.08 21.11
C THR B 530 26.96 6.04 19.73
N PRO B 531 26.70 7.19 19.10
CA PRO B 531 26.00 7.17 17.81
C PRO B 531 26.84 6.60 16.68
N ALA B 532 26.15 6.07 15.68
CA ALA B 532 26.80 5.63 14.46
C ALA B 532 27.06 6.81 13.55
N ILE B 533 28.16 6.73 12.79
CA ILE B 533 28.66 7.84 11.98
C ILE B 533 28.67 7.42 10.52
N GLN B 534 28.27 8.32 9.64
CA GLN B 534 28.20 8.08 8.20
C GLN B 534 28.77 9.28 7.44
N SER B 535 29.58 8.98 6.44
CA SER B 535 30.10 10.00 5.54
C SER B 535 29.01 10.57 4.65
N ASP C 1 -24.81 -23.46 -22.52
CA ASP C 1 -24.85 -24.90 -22.64
C ASP C 1 -24.37 -25.55 -21.36
N VAL C 2 -24.31 -26.88 -21.36
CA VAL C 2 -23.90 -27.63 -20.18
C VAL C 2 -22.41 -27.51 -19.97
N PRO C 3 -21.91 -27.63 -18.74
CA PRO C 3 -20.48 -27.81 -18.54
C PRO C 3 -20.03 -29.19 -19.01
N THR C 4 -18.79 -29.26 -19.48
CA THR C 4 -18.15 -30.49 -19.87
C THR C 4 -17.25 -30.95 -18.73
N PRO C 5 -17.00 -32.29 -18.58
CA PRO C 5 -16.24 -32.79 -17.43
C PRO C 5 -14.83 -32.24 -17.20
N TRP C 6 -13.91 -32.45 -18.13
CA TRP C 6 -12.56 -31.93 -17.96
C TRP C 6 -12.39 -30.70 -18.84
N GLY C 7 -13.03 -29.61 -18.42
CA GLY C 7 -13.04 -28.41 -19.21
C GLY C 7 -11.75 -27.63 -19.10
N ILE C 8 -11.38 -26.96 -20.20
CA ILE C 8 -10.16 -26.19 -20.27
C ILE C 8 -10.50 -24.75 -20.65
N PHE C 9 -11.58 -24.57 -21.41
CA PHE C 9 -11.82 -23.29 -22.07
C PHE C 9 -13.30 -22.93 -21.89
N PHE C 10 -13.75 -21.89 -22.58
CA PHE C 10 -15.09 -21.35 -22.42
C PHE C 10 -16.15 -22.31 -22.93
N GLN C 11 -17.39 -22.04 -22.55
CA GLN C 11 -18.51 -22.73 -23.14
C GLN C 11 -18.79 -22.13 -24.52
N ASP C 12 -19.64 -22.81 -25.29
CA ASP C 12 -19.95 -22.36 -26.64
C ASP C 12 -20.88 -21.15 -26.59
N SER C 13 -20.73 -20.28 -27.57
CA SER C 13 -21.43 -19.01 -27.58
C SER C 13 -22.74 -19.11 -28.36
N ALA C 14 -23.67 -18.21 -28.03
CA ALA C 14 -24.93 -18.10 -28.76
C ALA C 14 -25.36 -16.67 -28.97
N THR C 15 -24.50 -15.69 -28.66
CA THR C 15 -24.82 -14.29 -28.66
C THR C 15 -23.58 -13.58 -29.20
N PRO C 16 -23.74 -12.50 -29.98
CA PRO C 16 -22.56 -11.75 -30.46
C PRO C 16 -21.69 -11.15 -29.35
N ASN C 17 -22.26 -10.84 -28.19
CA ASN C 17 -21.48 -10.30 -27.09
C ASN C 17 -20.48 -11.32 -26.54
N MET C 18 -20.86 -12.59 -26.45
CA MET C 18 -19.92 -13.61 -25.97
C MET C 18 -18.82 -13.86 -27.00
N GLU C 19 -19.16 -13.79 -28.29
CA GLU C 19 -18.14 -13.87 -29.33
C GLU C 19 -17.15 -12.71 -29.26
N GLY C 20 -17.63 -11.50 -28.97
CA GLY C 20 -16.72 -10.39 -28.73
C GLY C 20 -15.84 -10.57 -27.51
N ILE C 21 -16.39 -11.15 -26.43
CA ILE C 21 -15.61 -11.41 -25.21
C ILE C 21 -14.51 -12.42 -25.49
N ILE C 22 -14.83 -13.48 -26.23
CA ILE C 22 -13.85 -14.50 -26.61
C ILE C 22 -12.75 -13.90 -27.49
N GLU C 23 -13.13 -13.07 -28.47
CA GLU C 23 -12.15 -12.46 -29.37
C GLU C 23 -11.22 -11.50 -28.62
N LEU C 24 -11.76 -10.72 -27.68
CA LEU C 24 -10.91 -9.80 -26.92
C LEU C 24 -9.96 -10.54 -25.98
N HIS C 25 -10.43 -11.63 -25.36
CA HIS C 25 -9.56 -12.43 -24.50
C HIS C 25 -8.42 -13.07 -25.29
N ASN C 26 -8.74 -13.61 -26.48
CA ASN C 26 -7.70 -14.17 -27.33
C ASN C 26 -6.77 -13.12 -27.90
N ASN C 27 -7.22 -11.86 -27.99
CA ASN C 27 -6.32 -10.79 -28.40
C ASN C 27 -5.35 -10.39 -27.28
N ILE C 28 -5.81 -10.37 -26.03
CA ILE C 28 -4.94 -9.98 -24.92
C ILE C 28 -3.91 -11.07 -24.61
N MET C 29 -4.31 -12.34 -24.77
CA MET C 29 -3.43 -13.46 -24.40
C MET C 29 -2.19 -13.53 -25.29
N PHE C 30 -2.24 -12.93 -26.48
CA PHE C 30 -1.07 -12.80 -27.37
C PHE C 30 0.08 -12.06 -26.68
N TYR C 31 -0.21 -10.83 -26.22
CA TYR C 31 0.82 -10.02 -25.58
C TYR C 31 1.22 -10.57 -24.22
N LEU C 32 0.28 -11.18 -23.50
CA LEU C 32 0.66 -11.78 -22.22
C LEU C 32 1.57 -13.00 -22.37
N VAL C 33 1.31 -13.87 -23.35
CA VAL C 33 2.23 -14.96 -23.68
C VAL C 33 3.61 -14.46 -24.09
N LEU C 34 3.68 -13.39 -24.90
CA LEU C 34 4.96 -12.80 -25.29
C LEU C 34 5.76 -12.30 -24.09
N ILE C 35 5.13 -11.58 -23.17
CA ILE C 35 5.83 -11.08 -21.98
C ILE C 35 6.30 -12.21 -21.05
N LEU C 36 5.46 -13.23 -20.83
CA LEU C 36 5.87 -14.35 -19.98
C LEU C 36 7.04 -15.13 -20.57
N THR C 37 7.03 -15.35 -21.89
CA THR C 37 8.16 -16.06 -22.51
C THR C 37 9.45 -15.25 -22.47
N PHE C 38 9.36 -13.91 -22.59
CA PHE C 38 10.54 -13.07 -22.44
C PHE C 38 11.15 -13.15 -21.05
N VAL C 39 10.31 -13.06 -20.01
CA VAL C 39 10.81 -13.13 -18.63
C VAL C 39 11.40 -14.51 -18.32
N SER C 40 10.75 -15.57 -18.81
CA SER C 40 11.25 -16.92 -18.60
C SER C 40 12.59 -17.14 -19.29
N TYR C 41 12.76 -16.60 -20.51
CA TYR C 41 14.03 -16.79 -21.22
C TYR C 41 15.17 -16.05 -20.54
N ILE C 42 14.90 -14.84 -20.02
CA ILE C 42 15.96 -14.12 -19.30
C ILE C 42 16.35 -14.85 -18.01
N LEU C 43 15.37 -15.40 -17.29
CA LEU C 43 15.69 -16.19 -16.10
C LEU C 43 16.50 -17.44 -16.42
N TYR C 44 16.17 -18.11 -17.54
CA TYR C 44 16.94 -19.27 -17.99
C TYR C 44 18.38 -18.91 -18.34
N THR C 45 18.57 -17.78 -19.03
CA THR C 45 19.91 -17.34 -19.39
C THR C 45 20.74 -17.00 -18.15
N ILE C 46 20.10 -16.34 -17.17
CA ILE C 46 20.76 -15.97 -15.92
C ILE C 46 21.20 -17.21 -15.15
N ILE C 47 20.34 -18.23 -15.10
CA ILE C 47 20.72 -19.49 -14.45
C ILE C 47 21.82 -20.21 -15.21
N TYR C 48 21.75 -20.25 -16.54
CA TYR C 48 22.64 -21.10 -17.32
C TYR C 48 24.04 -20.50 -17.53
N ASN C 49 24.17 -19.17 -17.52
CA ASN C 49 25.47 -18.55 -17.73
C ASN C 49 26.15 -18.02 -16.49
N TYR C 50 25.42 -17.42 -15.55
CA TYR C 50 26.00 -16.67 -14.46
C TYR C 50 25.81 -17.33 -13.11
N SER C 51 25.87 -18.67 -13.06
CA SER C 51 25.74 -19.41 -11.82
C SER C 51 27.12 -19.85 -11.38
N ASN C 52 27.51 -19.43 -10.17
CA ASN C 52 28.84 -19.64 -9.58
C ASN C 52 29.95 -19.11 -10.50
N ALA C 53 29.90 -17.81 -10.75
CA ALA C 53 30.76 -17.18 -11.72
C ALA C 53 31.92 -16.48 -11.02
N THR C 54 33.09 -16.51 -11.68
CA THR C 54 34.27 -15.91 -11.09
C THR C 54 34.28 -14.39 -11.24
N ILE C 55 33.75 -13.86 -12.33
CA ILE C 55 33.85 -12.44 -12.64
C ILE C 55 32.51 -11.77 -12.32
N VAL C 56 32.57 -10.70 -11.52
CA VAL C 56 31.38 -9.98 -11.07
C VAL C 56 31.47 -8.55 -11.58
N HIS C 57 30.50 -8.15 -12.41
CA HIS C 57 30.43 -6.78 -12.91
C HIS C 57 29.64 -5.93 -11.90
N LYS C 58 30.38 -5.36 -10.94
CA LYS C 58 29.75 -4.60 -9.87
C LYS C 58 29.68 -3.11 -10.16
N TYR C 59 29.91 -2.69 -11.40
CA TYR C 59 29.86 -1.28 -11.76
C TYR C 59 28.84 -0.98 -12.85
N MET C 60 28.06 -1.97 -13.29
CA MET C 60 26.99 -1.75 -14.26
C MET C 60 25.71 -1.54 -13.47
N ASN C 61 25.47 -0.31 -13.04
CA ASN C 61 24.38 -0.06 -12.11
C ASN C 61 23.59 1.21 -12.42
N HIS C 62 23.72 1.79 -13.62
CA HIS C 62 23.00 3.02 -13.87
C HIS C 62 21.95 2.79 -14.96
N GLY C 63 22.37 2.61 -16.22
CA GLY C 63 21.42 2.51 -17.31
C GLY C 63 20.80 3.85 -17.68
N GLN C 64 20.79 4.22 -18.95
CA GLN C 64 19.94 5.37 -19.26
C GLN C 64 19.07 5.14 -20.48
N LEU C 65 19.59 4.46 -21.50
CA LEU C 65 18.78 4.14 -22.66
C LEU C 65 17.77 3.04 -22.33
N ILE C 66 18.19 2.05 -21.54
CA ILE C 66 17.38 0.86 -21.36
C ILE C 66 16.21 1.14 -20.42
N GLU C 67 16.32 2.17 -19.58
CA GLU C 67 15.24 2.48 -18.66
C GLU C 67 14.06 3.16 -19.33
N ILE C 68 14.28 3.77 -20.50
CA ILE C 68 13.17 4.33 -21.26
C ILE C 68 12.47 3.24 -22.06
N VAL C 69 13.20 2.22 -22.49
CA VAL C 69 12.63 1.12 -23.27
C VAL C 69 11.66 0.26 -22.47
N TRP C 70 11.92 0.01 -21.19
CA TRP C 70 10.91 -0.70 -20.41
C TRP C 70 9.92 0.24 -19.73
N THR C 71 9.77 1.47 -20.20
CA THR C 71 8.68 2.33 -19.81
C THR C 71 7.74 2.65 -20.96
N THR C 72 8.25 2.79 -22.19
CA THR C 72 7.43 3.10 -23.35
C THR C 72 6.87 1.88 -24.04
N LEU C 73 7.62 0.77 -24.13
CA LEU C 73 7.10 -0.45 -24.72
C LEU C 73 5.93 -1.09 -23.96
N PRO C 74 5.89 -1.15 -22.62
CA PRO C 74 4.63 -1.57 -21.99
C PRO C 74 3.47 -0.61 -22.19
N ALA C 75 3.73 0.67 -22.49
CA ALA C 75 2.64 1.62 -22.70
C ALA C 75 1.92 1.36 -24.03
N VAL C 76 2.67 1.04 -25.08
CA VAL C 76 2.09 0.83 -26.41
C VAL C 76 1.18 -0.39 -26.41
N ILE C 77 1.58 -1.43 -25.66
CA ILE C 77 0.75 -2.61 -25.46
C ILE C 77 -0.57 -2.23 -24.79
N LEU C 78 -0.53 -1.32 -23.81
CA LEU C 78 -1.75 -0.88 -23.14
C LEU C 78 -2.68 -0.12 -24.08
N LEU C 79 -2.16 0.75 -24.94
CA LEU C 79 -3.04 1.44 -25.90
C LEU C 79 -3.64 0.48 -26.93
N ILE C 80 -2.83 -0.48 -27.43
CA ILE C 80 -3.32 -1.44 -28.42
C ILE C 80 -4.39 -2.35 -27.82
N ILE C 81 -4.24 -2.72 -26.55
CA ILE C 81 -5.28 -3.47 -25.84
C ILE C 81 -6.50 -2.58 -25.61
N ALA C 82 -6.29 -1.29 -25.33
CA ALA C 82 -7.40 -0.42 -24.92
C ALA C 82 -8.30 0.00 -26.07
N PHE C 83 -7.84 -0.08 -27.34
CA PHE C 83 -8.71 0.30 -28.45
C PHE C 83 -9.93 -0.61 -28.63
N PRO C 84 -9.80 -1.95 -28.83
CA PRO C 84 -11.01 -2.75 -29.03
C PRO C 84 -11.85 -2.92 -27.78
N SER C 85 -11.26 -2.73 -26.60
CA SER C 85 -12.05 -2.77 -25.36
C SER C 85 -13.06 -1.65 -25.31
N PHE C 86 -12.66 -0.44 -25.71
CA PHE C 86 -13.59 0.69 -25.72
C PHE C 86 -14.62 0.54 -26.83
N ILE C 87 -14.19 0.02 -28.00
CA ILE C 87 -15.14 -0.21 -29.10
C ILE C 87 -16.19 -1.23 -28.70
N LEU C 88 -15.78 -2.33 -28.07
CA LEU C 88 -16.73 -3.37 -27.68
C LEU C 88 -17.58 -2.94 -26.49
N LEU C 89 -17.05 -2.05 -25.64
CA LEU C 89 -17.84 -1.49 -24.56
C LEU C 89 -18.98 -0.65 -25.09
N TYR C 90 -18.70 0.19 -26.08
CA TYR C 90 -19.70 1.16 -26.52
C TYR C 90 -20.63 0.61 -27.59
N LEU C 91 -20.17 -0.37 -28.38
CA LEU C 91 -20.88 -0.72 -29.60
C LEU C 91 -22.05 -1.66 -29.35
N CYS C 92 -21.77 -2.83 -28.78
CA CYS C 92 -22.74 -3.92 -28.80
C CYS C 92 -23.64 -3.81 -27.58
N ASP C 93 -24.79 -3.18 -27.78
CA ASP C 93 -25.86 -3.12 -26.78
C ASP C 93 -27.18 -2.93 -27.52
N GLU C 94 -28.24 -2.60 -26.77
CA GLU C 94 -29.56 -2.35 -27.36
C GLU C 94 -29.62 -0.95 -27.95
N VAL C 95 -29.09 -0.85 -29.19
CA VAL C 95 -29.13 0.43 -29.88
C VAL C 95 -30.49 0.68 -30.51
N ILE C 96 -31.12 -0.35 -31.08
CA ILE C 96 -32.36 -0.18 -31.86
C ILE C 96 -33.34 -1.27 -31.44
N SER C 97 -34.52 -0.85 -30.97
CA SER C 97 -35.77 -1.62 -30.87
C SER C 97 -35.68 -2.97 -30.15
N PRO C 98 -35.60 -2.99 -28.82
CA PRO C 98 -35.82 -4.25 -28.10
C PRO C 98 -37.25 -4.73 -28.30
N ALA C 99 -37.43 -6.05 -28.34
CA ALA C 99 -38.70 -6.61 -28.77
C ALA C 99 -39.47 -7.34 -27.68
N MET C 100 -38.83 -7.84 -26.64
CA MET C 100 -39.55 -8.41 -25.50
C MET C 100 -38.95 -7.92 -24.21
N THR C 101 -39.70 -8.12 -23.13
CA THR C 101 -39.27 -7.78 -21.78
C THR C 101 -39.66 -8.92 -20.86
N ILE C 102 -38.70 -9.45 -20.12
CA ILE C 102 -38.93 -10.52 -19.16
C ILE C 102 -38.42 -10.05 -17.80
N LYS C 103 -39.29 -9.97 -16.82
CA LYS C 103 -38.92 -9.53 -15.49
C LYS C 103 -38.57 -10.75 -14.64
N ALA C 104 -37.35 -10.77 -14.12
CA ALA C 104 -36.84 -11.88 -13.31
C ALA C 104 -36.61 -11.36 -11.90
N ILE C 105 -37.54 -11.67 -11.00
CA ILE C 105 -37.46 -11.26 -9.60
C ILE C 105 -36.76 -12.38 -8.83
N GLY C 106 -35.72 -12.02 -8.10
CA GLY C 106 -34.98 -12.99 -7.33
C GLY C 106 -35.39 -13.03 -5.88
N LEU C 107 -36.12 -14.08 -5.50
CA LEU C 107 -36.50 -14.28 -4.10
C LEU C 107 -35.36 -15.00 -3.38
N GLN C 108 -35.66 -15.57 -2.21
CA GLN C 108 -34.63 -16.14 -1.35
C GLN C 108 -33.92 -17.32 -2.00
N TRP C 109 -34.65 -18.39 -2.30
CA TRP C 109 -33.98 -19.57 -2.83
C TRP C 109 -34.70 -20.14 -4.06
N TYR C 110 -35.36 -19.28 -4.83
CA TYR C 110 -35.96 -19.66 -6.11
C TYR C 110 -36.15 -18.40 -6.94
N TRP C 111 -36.51 -18.58 -8.22
CA TRP C 111 -36.65 -17.44 -9.13
C TRP C 111 -38.12 -17.24 -9.51
N LYS C 112 -38.49 -16.01 -9.83
CA LYS C 112 -39.85 -15.69 -10.26
C LYS C 112 -39.76 -14.98 -11.61
N TYR C 113 -40.52 -15.46 -12.60
CA TYR C 113 -40.49 -14.89 -13.93
C TYR C 113 -41.87 -14.37 -14.33
N GLU C 114 -41.92 -13.14 -14.81
CA GLU C 114 -43.12 -12.55 -15.39
C GLU C 114 -42.81 -12.04 -16.79
N TYR C 115 -43.78 -12.15 -17.68
CA TYR C 115 -43.67 -11.62 -19.03
C TYR C 115 -44.55 -10.38 -19.10
N SER C 116 -43.94 -9.22 -19.22
CA SER C 116 -44.62 -7.94 -19.01
C SER C 116 -45.58 -7.59 -20.14
N ASP C 117 -45.50 -8.25 -21.28
CA ASP C 117 -46.47 -8.07 -22.34
C ASP C 117 -47.60 -9.09 -22.15
N PHE C 118 -48.41 -9.27 -23.20
CA PHE C 118 -49.51 -10.25 -23.26
C PHE C 118 -50.55 -10.01 -22.16
N ILE C 119 -50.89 -8.74 -21.95
CA ILE C 119 -51.78 -8.32 -20.88
C ILE C 119 -53.21 -8.32 -21.39
N ASN C 120 -54.12 -8.91 -20.61
CA ASN C 120 -55.54 -8.77 -20.88
C ASN C 120 -56.07 -7.49 -20.22
N ASP C 121 -57.37 -7.26 -20.34
CA ASP C 121 -57.98 -6.07 -19.76
C ASP C 121 -58.12 -6.16 -18.24
N ASP C 122 -58.02 -7.36 -17.67
CA ASP C 122 -58.22 -7.54 -16.23
C ASP C 122 -56.91 -7.77 -15.47
N GLY C 123 -55.77 -7.81 -16.16
CA GLY C 123 -54.52 -8.12 -15.50
C GLY C 123 -54.24 -9.61 -15.44
N GLU C 124 -54.30 -10.26 -16.60
CA GLU C 124 -54.15 -11.70 -16.67
C GLU C 124 -52.71 -12.07 -17.06
N ILE C 125 -51.74 -11.26 -16.64
CA ILE C 125 -50.32 -11.36 -16.99
C ILE C 125 -49.73 -12.72 -16.61
N VAL C 126 -49.08 -13.36 -17.57
CA VAL C 126 -48.54 -14.70 -17.40
C VAL C 126 -47.31 -14.67 -16.48
N GLU C 127 -47.24 -15.63 -15.56
CA GLU C 127 -46.28 -15.65 -14.47
C GLU C 127 -46.00 -17.09 -14.07
N PHE C 128 -44.75 -17.38 -13.71
CA PHE C 128 -44.46 -18.65 -13.07
C PHE C 128 -43.23 -18.52 -12.17
N GLU C 129 -42.96 -19.59 -11.43
CA GLU C 129 -41.86 -19.68 -10.48
C GLU C 129 -40.98 -20.86 -10.83
N SER C 130 -39.66 -20.67 -10.79
CA SER C 130 -38.70 -21.73 -11.04
C SER C 130 -38.05 -22.16 -9.73
N TYR C 131 -38.18 -23.45 -9.42
CA TYR C 131 -37.63 -24.10 -8.24
C TYR C 131 -36.52 -25.06 -8.66
N VAL C 132 -36.00 -25.81 -7.70
CA VAL C 132 -34.97 -26.80 -7.98
C VAL C 132 -35.58 -28.19 -7.85
N ILE C 133 -35.33 -29.05 -8.81
CA ILE C 133 -35.72 -30.45 -8.68
C ILE C 133 -34.73 -31.15 -7.76
N PRO C 134 -35.19 -31.74 -6.65
CA PRO C 134 -34.26 -32.36 -5.70
C PRO C 134 -33.70 -33.66 -6.25
N GLU C 135 -32.70 -34.19 -5.53
CA GLU C 135 -32.02 -35.40 -5.97
C GLU C 135 -32.92 -36.64 -5.87
N GLU C 136 -33.89 -36.62 -4.96
CA GLU C 136 -34.75 -37.78 -4.78
C GLU C 136 -35.78 -37.89 -5.90
N LEU C 137 -36.23 -36.76 -6.44
CA LEU C 137 -37.32 -36.71 -7.40
C LEU C 137 -36.84 -36.57 -8.84
N LEU C 138 -35.55 -36.77 -9.10
CA LEU C 138 -35.04 -36.70 -10.47
C LEU C 138 -35.50 -37.90 -11.27
N GLU C 139 -35.72 -37.68 -12.56
CA GLU C 139 -36.03 -38.75 -13.50
C GLU C 139 -34.74 -39.21 -14.16
N ASP C 140 -34.85 -40.25 -14.99
CA ASP C 140 -33.66 -40.91 -15.53
C ASP C 140 -33.04 -40.04 -16.62
N GLY C 141 -31.89 -39.45 -16.32
CA GLY C 141 -31.16 -38.66 -17.29
C GLY C 141 -31.12 -37.17 -17.03
N GLN C 142 -31.65 -36.69 -15.90
CA GLN C 142 -31.62 -35.26 -15.68
C GLN C 142 -30.36 -34.85 -14.93
N LEU C 143 -30.02 -33.57 -15.05
CA LEU C 143 -28.80 -33.02 -14.50
C LEU C 143 -29.03 -32.61 -13.06
N ARG C 144 -28.07 -32.93 -12.19
CA ARG C 144 -28.21 -32.63 -10.76
C ARG C 144 -27.74 -31.21 -10.48
N LEU C 145 -28.52 -30.49 -9.68
CA LEU C 145 -28.35 -29.09 -9.28
C LEU C 145 -28.35 -28.11 -10.46
N LEU C 146 -28.89 -28.49 -11.61
CA LEU C 146 -29.09 -27.56 -12.71
C LEU C 146 -30.48 -27.64 -13.34
N ASP C 147 -31.28 -28.64 -13.02
CA ASP C 147 -32.54 -28.88 -13.71
C ASP C 147 -33.69 -28.34 -12.89
N VAL C 148 -34.60 -27.63 -13.54
CA VAL C 148 -35.69 -26.93 -12.87
C VAL C 148 -37.02 -27.57 -13.30
N ASP C 149 -38.10 -27.11 -12.67
CA ASP C 149 -39.42 -27.63 -13.00
C ASP C 149 -40.06 -26.88 -14.17
N ALA C 150 -39.89 -25.57 -14.25
CA ALA C 150 -40.37 -24.77 -15.36
C ALA C 150 -39.24 -23.91 -15.89
N SER C 151 -39.09 -23.88 -17.21
CA SER C 151 -37.96 -23.25 -17.86
C SER C 151 -38.42 -22.03 -18.65
N VAL C 152 -37.52 -21.06 -18.78
CA VAL C 152 -37.84 -19.83 -19.49
C VAL C 152 -37.74 -20.08 -20.99
N VAL C 153 -38.87 -19.95 -21.69
CA VAL C 153 -38.98 -20.32 -23.09
C VAL C 153 -39.02 -19.05 -23.92
N VAL C 154 -38.07 -18.89 -24.84
CA VAL C 154 -37.94 -17.69 -25.64
C VAL C 154 -37.80 -18.04 -27.12
N PRO C 155 -38.22 -17.15 -28.03
CA PRO C 155 -37.94 -17.36 -29.45
C PRO C 155 -36.50 -17.06 -29.81
N VAL C 156 -36.14 -17.47 -31.02
CA VAL C 156 -34.83 -17.18 -31.57
C VAL C 156 -34.92 -15.96 -32.46
N ASP C 157 -33.76 -15.32 -32.68
CA ASP C 157 -33.60 -14.11 -33.51
C ASP C 157 -34.49 -12.96 -33.05
N THR C 158 -34.60 -12.79 -31.74
CA THR C 158 -35.39 -11.71 -31.16
C THR C 158 -34.63 -11.12 -29.99
N HIS C 159 -34.51 -9.79 -29.95
CA HIS C 159 -33.89 -9.12 -28.81
C HIS C 159 -34.71 -9.31 -27.56
N ILE C 160 -34.04 -9.69 -26.47
CA ILE C 160 -34.68 -10.00 -25.20
C ILE C 160 -34.09 -9.08 -24.15
N ARG C 161 -34.93 -8.36 -23.44
CA ARG C 161 -34.47 -7.45 -22.40
C ARG C 161 -34.86 -8.00 -21.05
N PHE C 162 -33.86 -8.26 -20.21
CA PHE C 162 -34.08 -8.79 -18.86
C PHE C 162 -34.01 -7.63 -17.89
N ILE C 163 -35.08 -7.43 -17.13
CA ILE C 163 -35.13 -6.48 -16.03
C ILE C 163 -35.08 -7.29 -14.74
N VAL C 164 -34.03 -7.10 -13.96
CA VAL C 164 -33.71 -7.92 -12.80
C VAL C 164 -33.79 -7.04 -11.56
N SER C 165 -34.53 -7.52 -10.57
CA SER C 165 -34.58 -6.92 -9.24
C SER C 165 -34.65 -8.04 -8.20
N SER C 166 -34.67 -7.69 -6.92
CA SER C 166 -34.73 -8.70 -5.87
C SER C 166 -35.54 -8.17 -4.71
N ALA C 167 -36.04 -9.08 -3.88
CA ALA C 167 -36.92 -8.73 -2.78
C ALA C 167 -36.34 -8.98 -1.40
N ASP C 168 -35.34 -9.86 -1.27
CA ASP C 168 -34.76 -10.13 0.05
C ASP C 168 -33.30 -9.71 0.16
N VAL C 169 -32.41 -10.29 -0.63
CA VAL C 169 -30.97 -10.02 -0.56
C VAL C 169 -30.41 -9.85 -1.96
N ILE C 170 -29.09 -9.69 -2.09
CA ILE C 170 -28.46 -9.43 -3.38
C ILE C 170 -28.19 -10.75 -4.10
N HIS C 171 -28.72 -10.89 -5.32
CA HIS C 171 -28.57 -12.07 -6.15
C HIS C 171 -27.80 -11.73 -7.41
N ASP C 172 -27.76 -12.68 -8.35
CA ASP C 172 -27.02 -12.48 -9.60
C ASP C 172 -27.60 -13.37 -10.68
N PHE C 173 -28.11 -12.76 -11.75
CA PHE C 173 -28.62 -13.49 -12.90
C PHE C 173 -27.48 -13.83 -13.85
N CYS C 174 -27.11 -15.10 -13.93
CA CYS C 174 -25.95 -15.49 -14.74
C CYS C 174 -26.31 -16.66 -15.64
N VAL C 175 -26.27 -16.44 -16.94
CA VAL C 175 -26.28 -17.51 -17.94
C VAL C 175 -24.96 -17.37 -18.70
N PRO C 176 -23.98 -18.28 -18.48
CA PRO C 176 -22.63 -18.08 -19.03
C PRO C 176 -22.51 -18.03 -20.54
N ALA C 177 -23.21 -18.94 -21.24
CA ALA C 177 -23.11 -19.03 -22.70
C ALA C 177 -23.66 -17.81 -23.41
N LEU C 178 -24.69 -17.19 -22.84
CA LEU C 178 -25.32 -16.04 -23.45
C LEU C 178 -24.64 -14.72 -23.13
N GLY C 179 -23.65 -14.72 -22.25
CA GLY C 179 -22.96 -13.50 -21.88
C GLY C 179 -23.77 -12.54 -21.06
N VAL C 180 -24.50 -13.04 -20.05
CA VAL C 180 -25.38 -12.22 -19.21
C VAL C 180 -24.95 -12.41 -17.77
N LYS C 181 -24.58 -11.31 -17.10
CA LYS C 181 -24.27 -11.32 -15.66
C LYS C 181 -24.58 -9.94 -15.09
N VAL C 182 -25.73 -9.81 -14.45
CA VAL C 182 -26.13 -8.56 -13.82
C VAL C 182 -26.67 -8.85 -12.42
N ASP C 183 -26.50 -7.90 -11.51
CA ASP C 183 -26.87 -8.08 -10.12
C ASP C 183 -28.35 -7.77 -9.90
N ALA C 184 -28.82 -8.11 -8.71
CA ALA C 184 -30.19 -7.82 -8.27
C ALA C 184 -30.12 -7.31 -6.84
N SER C 185 -29.94 -6.01 -6.69
CA SER C 185 -29.93 -5.38 -5.37
C SER C 185 -31.34 -4.95 -5.01
N PRO C 186 -31.69 -4.91 -3.71
CA PRO C 186 -33.11 -4.80 -3.33
C PRO C 186 -33.79 -3.45 -3.56
N GLY C 187 -33.15 -2.47 -4.19
CA GLY C 187 -33.80 -1.19 -4.33
C GLY C 187 -33.67 -0.50 -5.67
N ARG C 188 -33.25 -1.22 -6.71
CA ARG C 188 -33.17 -0.66 -8.04
C ARG C 188 -33.38 -1.77 -9.06
N LEU C 189 -33.64 -1.34 -10.30
CA LEU C 189 -33.92 -2.23 -11.41
C LEU C 189 -32.74 -2.22 -12.37
N ASN C 190 -32.19 -3.39 -12.67
CA ASN C 190 -31.07 -3.49 -13.58
C ASN C 190 -31.55 -4.12 -14.87
N GLN C 191 -30.87 -3.83 -15.97
CA GLN C 191 -31.31 -4.33 -17.26
C GLN C 191 -30.14 -4.82 -18.10
N THR C 192 -30.38 -5.93 -18.81
CA THR C 192 -29.43 -6.47 -19.77
C THR C 192 -30.18 -6.91 -21.02
N SER C 193 -29.42 -7.22 -22.07
CA SER C 193 -29.99 -7.56 -23.36
C SER C 193 -29.30 -8.80 -23.89
N ALA C 194 -30.07 -9.64 -24.59
CA ALA C 194 -29.54 -10.86 -25.17
C ALA C 194 -30.21 -11.12 -26.52
N LEU C 195 -29.43 -11.68 -27.45
CA LEU C 195 -29.95 -12.16 -28.72
C LEU C 195 -29.41 -13.57 -28.95
N ILE C 196 -30.31 -14.50 -29.28
CA ILE C 196 -29.98 -15.91 -29.44
C ILE C 196 -30.12 -16.27 -30.91
N GLN C 197 -29.09 -16.91 -31.45
CA GLN C 197 -29.03 -17.21 -32.88
C GLN C 197 -29.39 -18.65 -33.23
N ARG C 198 -29.21 -19.60 -32.31
CA ARG C 198 -29.50 -21.00 -32.59
C ARG C 198 -30.35 -21.59 -31.47
N GLU C 199 -31.07 -22.66 -31.80
CA GLU C 199 -31.95 -23.30 -30.84
C GLU C 199 -31.18 -24.23 -29.92
N GLY C 200 -31.72 -24.42 -28.72
CA GLY C 200 -31.07 -25.27 -27.73
C GLY C 200 -31.48 -24.90 -26.33
N VAL C 201 -30.73 -25.43 -25.37
CA VAL C 201 -30.98 -25.25 -23.95
C VAL C 201 -29.72 -24.65 -23.31
N TYR C 202 -29.90 -23.74 -22.36
CA TYR C 202 -28.81 -22.99 -21.77
C TYR C 202 -28.99 -22.95 -20.25
N TYR C 203 -27.97 -23.41 -19.52
CA TYR C 203 -28.02 -23.51 -18.07
C TYR C 203 -27.15 -22.46 -17.40
N GLY C 204 -27.55 -22.07 -16.20
CA GLY C 204 -26.82 -21.07 -15.46
C GLY C 204 -27.08 -21.19 -13.97
N GLN C 205 -26.26 -20.49 -13.20
CA GLN C 205 -26.26 -20.58 -11.75
C GLN C 205 -26.02 -19.20 -11.17
N CYS C 206 -26.48 -18.99 -9.93
CA CYS C 206 -26.32 -17.68 -9.32
C CYS C 206 -24.88 -17.47 -8.84
N SER C 207 -24.54 -16.20 -8.60
CA SER C 207 -23.18 -15.84 -8.26
C SER C 207 -23.02 -15.20 -6.89
N GLU C 208 -23.78 -14.16 -6.57
CA GLU C 208 -23.62 -13.48 -5.29
C GLU C 208 -24.19 -14.32 -4.15
N LEU C 209 -23.53 -14.27 -2.99
CA LEU C 209 -23.90 -15.10 -1.85
C LEU C 209 -25.21 -14.65 -1.24
N CYS C 210 -26.04 -15.63 -0.84
CA CYS C 210 -27.36 -15.34 -0.31
C CYS C 210 -27.70 -16.08 0.97
N GLY C 211 -26.90 -17.06 1.39
CA GLY C 211 -27.20 -17.75 2.62
C GLY C 211 -26.96 -19.25 2.60
N VAL C 212 -27.91 -20.02 3.11
CA VAL C 212 -27.77 -21.46 3.23
C VAL C 212 -27.80 -22.14 1.87
N MET C 213 -28.92 -22.04 1.16
CA MET C 213 -29.08 -22.73 -0.12
C MET C 213 -28.81 -21.78 -1.27
N HIS C 214 -27.60 -21.25 -1.28
CA HIS C 214 -27.07 -20.49 -2.39
C HIS C 214 -26.71 -21.38 -3.58
N SER C 215 -26.27 -22.60 -3.32
CA SER C 215 -25.78 -23.48 -4.37
C SER C 215 -26.87 -24.14 -5.19
N ALA C 216 -28.13 -24.07 -4.75
CA ALA C 216 -29.23 -24.72 -5.47
C ALA C 216 -30.28 -23.66 -5.79
N MET C 217 -30.08 -22.96 -6.91
CA MET C 217 -31.06 -22.03 -7.48
C MET C 217 -30.64 -21.77 -8.93
N PRO C 218 -30.91 -22.66 -9.88
CA PRO C 218 -30.38 -22.49 -11.23
C PRO C 218 -31.35 -21.73 -12.13
N ILE C 219 -30.85 -21.43 -13.34
CA ILE C 219 -31.58 -20.76 -14.38
C ILE C 219 -31.52 -21.62 -15.63
N LYS C 220 -32.67 -21.84 -16.27
CA LYS C 220 -32.72 -22.65 -17.48
C LYS C 220 -33.48 -21.91 -18.57
N ILE C 221 -32.83 -21.75 -19.74
CA ILE C 221 -33.38 -20.98 -20.85
C ILE C 221 -33.45 -21.87 -22.08
N GLU C 222 -34.66 -22.06 -22.61
CA GLU C 222 -34.89 -22.79 -23.84
C GLU C 222 -35.21 -21.80 -24.95
N ALA C 223 -34.71 -22.09 -26.15
CA ALA C 223 -34.87 -21.21 -27.30
C ALA C 223 -35.60 -21.97 -28.41
N VAL C 224 -36.92 -21.88 -28.39
CA VAL C 224 -37.77 -22.51 -29.41
C VAL C 224 -37.91 -21.60 -30.61
N SER C 225 -38.51 -22.13 -31.69
CA SER C 225 -38.89 -21.32 -32.83
C SER C 225 -40.14 -20.49 -32.48
N LEU C 226 -40.59 -19.66 -33.42
CA LEU C 226 -41.69 -18.75 -33.17
C LEU C 226 -43.03 -19.46 -33.06
N TYR C 227 -43.24 -20.49 -33.88
CA TYR C 227 -44.49 -21.25 -33.85
C TYR C 227 -44.65 -22.00 -32.53
N GLU C 228 -43.56 -22.58 -32.02
CA GLU C 228 -43.61 -23.27 -30.74
C GLU C 228 -43.80 -22.29 -29.58
N PHE C 229 -43.28 -21.07 -29.69
CA PHE C 229 -43.53 -20.05 -28.68
C PHE C 229 -45.00 -19.63 -28.67
N ILE C 230 -45.60 -19.51 -29.85
CA ILE C 230 -47.02 -19.18 -29.94
C ILE C 230 -47.88 -20.29 -29.35
N ASN C 231 -47.50 -21.55 -29.62
CA ASN C 231 -48.25 -22.67 -29.04
C ASN C 231 -48.01 -22.80 -27.53
N TRP C 232 -46.87 -22.31 -27.05
CA TRP C 232 -46.59 -22.38 -25.62
C TRP C 232 -47.32 -21.29 -24.84
N LEU C 233 -47.46 -20.10 -25.43
CA LEU C 233 -48.23 -19.03 -24.78
C LEU C 233 -49.71 -19.33 -24.67
N ASP C 234 -50.27 -20.17 -25.53
CA ASP C 234 -51.68 -20.47 -25.53
C ASP C 234 -52.03 -21.65 -24.62
N GLU C 235 -51.06 -22.16 -23.87
CA GLU C 235 -51.30 -23.19 -22.87
C GLU C 235 -51.12 -22.66 -21.45
N GLN C 236 -50.10 -21.83 -21.23
CA GLN C 236 -49.91 -21.19 -19.94
C GLN C 236 -50.93 -20.08 -19.73
N MET D 1 31.30 16.44 22.00
CA MET D 1 31.64 15.14 22.59
C MET D 1 33.01 15.18 23.25
N ARG D 2 33.57 16.37 23.42
CA ARG D 2 34.85 16.55 24.09
C ARG D 2 34.74 17.39 25.35
N ILE D 3 33.53 17.52 25.89
CA ILE D 3 33.35 18.06 27.22
C ILE D 3 33.99 17.09 28.22
N GLN D 4 34.53 17.64 29.32
CA GLN D 4 35.39 16.90 30.25
C GLN D 4 34.73 15.68 30.89
N ASN D 5 33.67 15.88 31.68
CA ASN D 5 32.94 14.76 32.28
C ASN D 5 31.65 14.53 31.50
N ARG D 6 31.79 13.86 30.36
CA ARG D 6 30.69 13.62 29.43
C ARG D 6 30.12 12.21 29.52
N GLU D 7 30.91 11.22 29.91
CA GLU D 7 30.43 9.84 29.98
C GLU D 7 29.41 9.61 31.09
N ASN D 8 29.25 10.55 32.03
CA ASN D 8 28.29 10.43 33.12
C ASN D 8 26.88 10.79 32.70
N LEU D 9 26.67 11.28 31.49
CA LEU D 9 25.34 11.63 30.98
C LEU D 9 25.13 10.95 29.64
N GLN D 10 23.87 10.94 29.19
CA GLN D 10 23.47 10.27 27.96
C GLN D 10 24.12 10.89 26.73
N LEU D 11 24.45 10.07 25.74
CA LEU D 11 25.16 10.52 24.56
C LEU D 11 24.24 10.69 23.35
N PHE D 12 22.92 10.61 23.55
CA PHE D 12 21.96 10.82 22.48
C PHE D 12 20.72 11.46 23.07
N PRO D 13 20.08 12.37 22.35
CA PRO D 13 18.97 13.14 22.95
C PRO D 13 17.61 12.50 22.78
N PHE D 14 17.44 11.25 23.24
CA PHE D 14 16.17 10.56 23.08
C PHE D 14 15.82 9.88 24.38
N HIS D 15 14.57 9.44 24.49
CA HIS D 15 14.02 8.96 25.74
C HIS D 15 13.98 7.44 25.78
N LEU D 16 14.50 6.87 26.87
CA LEU D 16 14.40 5.45 27.15
C LEU D 16 13.39 5.26 28.28
N VAL D 17 12.22 4.73 27.94
CA VAL D 17 11.11 4.68 28.88
C VAL D 17 11.33 3.54 29.88
N THR D 18 10.91 3.77 31.12
CA THR D 18 10.87 2.71 32.11
C THR D 18 9.69 1.78 31.83
N ASN D 19 9.73 0.61 32.46
CA ASN D 19 8.70 -0.41 32.25
C ASN D 19 7.40 0.00 32.91
N SER D 20 6.30 -0.10 32.16
CA SER D 20 4.99 0.36 32.61
C SER D 20 3.94 -0.74 32.41
N PRO D 21 2.96 -0.84 33.30
CA PRO D 21 1.93 -1.88 33.19
C PRO D 21 0.66 -1.50 32.46
N TRP D 22 0.56 -0.29 31.91
CA TRP D 22 -0.69 0.21 31.36
C TRP D 22 -1.14 -0.33 29.99
N PRO D 23 -0.23 -0.62 28.98
CA PRO D 23 -0.71 -1.23 27.73
C PRO D 23 -1.46 -2.55 27.86
N LEU D 24 -1.09 -3.38 28.83
CA LEU D 24 -1.83 -4.62 29.06
C LEU D 24 -3.21 -4.33 29.64
N THR D 25 -3.30 -3.37 30.56
CA THR D 25 -4.55 -3.13 31.26
C THR D 25 -5.58 -2.42 30.38
N THR D 26 -5.11 -1.55 29.48
CA THR D 26 -6.03 -0.95 28.51
C THR D 26 -6.63 -2.00 27.59
N SER D 27 -5.82 -2.97 27.16
CA SER D 27 -6.32 -4.04 26.31
C SER D 27 -7.29 -4.95 27.04
N LEU D 28 -7.01 -5.25 28.31
CA LEU D 28 -7.96 -6.05 29.08
C LEU D 28 -9.25 -5.31 29.39
N ALA D 29 -9.22 -3.97 29.49
CA ALA D 29 -10.46 -3.23 29.63
C ALA D 29 -11.26 -3.18 28.33
N LEU D 30 -10.57 -3.02 27.19
CA LEU D 30 -11.25 -3.03 25.91
C LEU D 30 -11.82 -4.39 25.55
N MET D 31 -11.20 -5.50 26.00
CA MET D 31 -11.82 -6.81 25.84
C MET D 31 -13.15 -6.92 26.57
N SER D 32 -13.21 -6.42 27.80
CA SER D 32 -14.45 -6.44 28.57
C SER D 32 -15.52 -5.56 27.92
N LEU D 33 -15.11 -4.39 27.42
CA LEU D 33 -16.06 -3.52 26.73
C LEU D 33 -16.61 -4.16 25.47
N ALA D 34 -15.74 -4.78 24.67
CA ALA D 34 -16.15 -5.39 23.41
C ALA D 34 -17.09 -6.57 23.65
N LEU D 35 -16.74 -7.45 24.59
CA LEU D 35 -17.57 -8.62 24.85
C LEU D 35 -18.89 -8.27 25.51
N THR D 36 -18.91 -7.37 26.51
CA THR D 36 -20.17 -6.98 27.11
C THR D 36 -21.05 -6.15 26.18
N LEU D 37 -20.47 -5.32 25.32
CA LEU D 37 -21.29 -4.64 24.32
C LEU D 37 -21.83 -5.60 23.28
N GLY D 38 -21.06 -6.63 22.90
CA GLY D 38 -21.58 -7.61 21.97
C GLY D 38 -22.63 -8.52 22.57
N LEU D 39 -22.66 -8.67 23.89
CA LEU D 39 -23.63 -9.55 24.52
C LEU D 39 -24.89 -8.83 25.01
N THR D 40 -24.78 -7.66 25.66
CA THR D 40 -25.94 -7.02 26.30
C THR D 40 -27.01 -6.56 25.32
N MET D 41 -26.69 -6.39 24.04
CA MET D 41 -27.69 -6.01 23.06
C MET D 41 -28.48 -7.19 22.53
N HIS D 42 -28.18 -8.41 23.00
CA HIS D 42 -28.89 -9.60 22.56
C HIS D 42 -29.29 -10.49 23.73
N GLY D 43 -29.54 -9.90 24.89
CA GLY D 43 -29.79 -10.69 26.08
C GLY D 43 -28.51 -11.02 26.82
N TYR D 44 -28.45 -12.20 27.42
CA TYR D 44 -27.26 -12.89 27.92
C TYR D 44 -26.60 -12.25 29.15
N ILE D 45 -26.95 -11.00 29.49
CA ILE D 45 -26.42 -10.37 30.70
C ILE D 45 -27.54 -9.75 31.51
N GLY D 46 -28.32 -8.86 30.89
CA GLY D 46 -29.45 -8.25 31.57
C GLY D 46 -29.15 -6.95 32.28
N ASN D 47 -28.33 -7.00 33.33
CA ASN D 47 -27.98 -5.79 34.06
C ASN D 47 -26.99 -4.96 33.25
N HIS D 48 -27.18 -3.64 33.27
CA HIS D 48 -26.35 -2.73 32.49
C HIS D 48 -25.24 -2.09 33.32
N LEU D 49 -24.80 -2.73 34.40
CA LEU D 49 -23.77 -2.18 35.26
C LEU D 49 -22.38 -2.72 34.97
N TRP D 50 -22.25 -3.66 34.05
CA TRP D 50 -20.93 -4.16 33.68
C TRP D 50 -20.30 -3.34 32.56
N LEU D 51 -21.13 -2.90 31.62
CA LEU D 51 -20.68 -2.05 30.52
C LEU D 51 -20.16 -0.71 31.04
N PHE D 52 -20.83 -0.17 32.05
CA PHE D 52 -20.42 1.09 32.66
C PHE D 52 -19.07 0.95 33.37
N LEU D 53 -18.84 -0.20 34.04
CA LEU D 53 -17.52 -0.47 34.62
C LEU D 53 -16.45 -0.56 33.54
N ALA D 54 -16.78 -1.16 32.39
CA ALA D 54 -15.81 -1.26 31.31
C ALA D 54 -15.40 0.12 30.77
N ILE D 55 -16.39 1.00 30.55
CA ILE D 55 -16.10 2.35 30.08
C ILE D 55 -15.30 3.14 31.11
N SER D 56 -15.66 3.00 32.40
CA SER D 56 -14.95 3.72 33.46
C SER D 56 -13.50 3.26 33.59
N LEU D 57 -13.25 1.95 33.42
CA LEU D 57 -11.89 1.46 33.48
C LEU D 57 -11.05 1.88 32.28
N VAL D 58 -11.65 1.96 31.09
CA VAL D 58 -10.90 2.49 29.93
C VAL D 58 -10.48 3.93 30.16
N LEU D 59 -11.41 4.76 30.67
CA LEU D 59 -11.07 6.16 30.92
C LEU D 59 -10.04 6.33 32.03
N SER D 60 -10.14 5.54 33.10
CA SER D 60 -9.15 5.62 34.18
C SER D 60 -7.79 5.14 33.73
N SER D 61 -7.74 4.16 32.83
CA SER D 61 -6.46 3.70 32.30
C SER D 61 -5.79 4.77 31.45
N ILE D 62 -6.56 5.48 30.63
CA ILE D 62 -6.00 6.58 29.84
C ILE D 62 -5.47 7.70 30.75
N PHE D 63 -6.22 8.02 31.80
CA PHE D 63 -5.78 9.03 32.77
C PHE D 63 -4.51 8.60 33.51
N LEU D 64 -4.37 7.30 33.78
CA LEU D 64 -3.17 6.78 34.42
C LEU D 64 -1.96 6.77 33.49
N TRP D 65 -2.16 6.64 32.16
CA TRP D 65 -1.08 6.93 31.22
C TRP D 65 -0.64 8.39 31.32
N VAL D 66 -1.63 9.30 31.34
CA VAL D 66 -1.37 10.72 31.34
C VAL D 66 -0.61 11.18 32.60
N ARG D 67 -0.90 10.56 33.76
CA ARG D 67 -0.10 10.84 34.96
C ARG D 67 1.38 10.56 34.75
N ASP D 68 1.71 9.41 34.15
CA ASP D 68 3.11 9.08 33.97
C ASP D 68 3.77 9.88 32.86
N VAL D 69 3.03 10.38 31.86
CA VAL D 69 3.69 11.23 30.87
C VAL D 69 3.91 12.64 31.41
N VAL D 70 3.07 13.12 32.34
CA VAL D 70 3.35 14.40 33.00
C VAL D 70 4.59 14.37 33.91
N ILE D 71 4.75 13.36 34.77
CA ILE D 71 5.90 13.27 35.67
C ILE D 71 7.22 13.14 34.92
N GLU D 72 7.24 12.49 33.77
CA GLU D 72 8.45 12.33 32.98
C GLU D 72 8.85 13.59 32.24
N GLY D 73 8.03 14.65 32.29
CA GLY D 73 8.36 15.88 31.60
C GLY D 73 8.59 17.08 32.47
N THR D 74 7.91 17.16 33.61
CA THR D 74 8.07 18.29 34.51
C THR D 74 8.81 17.93 35.78
N TYR D 75 9.04 16.66 36.06
CA TYR D 75 9.73 16.26 37.28
C TYR D 75 11.05 15.56 36.97
N LEU D 76 11.01 14.49 36.17
CA LEU D 76 12.23 13.79 35.82
C LEU D 76 13.08 14.61 34.86
N GLY D 77 12.44 15.29 33.91
CA GLY D 77 13.11 16.24 33.07
C GLY D 77 13.77 15.64 31.84
N ASP D 78 13.04 14.78 31.13
CA ASP D 78 13.53 14.22 29.87
C ASP D 78 12.55 14.59 28.76
N HIS D 79 12.69 15.81 28.25
CA HIS D 79 12.01 16.27 27.05
C HIS D 79 12.93 17.31 26.41
N THR D 80 13.77 16.83 25.49
CA THR D 80 14.69 17.71 24.77
C THR D 80 13.99 18.35 23.59
N ILE D 81 14.75 18.96 22.69
CA ILE D 81 14.15 19.60 21.51
C ILE D 81 13.66 18.55 20.51
N ALA D 82 14.33 17.41 20.43
CA ALA D 82 13.92 16.37 19.48
C ALA D 82 12.63 15.68 19.90
N VAL D 83 12.48 15.39 21.20
CA VAL D 83 11.33 14.62 21.67
C VAL D 83 10.05 15.44 21.56
N ARG D 84 10.12 16.75 21.80
CA ARG D 84 8.98 17.63 21.61
C ARG D 84 8.52 17.71 20.17
N LYS D 85 9.48 17.76 19.22
CA LYS D 85 9.16 17.69 17.81
C LYS D 85 8.50 16.37 17.45
N GLY D 86 8.98 15.26 18.03
CA GLY D 86 8.35 13.97 17.79
C GLY D 86 6.92 13.90 18.29
N LEU D 87 6.66 14.47 19.47
CA LEU D 87 5.31 14.47 20.02
C LEU D 87 4.37 15.34 19.19
N ASN D 88 4.87 16.46 18.67
CA ASN D 88 4.04 17.29 17.80
C ASN D 88 3.69 16.59 16.49
N ILE D 89 4.66 15.90 15.89
CA ILE D 89 4.42 15.12 14.68
C ILE D 89 3.40 14.02 14.93
N GLY D 90 3.53 13.35 16.08
CA GLY D 90 2.57 12.36 16.52
C GLY D 90 1.16 12.90 16.64
N PHE D 91 0.96 14.02 17.33
CA PHE D 91 -0.36 14.61 17.50
C PHE D 91 -1.00 15.06 16.19
N MET D 92 -0.20 15.62 15.28
CA MET D 92 -0.73 15.98 13.97
C MET D 92 -1.17 14.75 13.17
N LEU D 93 -0.44 13.65 13.25
CA LEU D 93 -0.87 12.46 12.51
C LEU D 93 -2.05 11.73 13.16
N PHE D 94 -2.49 12.10 14.37
CA PHE D 94 -3.76 11.65 14.90
C PHE D 94 -4.91 12.57 14.55
N VAL D 95 -4.67 13.89 14.50
CA VAL D 95 -5.70 14.83 14.09
C VAL D 95 -6.08 14.59 12.64
N LEU D 96 -5.08 14.22 11.82
CA LEU D 96 -5.34 13.89 10.42
C LEU D 96 -6.26 12.68 10.27
N SER D 97 -6.06 11.66 11.10
CA SER D 97 -6.94 10.50 11.06
C SER D 97 -8.30 10.81 11.67
N GLU D 98 -8.36 11.76 12.59
CA GLU D 98 -9.63 12.23 13.14
C GLU D 98 -10.48 12.97 12.12
N ILE D 99 -9.87 13.74 11.22
CA ILE D 99 -10.61 14.44 10.17
C ILE D 99 -11.21 13.48 9.15
N LEU D 100 -10.50 12.43 8.78
CA LEU D 100 -10.90 11.57 7.68
C LEU D 100 -12.07 10.64 8.01
N ILE D 101 -12.46 10.53 9.29
CA ILE D 101 -13.72 9.90 9.63
C ILE D 101 -14.91 10.76 9.24
N PHE D 102 -14.80 12.08 9.38
CA PHE D 102 -15.88 13.00 8.99
C PHE D 102 -16.05 13.10 7.48
N ALA D 103 -14.99 12.89 6.70
CA ALA D 103 -15.12 12.92 5.25
C ALA D 103 -15.96 11.76 4.74
N ALA D 104 -15.87 10.60 5.39
CA ALA D 104 -16.71 9.46 5.04
C ALA D 104 -18.18 9.75 5.32
N LEU D 105 -18.46 10.45 6.42
CA LEU D 105 -19.84 10.81 6.75
C LEU D 105 -20.36 11.91 5.84
N PHE D 106 -19.48 12.79 5.37
CA PHE D 106 -19.88 13.81 4.41
C PHE D 106 -20.18 13.19 3.04
N TRP D 107 -19.37 12.22 2.62
CA TRP D 107 -19.63 11.50 1.37
C TRP D 107 -20.82 10.56 1.47
N SER D 108 -21.15 10.07 2.66
CA SER D 108 -22.36 9.29 2.86
C SER D 108 -23.62 10.14 2.84
N TYR D 109 -23.50 11.47 2.88
CA TYR D 109 -24.66 12.33 2.76
C TYR D 109 -24.87 12.80 1.34
N PHE D 110 -23.81 13.13 0.61
CA PHE D 110 -23.94 13.60 -0.76
C PHE D 110 -24.28 12.50 -1.75
N HIS D 111 -24.02 11.25 -1.40
CA HIS D 111 -24.41 10.10 -2.21
C HIS D 111 -25.85 9.72 -2.03
N SER D 112 -26.49 10.20 -0.97
CA SER D 112 -27.91 9.99 -0.76
C SER D 112 -28.73 11.22 -1.08
N ALA D 113 -28.22 12.43 -0.80
CA ALA D 113 -28.95 13.65 -1.09
C ALA D 113 -29.05 13.89 -2.59
N MET D 114 -27.95 13.77 -3.31
CA MET D 114 -27.93 13.95 -4.76
C MET D 114 -28.19 12.62 -5.46
N GLY D 115 -29.47 12.37 -5.77
CA GLY D 115 -29.88 11.11 -6.33
C GLY D 115 -30.86 10.26 -5.52
N PRO D 116 -31.89 10.86 -4.90
CA PRO D 116 -32.65 10.12 -3.87
C PRO D 116 -33.49 9.00 -4.46
N THR D 117 -33.82 8.03 -3.61
CA THR D 117 -34.43 6.78 -4.04
C THR D 117 -35.92 6.95 -4.35
N ILE D 118 -36.55 5.83 -4.69
CA ILE D 118 -37.96 5.83 -5.10
C ILE D 118 -38.88 5.89 -3.89
N GLU D 119 -38.52 5.14 -2.83
CA GLU D 119 -39.37 4.92 -1.66
C GLU D 119 -39.68 6.21 -0.91
N ILE D 120 -38.67 7.03 -0.65
CA ILE D 120 -38.92 8.42 -0.30
C ILE D 120 -39.35 9.12 -1.58
N GLY D 121 -40.49 9.81 -1.56
CA GLY D 121 -40.87 10.71 -2.64
C GLY D 121 -39.81 11.78 -2.76
N CYS D 122 -39.29 11.98 -3.98
CA CYS D 122 -37.98 12.61 -4.17
C CYS D 122 -37.99 14.08 -3.77
N GLN D 123 -37.55 14.32 -2.54
CA GLN D 123 -37.56 15.61 -1.85
C GLN D 123 -36.70 15.49 -0.60
N TRP D 124 -35.76 16.41 -0.43
CA TRP D 124 -35.02 16.51 0.83
C TRP D 124 -35.74 17.48 1.76
N PRO D 125 -35.22 17.69 2.97
CA PRO D 125 -35.82 17.04 4.15
C PRO D 125 -37.29 16.72 3.93
N PRO D 126 -37.64 15.44 3.99
CA PRO D 126 -38.85 14.95 3.30
C PRO D 126 -40.14 15.29 4.02
N VAL D 127 -41.24 14.73 3.50
CA VAL D 127 -42.59 15.09 3.94
C VAL D 127 -42.82 14.54 5.35
N GLY D 128 -43.37 15.39 6.22
CA GLY D 128 -43.66 15.03 7.58
C GLY D 128 -42.49 15.17 8.54
N ILE D 129 -41.32 15.58 8.06
CA ILE D 129 -40.13 15.71 8.90
C ILE D 129 -39.70 17.16 8.81
N THR D 130 -39.96 17.93 9.87
CA THR D 130 -39.58 19.33 9.93
C THR D 130 -38.15 19.43 10.44
N SER D 131 -37.31 20.15 9.71
CA SER D 131 -35.89 20.28 10.06
C SER D 131 -35.74 21.36 11.14
N ILE D 132 -34.49 21.70 11.44
CA ILE D 132 -34.16 22.66 12.49
C ILE D 132 -33.82 23.98 11.80
N LYS D 133 -34.49 25.06 12.23
CA LYS D 133 -34.31 26.35 11.61
C LYS D 133 -32.94 26.93 11.94
N PRO D 134 -32.23 27.50 10.97
CA PRO D 134 -30.86 27.97 11.23
C PRO D 134 -30.78 29.43 11.66
N THR D 135 -31.91 30.10 11.86
CA THR D 135 -31.92 31.47 12.35
C THR D 135 -32.27 31.51 13.84
N GLU D 136 -31.98 30.43 14.55
CA GLU D 136 -32.36 30.24 15.94
C GLU D 136 -31.07 29.87 16.68
N LEU D 137 -31.17 29.18 17.81
CA LEU D 137 -30.10 28.64 18.66
C LEU D 137 -28.86 28.08 17.96
N PRO D 138 -28.94 27.44 16.74
CA PRO D 138 -27.67 27.13 16.04
C PRO D 138 -26.85 28.31 15.53
N LEU D 139 -27.28 29.56 15.70
CA LEU D 139 -26.40 30.70 15.52
C LEU D 139 -25.58 31.04 16.75
N LEU D 140 -26.18 30.92 17.93
CA LEU D 140 -25.48 31.23 19.17
C LEU D 140 -24.31 30.29 19.41
N ASN D 141 -24.44 29.03 18.97
CA ASN D 141 -23.34 28.08 19.06
C ASN D 141 -22.17 28.49 18.18
N THR D 142 -22.45 28.96 16.96
CA THR D 142 -21.38 29.42 16.08
C THR D 142 -20.70 30.68 16.65
N ILE D 143 -21.49 31.60 17.21
CA ILE D 143 -20.92 32.80 17.83
C ILE D 143 -20.05 32.46 19.03
N ILE D 144 -20.49 31.52 19.89
CA ILE D 144 -19.66 31.20 21.04
C ILE D 144 -18.44 30.36 20.66
N LEU D 145 -18.50 29.59 19.56
CA LEU D 145 -17.28 28.92 19.10
C LEU D 145 -16.25 29.87 18.50
N LEU D 146 -16.67 30.86 17.70
CA LEU D 146 -15.70 31.85 17.24
C LEU D 146 -15.24 32.78 18.35
N ALA D 147 -16.01 32.92 19.44
CA ALA D 147 -15.50 33.65 20.59
C ALA D 147 -14.47 32.83 21.37
N SER D 148 -14.71 31.52 21.49
CA SER D 148 -13.78 30.66 22.20
C SER D 148 -12.49 30.47 21.41
N GLY D 149 -12.57 30.57 20.08
CA GLY D 149 -11.36 30.50 19.29
C GLY D 149 -10.49 31.74 19.42
N ALA D 150 -11.09 32.86 19.85
CA ALA D 150 -10.34 34.09 20.09
C ALA D 150 -9.89 34.23 21.53
N THR D 151 -10.58 33.56 22.46
CA THR D 151 -10.19 33.65 23.86
C THR D 151 -8.94 32.84 24.18
N VAL D 152 -8.70 31.72 23.49
CA VAL D 152 -7.47 30.94 23.73
C VAL D 152 -6.22 31.60 23.18
N THR D 153 -6.34 32.51 22.22
CA THR D 153 -5.19 33.25 21.74
C THR D 153 -4.70 34.26 22.77
N TRP D 154 -5.62 34.84 23.54
CA TRP D 154 -5.26 35.72 24.65
C TRP D 154 -4.65 34.94 25.82
N ALA D 155 -4.86 33.64 25.89
CA ALA D 155 -4.23 32.80 26.90
C ALA D 155 -2.81 32.40 26.54
N HIS D 156 -2.54 32.15 25.26
CA HIS D 156 -1.20 31.83 24.79
C HIS D 156 -0.34 33.07 24.59
N HIS D 157 -0.96 34.25 24.48
CA HIS D 157 -0.22 35.50 24.34
C HIS D 157 0.08 36.14 25.67
N SER D 158 -0.50 35.64 26.76
CA SER D 158 -0.20 36.13 28.09
C SER D 158 0.78 35.25 28.84
N ILE D 159 1.11 34.07 28.32
CA ILE D 159 2.16 33.24 28.88
C ILE D 159 3.51 33.53 28.26
N LEU D 160 3.55 34.26 27.14
CA LEU D 160 4.79 34.67 26.52
C LEU D 160 5.26 36.05 26.99
N TYR D 161 4.38 36.85 27.56
CA TYR D 161 4.72 38.15 28.11
C TYR D 161 4.79 38.09 29.64
N LYS D 162 4.71 36.88 30.20
CA LYS D 162 4.88 36.58 31.63
C LYS D 162 3.83 37.28 32.50
N ASP D 163 2.56 36.98 32.20
CA ASP D 163 1.43 37.39 33.02
C ASP D 163 0.69 36.14 33.48
N ARG D 164 0.58 35.96 34.80
CA ARG D 164 -0.10 34.79 35.32
C ARG D 164 -1.60 35.01 35.41
N GLN D 165 -2.02 36.15 35.98
CA GLN D 165 -3.43 36.56 35.94
C GLN D 165 -3.69 37.18 34.57
N GLY D 166 -4.22 36.35 33.68
CA GLY D 166 -4.38 36.71 32.29
C GLY D 166 -4.17 35.49 31.43
N THR D 167 -3.62 34.44 32.03
CA THR D 167 -3.60 33.11 31.45
C THR D 167 -4.63 32.20 32.10
N LEU D 168 -4.84 32.32 33.41
CA LEU D 168 -5.89 31.62 34.13
C LEU D 168 -7.28 32.09 33.73
N VAL D 169 -7.43 33.39 33.48
CA VAL D 169 -8.73 33.97 33.15
C VAL D 169 -9.20 33.54 31.77
N GLY D 170 -8.30 33.52 30.79
CA GLY D 170 -8.64 33.14 29.43
C GLY D 170 -9.07 31.70 29.33
N LEU D 171 -8.36 30.82 30.02
CA LEU D 171 -8.69 29.41 30.06
C LEU D 171 -10.00 29.14 30.79
N PHE D 172 -10.28 29.88 31.87
CA PHE D 172 -11.55 29.76 32.57
C PHE D 172 -12.72 30.19 31.71
N ILE D 173 -12.58 31.32 31.02
CA ILE D 173 -13.65 31.82 30.16
C ILE D 173 -13.86 30.89 28.97
N THR D 174 -12.78 30.31 28.45
CA THR D 174 -12.91 29.35 27.35
C THR D 174 -13.64 28.08 27.81
N THR D 175 -13.31 27.58 29.00
CA THR D 175 -13.99 26.40 29.53
C THR D 175 -15.45 26.69 29.81
N LEU D 176 -15.75 27.92 30.22
CA LEU D 176 -17.17 28.25 30.32
C LEU D 176 -17.81 28.56 28.96
N LEU D 177 -17.10 28.74 27.85
CA LEU D 177 -17.75 28.92 26.55
C LEU D 177 -17.86 27.65 25.75
N ILE D 178 -17.36 26.52 26.27
CA ILE D 178 -17.55 25.21 25.66
C ILE D 178 -18.62 24.40 26.37
N ILE D 179 -18.81 24.61 27.68
CA ILE D 179 -19.92 24.02 28.41
C ILE D 179 -21.27 24.54 27.90
N LEU D 180 -21.36 25.81 27.53
CA LEU D 180 -22.59 26.35 26.96
C LEU D 180 -22.91 25.81 25.58
N PHE D 181 -21.89 25.47 24.77
CA PHE D 181 -22.14 24.81 23.49
C PHE D 181 -22.78 23.44 23.68
N VAL D 182 -22.24 22.66 24.62
CA VAL D 182 -22.80 21.35 24.97
C VAL D 182 -24.21 21.51 25.55
N GLY D 183 -24.42 22.51 26.40
CA GLY D 183 -25.74 22.72 26.98
C GLY D 183 -26.77 23.16 25.96
N CYS D 184 -26.35 23.93 24.95
CA CYS D 184 -27.28 24.30 23.90
C CYS D 184 -27.56 23.13 22.97
N GLN D 185 -26.57 22.26 22.76
CA GLN D 185 -26.75 21.13 21.86
C GLN D 185 -27.43 19.95 22.54
N VAL D 186 -27.59 19.95 23.87
CA VAL D 186 -28.39 18.94 24.55
C VAL D 186 -29.83 19.39 24.74
N LEU D 187 -30.09 20.69 24.80
CA LEU D 187 -31.45 21.20 24.80
C LEU D 187 -32.06 21.25 23.40
N GLU D 188 -31.23 21.13 22.36
CA GLU D 188 -31.70 21.04 20.98
C GLU D 188 -31.93 19.59 20.57
N TYR D 189 -31.56 18.62 21.41
CA TYR D 189 -31.91 17.22 21.20
C TYR D 189 -33.12 16.78 21.99
N THR D 190 -33.63 17.60 22.90
CA THR D 190 -34.86 17.31 23.61
C THR D 190 -36.05 18.10 23.07
N TRP D 191 -35.83 19.01 22.12
CA TRP D 191 -36.87 19.83 21.52
C TRP D 191 -36.92 19.61 20.02
N ALA D 192 -36.71 18.38 19.59
CA ALA D 192 -36.68 18.03 18.18
C ALA D 192 -37.83 17.09 17.85
N THR D 193 -38.24 17.10 16.59
CA THR D 193 -39.44 16.39 16.15
C THR D 193 -39.13 15.23 15.22
N PHE D 194 -37.86 14.84 15.13
CA PHE D 194 -37.49 13.68 14.32
C PHE D 194 -36.41 12.89 15.06
N THR D 195 -36.52 11.57 15.03
CA THR D 195 -35.70 10.69 15.82
C THR D 195 -34.63 10.03 14.95
N ILE D 196 -33.94 9.06 15.55
CA ILE D 196 -32.83 8.36 14.92
C ILE D 196 -33.30 7.51 13.73
N ALA D 197 -34.50 6.95 13.83
CA ALA D 197 -34.90 5.81 13.00
C ALA D 197 -35.88 6.14 11.88
N ASP D 198 -36.35 7.37 11.77
CA ASP D 198 -37.56 7.63 10.98
C ASP D 198 -37.23 8.10 9.56
N SER D 199 -35.95 8.05 9.21
CA SER D 199 -35.47 8.50 7.90
C SER D 199 -34.01 8.10 7.69
N VAL D 200 -33.45 8.44 6.53
CA VAL D 200 -32.01 8.36 6.32
C VAL D 200 -31.42 9.72 6.69
N PHE D 201 -32.26 10.76 6.60
CA PHE D 201 -31.85 12.10 7.01
C PHE D 201 -31.67 12.23 8.51
N GLY D 202 -32.46 11.51 9.30
CA GLY D 202 -32.30 11.52 10.74
C GLY D 202 -31.30 10.48 11.19
N SER D 203 -30.70 9.77 10.25
CA SER D 203 -29.62 8.85 10.55
C SER D 203 -28.24 9.47 10.42
N ILE D 204 -28.04 10.35 9.45
CA ILE D 204 -26.75 11.00 9.24
C ILE D 204 -26.62 12.28 10.07
N PHE D 205 -27.73 12.95 10.39
CA PHE D 205 -27.69 14.15 11.21
C PHE D 205 -27.35 13.82 12.65
N TYR D 206 -27.79 12.67 13.15
CA TYR D 206 -27.44 12.22 14.50
C TYR D 206 -26.24 11.29 14.50
N ALA D 207 -25.53 11.20 13.40
CA ALA D 207 -24.26 10.50 13.39
C ALA D 207 -23.10 11.39 12.95
N GLY D 208 -23.37 12.61 12.52
CA GLY D 208 -22.33 13.59 12.26
C GLY D 208 -22.28 14.62 13.36
N THR D 209 -23.40 14.81 14.06
CA THR D 209 -23.47 15.71 15.18
C THR D 209 -23.50 14.98 16.51
N GLY D 210 -23.15 13.69 16.52
CA GLY D 210 -23.06 12.95 17.75
C GLY D 210 -21.61 12.62 18.06
N LEU D 211 -20.82 12.42 17.01
CA LEU D 211 -19.38 12.23 17.17
C LEU D 211 -18.69 13.53 17.55
N HIS D 212 -19.22 14.65 17.06
CA HIS D 212 -18.73 15.98 17.39
C HIS D 212 -18.94 16.29 18.87
N PHE D 213 -20.06 15.80 19.43
CA PHE D 213 -20.36 15.96 20.84
C PHE D 213 -19.34 15.25 21.72
N ILE D 214 -19.00 14.01 21.35
CA ILE D 214 -18.00 13.24 22.08
C ILE D 214 -16.62 13.87 21.93
N HIS D 215 -16.33 14.42 20.75
CA HIS D 215 -15.06 15.12 20.55
C HIS D 215 -14.99 16.44 21.29
N MET D 216 -16.14 17.02 21.68
CA MET D 216 -16.14 18.25 22.46
C MET D 216 -16.18 18.04 23.97
N VAL D 217 -16.59 16.87 24.47
CA VAL D 217 -16.38 16.59 25.89
C VAL D 217 -14.88 16.47 26.20
N MET D 218 -14.10 15.95 25.24
CA MET D 218 -12.66 15.84 25.40
C MET D 218 -11.99 17.19 25.54
N LEU D 219 -12.52 18.24 24.89
CA LEU D 219 -11.97 19.58 25.08
C LEU D 219 -12.22 20.11 26.47
N ILE D 220 -13.38 19.83 27.07
CA ILE D 220 -13.62 20.25 28.44
C ILE D 220 -12.65 19.58 29.40
N VAL D 221 -12.41 18.29 29.21
CA VAL D 221 -11.37 17.61 30.00
C VAL D 221 -9.97 18.19 29.75
N MET D 222 -9.60 18.42 28.50
CA MET D 222 -8.26 18.89 28.16
C MET D 222 -7.98 20.30 28.69
N LEU D 223 -8.96 21.20 28.65
CA LEU D 223 -8.76 22.50 29.27
C LEU D 223 -8.88 22.49 30.78
N ALA D 224 -9.56 21.50 31.36
CA ALA D 224 -9.47 21.33 32.81
C ALA D 224 -8.05 20.97 33.25
N ILE D 225 -7.39 20.07 32.52
CA ILE D 225 -6.03 19.67 32.89
C ILE D 225 -5.01 20.71 32.40
N CYS D 226 -5.46 21.74 31.70
CA CYS D 226 -4.58 22.86 31.37
C CYS D 226 -4.74 24.05 32.29
N TYR D 227 -5.91 24.26 32.89
CA TYR D 227 -6.04 25.20 33.99
C TYR D 227 -5.44 24.69 35.28
N ALA D 228 -5.69 23.42 35.63
CA ALA D 228 -5.21 22.88 36.88
C ALA D 228 -3.70 22.65 36.90
N ARG D 229 -3.10 22.38 35.74
CA ARG D 229 -1.65 22.24 35.67
C ARG D 229 -0.95 23.58 35.59
N MET D 230 -1.68 24.67 35.37
CA MET D 230 -1.11 26.00 35.36
C MET D 230 -1.24 26.67 36.71
N TYR D 231 -2.27 26.32 37.48
CA TYR D 231 -2.41 26.81 38.85
C TYR D 231 -1.29 26.31 39.76
N PHE D 232 -0.75 25.13 39.49
CA PHE D 232 0.22 24.49 40.37
C PHE D 232 1.66 24.66 39.88
N TYR D 233 1.89 25.63 39.00
CA TYR D 233 3.21 26.02 38.47
C TYR D 233 3.93 24.88 37.76
N HIS D 234 3.34 24.36 36.68
CA HIS D 234 4.07 23.44 35.82
C HIS D 234 4.50 24.03 34.49
N PHE D 235 4.00 25.19 34.09
CA PHE D 235 4.21 25.70 32.74
C PHE D 235 5.20 26.86 32.77
N THR D 236 6.26 26.75 31.97
CA THR D 236 7.19 27.85 31.80
C THR D 236 6.84 28.64 30.55
N SER D 237 7.61 29.71 30.30
CA SER D 237 7.30 30.64 29.24
C SER D 237 7.81 30.20 27.87
N ASN D 238 8.51 29.08 27.77
CA ASN D 238 8.89 28.54 26.47
C ASN D 238 8.74 27.04 26.36
N HIS D 239 8.33 26.34 27.41
CA HIS D 239 8.16 24.89 27.42
C HIS D 239 6.76 24.60 27.91
N HIS D 240 5.79 24.62 26.99
CA HIS D 240 4.39 24.34 27.32
C HIS D 240 3.79 23.59 26.12
N LEU D 241 3.80 22.27 26.22
CA LEU D 241 3.30 21.42 25.14
C LEU D 241 1.88 20.94 25.40
N GLY D 242 1.24 21.45 26.45
CA GLY D 242 -0.12 21.09 26.72
C GLY D 242 -1.07 22.12 26.14
N LEU D 243 -0.63 23.37 26.12
CA LEU D 243 -1.45 24.42 25.53
C LEU D 243 -1.46 24.32 24.02
N GLU D 244 -0.32 24.01 23.41
CA GLU D 244 -0.19 24.01 21.95
C GLU D 244 -1.00 22.89 21.31
N THR D 245 -1.11 21.75 22.00
CA THR D 245 -1.93 20.67 21.47
C THR D 245 -3.42 20.93 21.63
N THR D 246 -3.84 21.61 22.70
CA THR D 246 -5.26 21.90 22.85
C THR D 246 -5.72 23.07 21.99
N ILE D 247 -4.83 24.00 21.64
CA ILE D 247 -5.18 25.05 20.70
C ILE D 247 -5.36 24.51 19.29
N LEU D 248 -4.51 23.60 18.85
CA LEU D 248 -4.64 22.94 17.56
C LEU D 248 -5.86 22.03 17.50
N TYR D 249 -6.34 21.58 18.64
CA TYR D 249 -7.48 20.68 18.71
C TYR D 249 -8.79 21.44 18.79
N LEU D 250 -8.76 22.69 19.27
CA LEU D 250 -9.96 23.51 19.28
C LEU D 250 -10.30 24.05 17.90
N HIS D 251 -9.29 24.51 17.15
CA HIS D 251 -9.49 25.17 15.87
C HIS D 251 -9.99 24.20 14.80
N VAL D 252 -9.49 22.96 14.81
CA VAL D 252 -9.98 21.92 13.91
C VAL D 252 -11.45 21.63 14.14
N LEU D 253 -11.88 21.54 15.41
CA LEU D 253 -13.29 21.33 15.71
C LEU D 253 -14.15 22.52 15.32
N ASP D 254 -13.63 23.74 15.42
CA ASP D 254 -14.37 24.91 14.95
C ASP D 254 -14.55 24.88 13.43
N ILE D 255 -13.49 24.54 12.69
CA ILE D 255 -13.61 24.44 11.23
C ILE D 255 -14.56 23.31 10.83
N ILE D 256 -14.55 22.21 11.59
CA ILE D 256 -15.51 21.12 11.33
C ILE D 256 -16.94 21.56 11.61
N TRP D 257 -17.18 22.34 12.66
CA TRP D 257 -18.53 22.85 12.92
C TRP D 257 -19.02 23.82 11.87
N LEU D 258 -18.13 24.66 11.32
CA LEU D 258 -18.57 25.52 10.22
C LEU D 258 -18.84 24.77 8.92
N PHE D 259 -18.41 23.51 8.79
CA PHE D 259 -18.93 22.65 7.74
C PHE D 259 -20.05 21.75 8.21
N LEU D 260 -20.37 21.70 9.50
CA LEU D 260 -21.53 20.96 9.97
C LEU D 260 -22.76 21.83 10.06
N TYR D 261 -22.65 23.10 9.67
CA TYR D 261 -23.72 24.06 9.77
C TYR D 261 -24.21 24.54 8.41
N ILE D 262 -23.38 24.47 7.38
CA ILE D 262 -23.79 24.85 6.03
C ILE D 262 -24.53 23.72 5.33
N VAL D 263 -24.08 22.46 5.51
CA VAL D 263 -24.62 21.35 4.74
C VAL D 263 -25.76 20.65 5.45
N PHE D 264 -25.86 20.75 6.76
CA PHE D 264 -26.98 20.06 7.40
C PHE D 264 -28.08 21.01 7.83
N TYR D 265 -27.75 22.23 8.22
CA TYR D 265 -28.73 23.16 8.76
C TYR D 265 -29.25 24.15 7.73
N TRP D 266 -28.44 24.52 6.74
CA TRP D 266 -28.86 25.46 5.72
C TRP D 266 -29.25 24.76 4.42
N TRP D 267 -28.33 23.98 3.85
CA TRP D 267 -28.57 23.32 2.58
C TRP D 267 -29.57 22.20 2.73
N GLY D 268 -30.58 22.19 1.89
CA GLY D 268 -31.62 21.17 1.93
C GLY D 268 -32.30 20.95 0.60
N GLN E 1 19.69 17.88 43.85
CA GLN E 1 19.82 17.22 45.13
C GLN E 1 21.10 17.69 45.79
N PHE E 2 21.85 18.50 45.06
CA PHE E 2 23.17 18.96 45.51
C PHE E 2 23.43 20.34 44.94
N LYS E 3 24.70 20.75 44.90
CA LYS E 3 25.07 22.08 44.45
C LYS E 3 24.74 22.27 42.96
N THR E 4 24.16 23.42 42.64
CA THR E 4 23.70 23.71 41.29
C THR E 4 24.84 24.28 40.46
N ALA E 5 24.86 23.94 39.19
CA ALA E 5 25.90 24.39 38.28
C ALA E 5 25.55 25.76 37.72
N THR E 6 26.56 26.38 37.10
CA THR E 6 26.38 27.67 36.43
C THR E 6 26.84 27.62 34.97
N SER E 7 27.88 26.86 34.67
CA SER E 7 28.33 26.65 33.31
C SER E 7 28.82 25.22 33.20
N ILE E 8 29.04 24.75 31.97
CA ILE E 8 29.42 23.35 31.83
C ILE E 8 30.94 23.20 31.96
N ALA E 9 31.39 23.31 33.21
CA ALA E 9 32.70 22.85 33.65
C ALA E 9 32.49 22.26 35.04
N GLU E 10 31.32 22.53 35.60
CA GLU E 10 30.95 22.17 36.96
C GLU E 10 29.80 21.19 36.97
N VAL E 11 29.66 20.42 35.89
CA VAL E 11 28.61 19.42 35.80
C VAL E 11 29.25 18.04 35.82
N GLU E 12 29.20 17.38 36.97
CA GLU E 12 29.78 16.06 37.14
C GLU E 12 28.74 14.95 37.14
N GLY E 13 27.51 15.25 36.74
CA GLY E 13 26.47 14.25 36.74
C GLY E 13 25.10 14.89 36.65
N LEU E 14 24.09 14.09 36.98
CA LEU E 14 22.70 14.55 37.03
C LEU E 14 22.34 15.11 38.40
N GLU E 15 23.31 15.23 39.30
CA GLU E 15 23.08 15.74 40.64
C GLU E 15 23.32 17.23 40.76
N ASN E 16 23.89 17.86 39.73
CA ASN E 16 24.27 19.26 39.79
C ASN E 16 23.37 20.13 38.92
N LEU E 17 22.18 19.65 38.57
CA LEU E 17 21.34 20.30 37.58
C LEU E 17 19.90 20.39 38.04
N VAL E 18 19.64 20.88 39.26
CA VAL E 18 18.27 21.05 39.75
C VAL E 18 17.81 22.51 39.67
N GLY E 19 18.70 23.46 39.95
CA GLY E 19 18.37 24.85 39.79
C GLY E 19 17.65 25.42 40.99
N PRO E 20 17.56 26.74 41.06
CA PRO E 20 16.85 27.40 42.16
C PRO E 20 15.34 27.37 41.91
N GLY E 21 14.60 28.07 42.75
CA GLY E 21 13.16 28.13 42.65
C GLY E 21 12.69 29.46 42.09
N ALA E 22 11.52 29.42 41.45
CA ALA E 22 10.85 30.64 41.04
C ALA E 22 10.10 31.24 42.22
N LYS E 23 9.59 32.45 42.02
CA LYS E 23 8.88 33.18 43.07
C LYS E 23 7.39 33.15 42.82
N THR E 24 6.63 33.28 43.90
CA THR E 24 5.18 33.11 43.85
C THR E 24 4.53 34.31 43.20
N GLY E 25 3.81 34.09 42.11
CA GLY E 25 3.09 35.14 41.43
C GLY E 25 3.70 35.52 40.10
N THR E 26 4.64 34.72 39.62
CA THR E 26 5.27 34.97 38.34
C THR E 26 5.31 33.67 37.55
N VAL E 27 5.27 33.80 36.23
CA VAL E 27 5.43 32.65 35.34
C VAL E 27 6.91 32.26 35.37
N PRO E 28 7.24 31.04 35.76
CA PRO E 28 8.66 30.65 35.87
C PRO E 28 9.32 30.53 34.52
N THR E 29 10.63 30.75 34.50
CA THR E 29 11.40 30.65 33.27
C THR E 29 12.13 29.30 33.23
N ASP E 30 12.93 29.11 32.18
CA ASP E 30 13.64 27.85 31.98
C ASP E 30 14.99 27.80 32.66
N LEU E 31 15.48 28.90 33.21
CA LEU E 31 16.67 28.89 34.04
C LEU E 31 16.34 28.61 35.49
N GLU E 32 15.06 28.48 35.83
CA GLU E 32 14.62 28.26 37.20
C GLU E 32 13.85 26.96 37.37
N GLN E 33 13.55 26.25 36.28
CA GLN E 33 12.84 24.98 36.40
C GLN E 33 13.21 24.02 35.27
N ALA E 34 14.22 23.19 35.47
CA ALA E 34 14.64 22.15 34.53
C ALA E 34 15.63 21.25 35.24
N THR E 35 15.53 19.94 35.01
CA THR E 35 16.39 19.01 35.72
C THR E 35 17.33 18.26 34.79
N GLY E 36 16.82 17.50 33.84
CA GLY E 36 17.63 16.42 33.32
C GLY E 36 18.49 16.77 32.15
N LEU E 37 18.20 16.16 31.01
CA LEU E 37 18.98 16.36 29.81
C LEU E 37 18.47 17.59 29.05
N GLU E 38 17.44 18.25 29.59
CA GLU E 38 16.97 19.52 29.05
C GLU E 38 17.78 20.71 29.52
N ARG E 39 18.15 20.75 30.80
CA ARG E 39 18.95 21.84 31.32
C ARG E 39 20.40 21.74 30.86
N TYR E 40 20.89 20.52 30.60
CA TYR E 40 22.24 20.34 30.10
C TYR E 40 22.39 20.91 28.69
N GLU E 41 21.39 20.65 27.83
CA GLU E 41 21.36 21.24 26.50
C GLU E 41 21.18 22.75 26.55
N LEU E 42 20.37 23.24 27.49
CA LEU E 42 20.14 24.67 27.64
C LEU E 42 21.40 25.38 28.12
N LEU E 43 22.16 24.72 28.99
CA LEU E 43 23.41 25.24 29.53
C LEU E 43 24.54 25.12 28.55
N GLY E 44 24.38 24.29 27.53
CA GLY E 44 25.35 24.25 26.46
C GLY E 44 25.06 25.29 25.39
N LYS E 45 23.77 25.53 25.08
CA LYS E 45 23.44 26.47 24.02
C LYS E 45 23.56 27.92 24.44
N LEU E 46 23.72 28.21 25.73
CA LEU E 46 23.96 29.56 26.19
C LEU E 46 25.43 29.93 26.21
N GLU E 47 26.28 29.05 25.74
CA GLU E 47 27.72 29.29 25.67
C GLU E 47 28.28 29.11 24.27
N GLY E 48 27.69 28.22 23.48
CA GLY E 48 28.16 27.98 22.14
C GLY E 48 28.60 26.55 21.95
N ILE E 49 28.45 25.74 23.00
CA ILE E 49 28.90 24.35 22.98
C ILE E 49 27.70 23.46 22.66
N GLU E 50 27.78 22.75 21.54
CA GLU E 50 26.77 21.80 21.16
C GLU E 50 27.04 20.49 21.88
N VAL E 51 26.13 20.11 22.77
CA VAL E 51 26.24 18.86 23.51
C VAL E 51 26.07 17.65 22.61
N PHE E 52 25.18 17.71 21.63
CA PHE E 52 24.83 16.58 20.78
C PHE E 52 25.30 16.93 19.37
N ASP E 53 26.42 16.36 18.94
CA ASP E 53 27.02 16.71 17.66
C ASP E 53 26.23 16.11 16.49
N GLU E 54 26.29 16.79 15.35
CA GLU E 54 25.67 16.29 14.14
C GLU E 54 26.58 16.56 12.94
N THR E 55 27.88 16.36 13.12
CA THR E 55 28.85 16.60 12.06
C THR E 55 29.25 15.30 11.41
N PRO E 56 29.11 15.15 10.10
CA PRO E 56 29.47 13.87 9.44
C PRO E 56 30.96 13.58 9.41
N LEU E 57 31.30 12.41 8.89
CA LEU E 57 32.63 11.84 8.95
C LEU E 57 33.57 12.53 7.96
N GLU E 58 34.87 12.39 8.21
CA GLU E 58 35.87 13.08 7.41
C GLU E 58 36.03 12.44 6.05
N ALA E 59 35.97 13.27 5.00
CA ALA E 59 36.08 12.81 3.63
C ALA E 59 37.05 13.70 2.86
N VAL E 60 38.23 13.90 3.44
CA VAL E 60 39.25 14.74 2.82
C VAL E 60 40.45 13.90 2.41
N ARG E 61 40.93 13.08 3.33
CA ARG E 61 42.14 12.30 3.18
C ARG E 61 41.83 10.81 3.26
N LYS E 62 42.60 10.01 2.53
CA LYS E 62 42.50 8.55 2.63
C LYS E 62 43.23 8.04 3.88
N GLY E 63 43.34 6.73 4.03
CA GLY E 63 43.92 6.19 5.24
C GLY E 63 44.88 5.04 5.03
N THR E 64 46.06 5.14 5.62
CA THR E 64 47.05 4.07 5.57
C THR E 64 47.20 3.39 6.93
N MET E 65 48.10 2.40 6.99
CA MET E 65 48.47 1.78 8.26
C MET E 65 49.30 2.73 9.14
N LYS E 66 50.20 3.50 8.54
CA LYS E 66 51.05 4.39 9.33
C LYS E 66 50.26 5.60 9.84
N ASP E 67 49.39 6.18 8.99
CA ASP E 67 48.62 7.36 9.33
C ASP E 67 47.13 7.07 9.15
N PRO E 68 46.47 6.44 10.11
CA PRO E 68 45.05 6.13 9.94
C PRO E 68 44.11 7.20 10.51
N ILE E 69 42.88 7.20 9.99
CA ILE E 69 41.86 8.12 10.46
C ILE E 69 41.40 7.72 11.85
N LEU E 70 41.41 8.69 12.77
CA LEU E 70 41.13 8.46 14.18
C LEU E 70 39.67 8.77 14.47
N ILE E 71 38.90 7.74 14.85
CA ILE E 71 37.50 7.88 15.25
C ILE E 71 37.41 7.81 16.76
N ASP E 72 36.69 8.74 17.36
CA ASP E 72 36.58 8.86 18.81
C ASP E 72 35.40 8.04 19.32
N SER E 73 35.61 7.30 20.40
CA SER E 73 34.47 6.56 20.96
C SER E 73 34.59 6.50 22.47
N TYR E 74 33.44 6.34 23.12
CA TYR E 74 33.39 6.06 24.54
C TYR E 74 33.18 4.58 24.84
N ASP E 75 33.10 3.75 23.80
CA ASP E 75 33.07 2.30 23.91
C ASP E 75 34.26 1.74 23.14
N ASP E 76 34.35 0.42 23.11
CA ASP E 76 35.42 -0.24 22.37
C ASP E 76 35.14 -0.36 20.88
N TYR E 77 33.93 0.00 20.42
CA TYR E 77 33.56 -0.11 19.02
C TYR E 77 32.72 1.07 18.60
N ARG E 78 32.83 1.45 17.33
CA ARG E 78 31.96 2.45 16.73
C ARG E 78 31.71 2.10 15.27
N TYR E 79 30.44 2.11 14.87
CA TYR E 79 30.07 1.75 13.51
C TYR E 79 30.39 2.90 12.55
N VAL E 80 31.14 2.60 11.50
CA VAL E 80 31.65 3.62 10.58
C VAL E 80 31.17 3.31 9.17
N GLY E 81 30.53 4.27 8.53
CA GLY E 81 30.11 4.10 7.15
C GLY E 81 30.96 4.87 6.16
N CYS E 82 31.62 4.18 5.25
CA CYS E 82 32.50 4.80 4.27
C CYS E 82 31.76 4.93 2.95
N THR E 83 31.82 6.15 2.38
CA THR E 83 31.32 6.46 1.05
C THR E 83 32.36 7.16 0.17
N GLY E 84 33.62 7.26 0.59
CA GLY E 84 34.69 7.61 -0.31
C GLY E 84 35.37 8.90 0.06
N VAL E 85 36.50 9.16 -0.62
CA VAL E 85 37.28 10.37 -0.37
C VAL E 85 36.69 11.56 -1.13
N PRO E 86 36.17 11.44 -2.40
CA PRO E 86 35.29 12.50 -2.90
C PRO E 86 33.90 12.58 -2.23
N ALA E 87 33.63 11.68 -1.27
CA ALA E 87 32.47 11.57 -0.39
C ALA E 87 31.22 11.00 -1.06
N ASP E 88 31.25 10.64 -2.33
CA ASP E 88 30.11 9.91 -2.90
C ASP E 88 30.55 8.91 -3.97
N SER E 89 31.77 8.38 -3.88
CA SER E 89 32.24 7.45 -4.92
C SER E 89 32.07 5.98 -4.55
N HIS E 90 32.78 5.57 -3.50
CA HIS E 90 32.63 4.32 -2.76
C HIS E 90 31.15 4.22 -2.37
N ASN E 91 30.51 3.05 -2.55
CA ASN E 91 29.14 2.93 -2.06
C ASN E 91 29.15 2.75 -0.54
N ILE E 92 28.00 2.64 0.10
CA ILE E 92 27.95 2.68 1.56
C ILE E 92 28.43 1.33 2.08
N GLU E 93 29.63 1.31 2.65
CA GLU E 93 30.14 0.11 3.30
C GLU E 93 30.33 0.38 4.78
N TRP E 94 29.73 -0.46 5.61
CA TRP E 94 29.83 -0.30 7.06
C TRP E 94 30.97 -1.14 7.61
N LEU E 95 31.59 -0.64 8.68
CA LEU E 95 32.77 -1.23 9.29
C LEU E 95 32.68 -1.12 10.80
N LYS E 96 33.28 -2.10 11.48
CA LYS E 96 33.42 -2.12 12.94
C LYS E 96 34.90 -2.13 13.29
N PRO E 97 35.52 -0.98 13.52
CA PRO E 97 36.86 -0.99 14.10
C PRO E 97 36.79 -1.12 15.61
N THR E 98 37.78 -1.79 16.19
CA THR E 98 37.87 -2.00 17.62
C THR E 98 39.20 -1.48 18.15
N THR E 99 39.45 -1.72 19.43
CA THR E 99 40.71 -1.32 20.05
C THR E 99 41.80 -2.38 19.92
N GLU E 100 41.52 -3.47 19.21
CA GLU E 100 42.52 -4.48 18.91
C GLU E 100 42.73 -4.72 17.43
N LYS E 101 41.86 -4.18 16.58
CA LYS E 101 41.93 -4.44 15.15
C LYS E 101 41.42 -3.22 14.41
N ASN E 102 41.93 -3.01 13.19
CA ASN E 102 41.57 -1.88 12.36
C ASN E 102 40.76 -2.32 11.15
N ALA E 103 39.74 -1.55 10.80
CA ALA E 103 38.98 -1.82 9.60
C ALA E 103 39.70 -1.27 8.37
N ARG E 104 39.44 -1.89 7.21
CA ARG E 104 40.24 -1.58 6.03
C ARG E 104 39.47 -1.32 4.73
N CYS E 105 38.14 -1.44 4.70
CA CYS E 105 37.30 -0.97 3.59
C CYS E 105 37.59 -1.55 2.22
N TRP E 106 37.14 -2.79 1.97
CA TRP E 106 37.53 -3.68 0.87
C TRP E 106 37.50 -3.07 -0.54
N GLU E 107 36.84 -1.94 -0.77
CA GLU E 107 36.86 -1.35 -2.11
C GLU E 107 37.88 -0.23 -2.27
N CYS E 108 37.86 0.79 -1.41
CA CYS E 108 38.76 1.94 -1.60
C CYS E 108 40.05 1.80 -0.78
N GLY E 109 39.95 1.42 0.49
CA GLY E 109 41.14 1.09 1.23
C GLY E 109 41.47 1.97 2.43
N SER E 110 40.48 2.69 2.94
CA SER E 110 40.71 3.56 4.09
C SER E 110 40.83 2.76 5.36
N VAL E 111 41.71 3.20 6.26
CA VAL E 111 41.96 2.54 7.54
C VAL E 111 41.42 3.43 8.67
N TYR E 112 40.76 2.82 9.64
CA TYR E 112 40.17 3.52 10.76
C TYR E 112 40.69 2.95 12.07
N LYS E 113 41.01 3.83 13.02
CA LYS E 113 41.58 3.48 14.31
C LYS E 113 40.72 4.11 15.41
N LEU E 114 40.77 3.54 16.61
CA LEU E 114 39.99 4.02 17.75
C LEU E 114 40.81 4.95 18.62
N ASN E 115 40.22 6.08 18.98
CA ASN E 115 40.68 6.90 20.08
C ASN E 115 39.67 6.73 21.21
N PHE E 116 40.08 6.03 22.26
CA PHE E 116 39.21 5.70 23.38
C PHE E 116 39.24 6.84 24.38
N LEU E 117 38.12 7.54 24.53
CA LEU E 117 38.05 8.73 25.35
C LEU E 117 37.57 8.43 26.76
N ASN F 1 60.46 -32.65 4.64
CA ASN F 1 59.58 -32.73 3.48
C ASN F 1 58.20 -33.25 3.87
N ALA F 2 58.14 -33.96 5.01
CA ALA F 2 56.88 -34.59 5.42
C ALA F 2 55.86 -33.56 5.88
N THR F 3 56.32 -32.40 6.36
CA THR F 3 55.39 -31.37 6.81
C THR F 3 54.70 -30.67 5.65
N VAL F 4 55.31 -30.71 4.47
CA VAL F 4 54.81 -29.99 3.31
C VAL F 4 54.14 -30.93 2.31
N THR F 5 54.71 -32.11 2.09
CA THR F 5 54.15 -33.06 1.13
C THR F 5 52.82 -33.62 1.62
N ASN F 6 51.86 -33.68 0.69
CA ASN F 6 50.51 -34.22 0.88
C ASN F 6 49.78 -33.48 2.01
N LEU F 7 49.57 -32.18 1.80
CA LEU F 7 48.71 -31.40 2.67
C LEU F 7 47.27 -31.39 2.19
N GLU F 8 46.97 -32.07 1.10
CA GLU F 8 45.60 -32.15 0.60
C GLU F 8 44.75 -33.14 1.38
N LYS F 9 45.36 -33.97 2.22
CA LYS F 9 44.66 -35.01 2.97
C LYS F 9 44.78 -34.82 4.47
N ARG F 10 45.51 -33.80 4.93
CA ARG F 10 45.71 -33.63 6.35
C ARG F 10 45.38 -32.24 6.88
N TRP F 11 45.01 -31.28 6.03
CA TRP F 11 44.95 -29.89 6.47
C TRP F 11 43.74 -29.63 7.35
N GLU F 12 42.63 -30.32 7.10
CA GLU F 12 41.43 -30.07 7.89
C GLU F 12 41.40 -30.81 9.21
N ASP F 13 42.38 -31.69 9.46
CA ASP F 13 42.42 -32.48 10.70
C ASP F 13 43.37 -31.92 11.74
N LEU F 14 44.38 -31.14 11.33
CA LEU F 14 45.34 -30.54 12.25
C LEU F 14 44.65 -29.47 13.10
N PRO F 15 45.10 -29.25 14.33
CA PRO F 15 44.55 -28.15 15.14
C PRO F 15 45.05 -26.80 14.64
N GLU F 16 44.51 -25.75 15.26
CA GLU F 16 44.82 -24.38 14.87
C GLU F 16 46.12 -23.85 15.44
N THR F 17 46.89 -24.68 16.14
CA THR F 17 48.22 -24.30 16.59
C THR F 17 49.32 -24.97 15.78
N ASP F 18 49.00 -26.00 15.01
CA ASP F 18 49.92 -26.58 14.05
C ASP F 18 49.64 -26.13 12.62
N GLN F 19 48.60 -25.33 12.42
CA GLN F 19 48.34 -24.70 11.13
C GLN F 19 49.03 -23.36 10.99
N LYS F 20 49.27 -22.66 12.08
CA LYS F 20 49.92 -21.36 12.06
C LYS F 20 51.44 -21.45 12.11
N ASP F 21 51.99 -22.67 12.10
CA ASP F 21 53.42 -22.86 11.95
C ASP F 21 53.83 -23.23 10.54
N ILE F 22 52.95 -23.88 9.78
CA ILE F 22 53.22 -24.13 8.38
C ILE F 22 53.14 -22.84 7.58
N ILE F 23 52.20 -21.97 7.92
CA ILE F 23 52.08 -20.67 7.26
C ILE F 23 53.27 -19.77 7.63
N SER F 24 53.72 -19.84 8.89
CA SER F 24 54.81 -19.01 9.37
C SER F 24 56.18 -19.57 9.00
N GLN F 25 56.23 -20.73 8.33
CA GLN F 25 57.46 -21.25 7.78
C GLN F 25 57.52 -21.21 6.27
N LEU F 26 56.38 -21.08 5.59
CA LEU F 26 56.35 -20.83 4.16
C LEU F 26 56.33 -19.34 3.83
N SER F 27 56.15 -18.47 4.83
CA SER F 27 56.22 -17.04 4.64
C SER F 27 57.62 -16.51 4.84
N GLU F 28 58.55 -17.36 5.27
CA GLU F 28 59.97 -17.03 5.33
C GLU F 28 60.78 -17.80 4.31
N ARG F 29 60.13 -18.65 3.53
CA ARG F 29 60.74 -19.31 2.38
C ARG F 29 60.34 -18.68 1.06
N GLN F 30 59.27 -17.90 1.03
CA GLN F 30 58.85 -17.18 -0.15
C GLN F 30 59.59 -15.85 -0.31
N LYS F 31 60.30 -15.40 0.72
CA LYS F 31 61.11 -14.19 0.59
C LYS F 31 62.36 -14.47 -0.23
N LEU F 32 62.78 -15.72 -0.32
CA LEU F 32 63.87 -16.11 -1.20
C LEU F 32 63.43 -15.96 -2.64
N PRO F 33 64.37 -15.79 -3.58
CA PRO F 33 64.01 -15.81 -5.00
C PRO F 33 63.43 -17.16 -5.40
N TRP F 34 62.38 -17.11 -6.20
CA TRP F 34 61.78 -18.33 -6.71
C TRP F 34 62.70 -18.94 -7.76
N LYS F 35 62.39 -20.19 -8.12
CA LYS F 35 63.17 -21.27 -8.81
C LYS F 35 64.02 -21.96 -7.75
N ASP F 36 64.04 -21.45 -6.51
CA ASP F 36 64.73 -22.11 -5.40
C ASP F 36 63.73 -22.79 -4.47
N LEU F 37 62.47 -22.91 -4.90
CA LEU F 37 61.45 -23.60 -4.13
C LEU F 37 61.21 -24.98 -4.71
N THR F 38 60.96 -25.95 -3.83
CA THR F 38 60.60 -27.29 -4.27
C THR F 38 59.18 -27.30 -4.82
N LEU F 39 58.84 -28.39 -5.51
CA LEU F 39 57.52 -28.52 -6.12
C LEU F 39 56.44 -28.68 -5.06
N SER F 40 56.77 -29.37 -3.97
CA SER F 40 55.81 -29.59 -2.90
C SER F 40 55.45 -28.30 -2.17
N GLU F 41 56.41 -27.39 -2.01
CA GLU F 41 56.11 -26.09 -1.42
C GLU F 41 55.22 -25.24 -2.32
N LYS F 42 55.42 -25.34 -3.63
CA LYS F 42 54.56 -24.62 -4.57
C LYS F 42 53.15 -25.17 -4.56
N LYS F 43 52.99 -26.49 -4.38
CA LYS F 43 51.65 -27.06 -4.26
C LYS F 43 51.00 -26.69 -2.93
N ALA F 44 51.78 -26.70 -1.85
CA ALA F 44 51.23 -26.42 -0.52
C ALA F 44 50.83 -24.96 -0.38
N ALA F 45 51.63 -24.04 -0.93
CA ALA F 45 51.30 -22.63 -0.86
C ALA F 45 50.06 -22.29 -1.69
N TRP F 46 49.81 -23.08 -2.74
CA TRP F 46 48.57 -22.90 -3.49
C TRP F 46 47.38 -23.48 -2.74
N TYR F 47 47.54 -24.63 -2.08
CA TYR F 47 46.41 -25.24 -1.40
C TYR F 47 46.02 -24.50 -0.13
N ILE F 48 46.98 -23.84 0.53
CA ILE F 48 46.70 -23.09 1.74
C ILE F 48 45.76 -21.92 1.49
N SER F 49 45.99 -21.17 0.42
CA SER F 49 45.24 -19.94 0.20
C SER F 49 44.09 -20.12 -0.79
N PHE F 50 44.38 -20.60 -1.99
CA PHE F 50 43.34 -20.83 -3.00
C PHE F 50 43.11 -22.33 -3.16
N GLY F 51 42.25 -22.89 -2.31
CA GLY F 51 41.95 -24.30 -2.37
C GLY F 51 40.57 -24.58 -1.84
N GLU F 52 40.10 -25.80 -2.07
CA GLU F 52 38.74 -26.19 -1.70
C GLU F 52 38.68 -26.73 -0.27
N TRP F 53 39.01 -25.85 0.68
CA TRP F 53 38.85 -26.13 2.10
C TRP F 53 38.30 -24.90 2.80
N GLY F 54 37.52 -25.14 3.85
CA GLY F 54 37.00 -24.07 4.66
C GLY F 54 35.92 -23.27 3.98
N PRO F 55 36.18 -21.98 3.76
CA PRO F 55 35.15 -21.11 3.18
C PRO F 55 35.00 -21.20 1.67
N ARG F 56 35.62 -22.20 1.04
CA ARG F 56 35.46 -22.40 -0.40
C ARG F 56 34.84 -23.76 -0.71
N ARG F 57 34.21 -24.36 0.29
CA ARG F 57 33.45 -25.58 0.06
C ARG F 57 32.18 -25.27 -0.69
N PRO F 58 31.67 -26.20 -1.51
CA PRO F 58 30.39 -25.96 -2.17
C PRO F 58 29.22 -26.06 -1.20
N VAL F 59 28.13 -25.40 -1.57
CA VAL F 59 26.93 -25.44 -0.75
C VAL F 59 26.30 -26.82 -0.79
N HIS F 60 26.19 -27.40 -1.98
CA HIS F 60 25.57 -28.70 -2.19
C HIS F 60 26.63 -29.69 -2.68
N THR F 61 26.87 -30.74 -1.91
CA THR F 61 27.70 -31.82 -2.39
C THR F 61 26.87 -32.79 -3.24
N LYS F 62 27.55 -33.81 -3.78
CA LYS F 62 26.85 -34.79 -4.60
C LYS F 62 25.95 -35.68 -3.76
N GLU F 63 26.33 -35.93 -2.51
CA GLU F 63 25.56 -36.79 -1.61
C GLU F 63 24.49 -36.04 -0.85
N ASP F 64 24.26 -34.76 -1.17
CA ASP F 64 23.18 -33.99 -0.60
C ASP F 64 22.00 -33.81 -1.53
N LYS F 65 22.23 -33.74 -2.83
CA LYS F 65 21.14 -33.60 -3.79
C LYS F 65 20.31 -34.87 -3.89
N LEU F 66 20.94 -36.05 -3.74
CA LEU F 66 20.18 -37.28 -3.65
C LEU F 66 19.32 -37.31 -2.40
N TYR F 67 19.84 -36.77 -1.29
CA TYR F 67 19.08 -36.68 -0.04
C TYR F 67 17.86 -35.77 -0.18
N ILE F 68 18.02 -34.62 -0.85
CA ILE F 68 16.88 -33.72 -1.07
C ILE F 68 15.86 -34.34 -2.02
N PHE F 69 16.32 -34.98 -3.09
CA PHE F 69 15.41 -35.61 -4.05
C PHE F 69 14.61 -36.74 -3.41
N TRP F 70 15.29 -37.60 -2.65
CA TRP F 70 14.59 -38.68 -1.98
C TRP F 70 13.86 -38.21 -0.73
N GLY F 71 14.08 -36.99 -0.27
CA GLY F 71 13.19 -36.47 0.75
C GLY F 71 11.90 -35.98 0.13
N THR F 72 11.98 -35.49 -1.12
CA THR F 72 10.77 -35.03 -1.79
C THR F 72 9.89 -36.18 -2.27
N VAL F 73 10.50 -37.29 -2.70
CA VAL F 73 9.71 -38.43 -3.18
C VAL F 73 8.84 -39.02 -2.08
N ILE F 74 9.40 -39.20 -0.87
CA ILE F 74 8.65 -39.72 0.26
C ILE F 74 7.89 -38.56 0.94
N GLY F 75 8.04 -37.36 0.40
CA GLY F 75 7.13 -36.31 0.80
C GLY F 75 5.87 -36.30 -0.04
N ILE F 76 5.96 -36.82 -1.27
CA ILE F 76 4.79 -36.95 -2.14
C ILE F 76 4.05 -38.29 -1.94
N VAL F 77 4.77 -39.37 -1.63
CA VAL F 77 4.15 -40.69 -1.43
C VAL F 77 3.19 -40.74 -0.24
N ILE F 78 3.54 -40.11 0.88
CA ILE F 78 2.70 -40.10 2.08
C ILE F 78 1.37 -39.38 1.85
N SER F 79 1.41 -38.24 1.14
CA SER F 79 0.19 -37.51 0.83
C SER F 79 -0.71 -38.29 -0.11
N ALA F 80 -0.12 -39.10 -1.00
CA ALA F 80 -0.90 -39.96 -1.87
C ALA F 80 -1.63 -41.05 -1.10
N THR F 81 -0.95 -41.63 -0.09
CA THR F 81 -1.59 -42.67 0.70
C THR F 81 -2.61 -42.11 1.68
N ILE F 82 -2.47 -40.87 2.13
CA ILE F 82 -3.50 -40.21 2.91
C ILE F 82 -4.71 -39.86 2.07
N PHE F 83 -4.49 -39.34 0.86
CA PHE F 83 -5.58 -38.95 -0.03
C PHE F 83 -6.34 -40.16 -0.58
N GLY F 84 -5.67 -41.30 -0.73
CA GLY F 84 -6.37 -42.50 -1.18
C GLY F 84 -7.37 -43.01 -0.16
N ALA F 85 -7.07 -42.82 1.13
CA ALA F 85 -7.98 -43.25 2.18
C ALA F 85 -9.26 -42.40 2.22
N PHE F 86 -9.15 -41.12 1.88
CA PHE F 86 -10.30 -40.24 1.74
C PHE F 86 -10.94 -40.31 0.37
N ARG F 87 -10.65 -41.36 -0.40
CA ARG F 87 -11.22 -41.57 -1.73
C ARG F 87 -12.03 -42.84 -1.81
N TYR F 88 -11.64 -43.90 -1.11
CA TYR F 88 -12.48 -45.10 -1.04
C TYR F 88 -13.74 -44.83 -0.24
N ASN F 89 -13.62 -44.07 0.85
CA ASN F 89 -14.74 -43.78 1.74
C ASN F 89 -15.36 -42.44 1.36
N ARG F 90 -16.17 -42.48 0.31
CA ARG F 90 -16.84 -41.30 -0.21
C ARG F 90 -18.34 -41.52 -0.27
N ASN F 91 -19.09 -40.43 -0.26
CA ASN F 91 -20.52 -40.47 -0.57
C ASN F 91 -20.68 -40.28 -2.07
N VAL F 92 -20.94 -41.37 -2.78
CA VAL F 92 -21.15 -41.33 -4.22
C VAL F 92 -22.65 -41.19 -4.46
N PRO F 93 -23.11 -40.08 -5.03
CA PRO F 93 -24.55 -39.93 -5.29
C PRO F 93 -24.99 -40.79 -6.46
N LYS F 94 -26.31 -40.86 -6.64
CA LYS F 94 -26.89 -41.75 -7.65
C LYS F 94 -26.59 -41.30 -9.07
N THR F 95 -26.28 -40.03 -9.26
CA THR F 95 -26.07 -39.52 -10.62
C THR F 95 -24.74 -39.94 -11.23
N MET F 96 -23.71 -40.20 -10.42
CA MET F 96 -22.42 -40.62 -10.97
C MET F 96 -22.39 -42.14 -11.17
N ASN F 97 -23.13 -42.56 -12.18
CA ASN F 97 -23.06 -43.89 -12.73
C ASN F 97 -23.13 -43.75 -14.25
N ARG F 98 -22.57 -44.73 -14.97
CA ARG F 98 -22.48 -44.62 -16.42
C ARG F 98 -23.84 -44.69 -17.09
N GLU F 99 -24.74 -45.51 -16.58
CA GLU F 99 -26.08 -45.65 -17.14
C GLU F 99 -26.95 -44.43 -16.90
N TRP F 100 -26.57 -43.55 -15.98
CA TRP F 100 -27.23 -42.26 -15.80
C TRP F 100 -26.60 -41.17 -16.64
N GLN F 101 -25.32 -41.27 -16.97
CA GLN F 101 -24.65 -40.31 -17.83
C GLN F 101 -24.76 -40.65 -19.30
N ALA F 102 -25.34 -41.80 -19.63
CA ALA F 102 -25.66 -42.13 -21.01
C ALA F 102 -27.07 -41.73 -21.40
N ALA F 103 -27.98 -41.65 -20.42
CA ALA F 103 -29.33 -41.18 -20.71
C ALA F 103 -29.37 -39.67 -20.88
N SER F 104 -28.45 -38.94 -20.24
CA SER F 104 -28.44 -37.48 -20.38
C SER F 104 -27.90 -37.06 -21.73
N ASP F 105 -27.05 -37.88 -22.34
CA ASP F 105 -26.53 -37.58 -23.67
C ASP F 105 -27.61 -37.63 -24.74
N GLU F 106 -28.62 -38.48 -24.60
CA GLU F 106 -29.74 -38.48 -25.53
C GLU F 106 -30.55 -37.20 -25.44
N TYR F 107 -30.76 -36.69 -24.22
CA TYR F 107 -31.46 -35.42 -24.04
C TYR F 107 -30.65 -34.26 -24.60
N LEU F 108 -29.33 -34.29 -24.43
CA LEU F 108 -28.50 -33.22 -24.97
C LEU F 108 -28.29 -33.37 -26.47
N LYS F 109 -28.59 -34.54 -27.03
CA LYS F 109 -28.55 -34.70 -28.48
C LYS F 109 -29.84 -34.23 -29.12
N SER F 110 -30.99 -34.49 -28.46
CA SER F 110 -32.27 -34.05 -28.97
C SER F 110 -32.37 -32.52 -28.97
N LYS F 111 -32.09 -31.89 -27.83
CA LYS F 111 -31.97 -30.45 -27.75
C LYS F 111 -30.50 -30.13 -28.01
N ASN F 112 -30.22 -29.74 -29.27
CA ASN F 112 -28.85 -29.59 -29.77
C ASN F 112 -28.00 -28.63 -28.95
N ALA F 113 -27.03 -29.20 -28.23
CA ALA F 113 -26.20 -28.46 -27.32
C ALA F 113 -24.76 -28.89 -27.54
N GLU F 114 -23.84 -27.92 -27.39
CA GLU F 114 -22.45 -27.97 -27.80
C GLU F 114 -22.30 -28.47 -29.24
N PRO F 115 -22.72 -27.68 -30.26
CA PRO F 115 -22.54 -28.14 -31.65
C PRO F 115 -21.09 -28.07 -32.09
N PHE F 116 -20.35 -27.23 -31.39
CA PHE F 116 -18.91 -27.10 -31.45
C PHE F 116 -18.29 -28.22 -30.60
N THR F 117 -17.07 -27.96 -30.10
CA THR F 117 -16.04 -28.90 -29.66
C THR F 117 -16.50 -30.26 -29.10
N GLY F 118 -17.46 -30.27 -28.18
CA GLY F 118 -18.08 -31.55 -27.86
C GLY F 118 -18.95 -31.53 -26.62
N TYR F 119 -19.90 -32.47 -26.60
CA TYR F 119 -20.63 -32.84 -25.40
C TYR F 119 -20.41 -34.33 -25.14
N SER F 120 -20.09 -34.65 -23.88
CA SER F 120 -20.09 -36.03 -23.37
C SER F 120 -20.07 -35.96 -21.85
N GLN F 121 -21.12 -36.46 -21.20
CA GLN F 121 -21.23 -36.39 -19.75
C GLN F 121 -20.68 -37.64 -19.07
N ILE F 122 -20.00 -38.51 -19.81
CA ILE F 122 -19.55 -39.79 -19.28
C ILE F 122 -18.17 -39.61 -18.64
N GLN F 123 -18.10 -39.85 -17.33
CA GLN F 123 -16.82 -39.87 -16.64
C GLN F 123 -16.80 -41.02 -15.62
N SER F 124 -17.71 -41.98 -15.81
CA SER F 124 -17.94 -43.15 -14.95
C SER F 124 -18.10 -42.81 -13.47
N GLU G 1 32.46 6.15 -19.78
CA GLU G 1 33.08 7.38 -20.25
C GLU G 1 34.60 7.21 -20.33
N GLU G 2 35.13 6.30 -19.53
CA GLU G 2 36.56 6.09 -19.45
C GLU G 2 37.04 5.29 -20.65
N THR G 3 38.23 5.62 -21.13
CA THR G 3 38.79 5.04 -22.35
C THR G 3 39.78 3.94 -21.94
N TYR G 4 40.19 3.12 -22.91
CA TYR G 4 41.21 2.10 -22.70
C TYR G 4 42.53 2.71 -22.26
N GLU G 5 42.93 3.83 -22.86
CA GLU G 5 44.23 4.44 -22.60
C GLU G 5 44.28 5.23 -21.30
N GLU G 6 43.15 5.46 -20.64
CA GLU G 6 43.16 6.01 -19.28
C GLU G 6 43.00 4.94 -18.22
N PHE G 7 42.23 3.89 -18.52
CA PHE G 7 42.16 2.69 -17.69
C PHE G 7 43.55 2.06 -17.50
N SER G 8 44.28 1.89 -18.61
CA SER G 8 45.60 1.28 -18.58
C SER G 8 46.71 2.26 -18.24
N GLN G 9 46.38 3.39 -17.62
CA GLN G 9 47.38 4.25 -16.98
C GLN G 9 47.04 4.38 -15.51
N ARG G 10 45.74 4.51 -15.21
CA ARG G 10 45.29 4.62 -13.84
C ARG G 10 45.58 3.33 -13.08
N TYR G 11 45.38 2.16 -13.70
CA TYR G 11 45.66 0.95 -12.94
C TYR G 11 47.14 0.62 -12.85
N GLU G 12 47.97 1.08 -13.80
CA GLU G 12 49.43 0.98 -13.62
C GLU G 12 49.91 1.84 -12.45
N LYS G 13 49.39 3.08 -12.36
CA LYS G 13 49.74 3.95 -11.25
C LYS G 13 49.26 3.38 -9.92
N GLU G 14 48.10 2.74 -9.92
CA GLU G 14 47.58 2.19 -8.67
C GLU G 14 48.29 0.90 -8.29
N PHE G 15 48.78 0.14 -9.27
CA PHE G 15 49.58 -1.04 -8.97
C PHE G 15 51.00 -0.72 -8.55
N ASP G 16 51.54 0.44 -8.91
CA ASP G 16 52.92 0.77 -8.56
C ASP G 16 53.04 1.47 -7.21
N GLU G 17 51.99 1.39 -6.38
CA GLU G 17 52.03 2.04 -5.08
C GLU G 17 51.46 1.17 -3.96
N ALA G 18 51.13 -0.10 -4.21
CA ALA G 18 50.63 -0.97 -3.17
C ALA G 18 51.75 -1.40 -2.23
N TYR G 19 51.40 -1.61 -0.96
CA TYR G 19 52.40 -1.85 0.08
C TYR G 19 52.16 -3.11 0.92
N ASP G 20 50.98 -3.71 0.85
CA ASP G 20 50.69 -4.92 1.62
C ASP G 20 50.02 -5.90 0.67
N LEU G 21 49.66 -7.08 1.17
CA LEU G 21 48.96 -8.08 0.36
C LEU G 21 47.50 -7.76 0.17
N PHE G 22 46.88 -7.13 1.16
CA PHE G 22 45.49 -6.70 1.08
C PHE G 22 45.29 -5.71 -0.04
N GLU G 23 46.22 -4.77 -0.22
CA GLU G 23 46.08 -3.75 -1.25
C GLU G 23 46.30 -4.33 -2.65
N VAL G 24 47.24 -5.27 -2.79
CA VAL G 24 47.46 -5.92 -4.08
C VAL G 24 46.25 -6.73 -4.49
N GLN G 25 45.68 -7.48 -3.56
CA GLN G 25 44.48 -8.24 -3.89
C GLN G 25 43.25 -7.36 -4.06
N ARG G 26 43.22 -6.19 -3.42
CA ARG G 26 42.12 -5.24 -3.62
C ARG G 26 42.16 -4.64 -5.02
N VAL G 27 43.32 -4.17 -5.46
CA VAL G 27 43.44 -3.63 -6.80
C VAL G 27 43.26 -4.71 -7.87
N LEU G 28 43.74 -5.93 -7.62
CA LEU G 28 43.51 -7.03 -8.54
C LEU G 28 42.06 -7.44 -8.62
N ASN G 29 41.31 -7.32 -7.52
CA ASN G 29 39.92 -7.75 -7.51
C ASN G 29 38.99 -6.81 -8.26
N ASN G 30 39.22 -5.50 -8.20
CA ASN G 30 38.39 -4.56 -8.94
C ASN G 30 38.96 -4.18 -10.29
N CYS G 31 40.10 -4.74 -10.69
CA CYS G 31 40.58 -4.62 -12.07
C CYS G 31 39.86 -5.60 -12.99
N PHE G 32 39.65 -6.83 -12.51
CA PHE G 32 38.84 -7.81 -13.22
C PHE G 32 37.36 -7.69 -12.89
N SER G 33 36.79 -6.50 -13.00
CA SER G 33 35.37 -6.30 -12.73
C SER G 33 34.79 -5.24 -13.65
N TYR G 34 35.40 -5.04 -14.81
CA TYR G 34 34.94 -4.10 -15.82
C TYR G 34 34.67 -4.89 -17.11
N ASP G 35 34.29 -4.17 -18.15
CA ASP G 35 34.12 -4.76 -19.47
C ASP G 35 35.42 -4.82 -20.25
N ILE G 36 36.42 -4.05 -19.83
CA ILE G 36 37.71 -4.01 -20.50
C ILE G 36 38.62 -5.05 -19.86
N VAL G 37 39.25 -5.89 -20.68
CA VAL G 37 40.25 -6.79 -20.11
C VAL G 37 41.50 -5.99 -19.80
N PRO G 38 42.33 -6.41 -18.84
CA PRO G 38 43.61 -5.73 -18.64
C PRO G 38 44.55 -5.90 -19.82
N SER G 39 45.34 -4.87 -20.06
CA SER G 39 46.37 -4.88 -21.09
C SER G 39 47.53 -5.75 -20.63
N PRO G 40 48.40 -6.18 -21.55
CA PRO G 40 49.62 -6.88 -21.12
C PRO G 40 50.58 -6.03 -20.29
N ALA G 41 50.47 -4.71 -20.33
CA ALA G 41 51.31 -3.87 -19.48
C ALA G 41 50.83 -3.85 -18.03
N VAL G 42 49.51 -3.92 -17.81
CA VAL G 42 48.97 -3.88 -16.45
C VAL G 42 49.29 -5.16 -15.70
N ILE G 43 49.10 -6.32 -16.35
CA ILE G 43 49.45 -7.61 -15.78
C ILE G 43 50.95 -7.74 -15.57
N GLY G 44 51.76 -7.06 -16.37
CA GLY G 44 53.19 -6.99 -16.13
C GLY G 44 53.56 -6.23 -14.88
N LYS G 45 52.73 -5.25 -14.50
CA LYS G 45 52.96 -4.53 -13.25
C LYS G 45 52.43 -5.31 -12.05
N ALA G 46 51.37 -6.10 -12.25
CA ALA G 46 50.77 -6.85 -11.16
C ALA G 46 51.71 -7.94 -10.63
N LEU G 47 52.48 -8.56 -11.51
CA LEU G 47 53.43 -9.58 -11.08
C LEU G 47 54.59 -9.01 -10.28
N ASN G 48 55.08 -7.83 -10.64
CA ASN G 48 56.09 -7.16 -9.83
C ASN G 48 55.52 -6.68 -8.49
N ALA G 49 54.24 -6.28 -8.50
CA ALA G 49 53.57 -5.95 -7.24
C ALA G 49 53.43 -7.17 -6.33
N CYS G 50 53.20 -8.34 -6.90
CA CYS G 50 53.20 -9.58 -6.11
C CYS G 50 54.59 -9.97 -5.65
N ARG G 51 55.62 -9.68 -6.43
CA ARG G 51 57.01 -9.93 -6.04
C ARG G 51 57.48 -9.08 -4.88
N ARG G 52 57.11 -7.80 -4.83
CA ARG G 52 57.54 -6.92 -3.74
C ARG G 52 56.89 -7.33 -2.41
N VAL G 53 55.67 -7.83 -2.47
CA VAL G 53 54.96 -8.25 -1.25
C VAL G 53 55.31 -9.69 -0.88
N ASN G 54 56.02 -10.40 -1.77
CA ASN G 54 56.47 -11.79 -1.65
C ASN G 54 55.32 -12.77 -1.45
N ASP G 55 54.50 -12.94 -2.49
CA ASP G 55 53.45 -13.96 -2.50
C ASP G 55 53.55 -14.75 -3.79
N TYR G 56 53.29 -16.05 -3.71
CA TYR G 56 53.39 -16.91 -4.88
C TYR G 56 52.04 -17.30 -5.47
N ALA G 57 51.03 -17.52 -4.61
CA ALA G 57 49.75 -18.01 -5.09
C ALA G 57 49.00 -16.96 -5.89
N THR G 58 49.17 -15.68 -5.53
CA THR G 58 48.51 -14.61 -6.25
C THR G 58 49.06 -14.44 -7.66
N ALA G 59 50.36 -14.68 -7.87
CA ALA G 59 50.94 -14.61 -9.21
C ALA G 59 50.53 -15.76 -10.10
N VAL G 60 50.03 -16.85 -9.52
CA VAL G 60 49.45 -17.92 -10.32
C VAL G 60 47.96 -17.68 -10.56
N ARG G 61 47.26 -17.10 -9.58
CA ARG G 61 45.82 -16.88 -9.72
C ARG G 61 45.52 -15.72 -10.68
N VAL G 62 46.50 -14.86 -10.95
CA VAL G 62 46.36 -13.84 -12.00
C VAL G 62 46.19 -14.50 -13.36
N PHE G 63 47.01 -15.52 -13.64
CA PHE G 63 46.95 -16.19 -14.94
C PHE G 63 45.73 -17.09 -15.08
N GLU G 64 45.09 -17.47 -13.97
CA GLU G 64 43.89 -18.27 -14.02
C GLU G 64 42.65 -17.45 -14.32
N GLY G 65 42.66 -16.16 -13.98
CA GLY G 65 41.54 -15.30 -14.30
C GLY G 65 41.51 -14.88 -15.76
N LEU G 66 42.69 -14.95 -16.40
CA LEU G 66 42.76 -14.65 -17.83
C LEU G 66 42.09 -15.73 -18.66
N LYS G 67 41.99 -16.95 -18.14
CA LYS G 67 41.26 -17.98 -18.85
C LYS G 67 39.76 -17.75 -18.82
N HIS G 68 39.24 -17.11 -17.78
CA HIS G 68 37.81 -16.89 -17.68
C HIS G 68 37.37 -15.55 -18.24
N LYS G 69 38.23 -14.53 -18.20
CA LYS G 69 37.85 -13.24 -18.77
C LYS G 69 37.88 -13.25 -20.29
N VAL G 70 38.88 -13.90 -20.87
CA VAL G 70 39.07 -13.90 -22.32
C VAL G 70 38.06 -14.82 -23.00
N GLU G 71 37.48 -14.33 -24.10
CA GLU G 71 36.41 -14.98 -24.84
C GLU G 71 36.81 -16.33 -25.45
N THR G 72 37.94 -16.39 -26.16
CA THR G 72 38.32 -17.61 -26.86
C THR G 72 39.62 -18.19 -26.32
N LYS G 73 40.15 -19.20 -27.00
CA LYS G 73 41.40 -19.83 -26.60
C LYS G 73 42.62 -19.24 -27.29
N GLU G 74 42.48 -18.77 -28.53
CA GLU G 74 43.61 -18.21 -29.27
C GLU G 74 44.09 -16.89 -28.68
N GLN G 75 43.17 -16.07 -28.15
CA GLN G 75 43.55 -14.84 -27.47
C GLN G 75 44.30 -15.13 -26.18
N TYR G 76 43.90 -16.19 -25.47
CA TYR G 76 44.61 -16.61 -24.27
C TYR G 76 46.04 -17.02 -24.58
N ASP G 77 46.24 -17.77 -25.66
CA ASP G 77 47.60 -18.13 -26.06
C ASP G 77 48.34 -16.96 -26.69
N ALA G 78 47.65 -15.91 -27.11
CA ALA G 78 48.34 -14.68 -27.46
C ALA G 78 48.79 -13.90 -26.23
N TYR G 79 48.14 -14.10 -25.08
CA TYR G 79 48.59 -13.45 -23.86
C TYR G 79 49.84 -14.09 -23.27
N LEU G 80 50.06 -15.39 -23.49
CA LEU G 80 51.22 -16.08 -22.92
C LEU G 80 52.44 -16.08 -23.83
N GLU G 81 52.35 -15.60 -25.05
CA GLU G 81 53.52 -15.48 -25.90
C GLU G 81 54.14 -14.09 -25.84
N GLU G 82 53.55 -13.16 -25.10
CA GLU G 82 54.18 -11.89 -24.79
C GLU G 82 54.62 -11.80 -23.33
N LEU G 83 53.91 -12.47 -22.43
CA LEU G 83 54.26 -12.51 -21.00
C LEU G 83 55.07 -13.76 -20.69
N LYS G 84 56.16 -13.95 -21.42
CA LYS G 84 57.00 -15.12 -21.24
C LYS G 84 58.35 -14.81 -20.62
N ASP G 85 58.95 -13.68 -20.95
CA ASP G 85 60.19 -13.27 -20.28
C ASP G 85 59.94 -12.83 -18.85
N VAL G 86 58.73 -12.35 -18.56
CA VAL G 86 58.36 -12.03 -17.18
C VAL G 86 58.20 -13.29 -16.35
N ARG G 87 57.63 -14.35 -16.94
CA ARG G 87 57.41 -15.59 -16.22
C ARG G 87 58.72 -16.34 -15.96
N GLU G 88 59.56 -16.46 -16.97
CA GLU G 88 60.76 -17.28 -16.79
C GLU G 88 61.87 -16.56 -16.08
N GLU G 89 61.77 -15.27 -15.78
CA GLU G 89 62.72 -14.58 -14.93
C GLU G 89 62.29 -14.58 -13.47
N LEU G 90 61.02 -14.27 -13.23
CA LEU G 90 60.50 -14.33 -11.86
C LEU G 90 60.37 -15.78 -11.37
N GLY G 91 59.97 -16.69 -12.26
CA GLY G 91 59.83 -18.09 -11.92
C GLY G 91 58.41 -18.59 -11.74
N ILE G 92 57.40 -17.86 -12.24
CA ILE G 92 56.02 -18.22 -11.98
C ILE G 92 55.61 -19.40 -12.85
N ASP G 93 55.00 -20.39 -12.24
CA ASP G 93 54.50 -21.58 -12.92
C ASP G 93 52.98 -21.54 -12.93
N LEU G 94 52.38 -21.97 -14.03
CA LEU G 94 50.93 -21.97 -14.15
C LEU G 94 50.32 -23.11 -13.36
N LYS G 95 49.00 -23.08 -13.23
CA LYS G 95 48.30 -24.16 -12.54
C LYS G 95 48.33 -25.46 -13.33
N GLU G 96 48.20 -25.39 -14.66
CA GLU G 96 48.16 -26.61 -15.45
C GLU G 96 49.53 -27.19 -15.73
N GLU G 97 50.61 -26.56 -15.24
CA GLU G 97 51.91 -27.21 -15.20
C GLU G 97 52.28 -27.74 -13.82
N LEU G 98 51.55 -27.35 -12.78
CA LEU G 98 51.75 -27.90 -11.44
C LEU G 98 50.91 -29.14 -11.18
N PHE G 99 49.68 -29.16 -11.70
CA PHE G 99 48.65 -30.12 -11.33
C PHE G 99 48.45 -30.22 -9.82
N PRO G 100 47.90 -29.18 -9.17
CA PRO G 100 47.82 -29.25 -7.70
C PRO G 100 46.63 -30.07 -7.22
N THR H 1 6.15 23.53 51.59
CA THR H 1 6.36 24.95 51.90
C THR H 1 5.42 25.81 51.07
N ALA H 2 5.98 26.61 50.16
CA ALA H 2 5.18 27.43 49.26
C ALA H 2 4.65 26.60 48.11
N THR H 3 4.07 27.26 47.10
CA THR H 3 3.56 26.57 45.93
C THR H 3 4.67 26.03 45.03
N GLU H 4 5.92 26.42 45.26
CA GLU H 4 7.06 25.88 44.54
C GLU H 4 7.69 24.70 45.30
N LYS H 5 6.95 23.59 45.28
CA LYS H 5 7.48 22.28 45.62
C LYS H 5 8.15 21.61 44.43
N ILE H 6 8.29 22.31 43.31
CA ILE H 6 8.86 21.78 42.09
C ILE H 6 10.36 21.60 42.27
N ILE H 7 10.95 22.29 43.23
CA ILE H 7 12.38 22.17 43.46
C ILE H 7 12.55 21.24 44.66
N GLU H 8 11.45 20.60 45.08
CA GLU H 8 11.50 19.56 46.09
C GLU H 8 11.07 18.20 45.60
N LEU H 9 10.02 18.12 44.78
CA LEU H 9 9.61 16.85 44.19
C LEU H 9 10.47 16.44 43.00
N GLN H 10 11.33 17.33 42.49
CA GLN H 10 12.33 16.97 41.51
C GLN H 10 13.60 16.43 42.14
N LYS H 11 13.69 16.42 43.47
CA LYS H 11 14.72 15.72 44.20
C LYS H 11 14.21 14.42 44.81
N PHE H 12 12.96 14.05 44.54
CA PHE H 12 12.34 12.86 45.10
C PHE H 12 12.05 11.80 44.05
N TYR H 13 11.58 12.21 42.87
CA TYR H 13 11.28 11.25 41.81
C TYR H 13 12.54 10.67 41.22
N GLN H 14 13.63 11.43 41.22
CA GLN H 14 14.96 10.90 41.02
C GLN H 14 15.57 10.67 42.40
N SER H 15 16.40 9.63 42.51
CA SER H 15 16.80 8.98 43.77
C SER H 15 15.59 8.48 44.56
N THR H 16 14.92 7.45 44.06
CA THR H 16 13.72 6.91 44.70
C THR H 16 13.88 5.45 45.10
N ASN H 17 14.41 4.63 44.19
CA ASN H 17 14.57 3.16 44.20
C ASN H 17 13.22 2.43 44.06
N LYS H 18 12.15 3.13 43.71
CA LYS H 18 10.86 2.57 43.40
C LYS H 18 10.45 3.02 42.00
N PRO H 19 9.55 2.30 41.33
CA PRO H 19 9.06 2.77 40.03
C PRO H 19 8.24 4.04 40.15
N ILE H 20 8.13 4.75 39.02
CA ILE H 20 7.54 6.08 38.98
C ILE H 20 6.06 6.11 39.35
N TYR H 21 5.32 5.05 39.06
CA TYR H 21 3.87 5.03 39.28
C TYR H 21 3.52 4.60 40.71
N ALA H 22 4.51 4.34 41.55
CA ALA H 22 4.23 3.97 42.93
C ALA H 22 5.21 4.63 43.89
N ALA H 23 5.71 5.82 43.54
CA ALA H 23 6.71 6.50 44.34
C ALA H 23 6.11 7.42 45.40
N HIS H 24 5.07 8.14 45.07
CA HIS H 24 4.44 9.06 46.00
C HIS H 24 3.65 8.28 47.05
N PRO H 25 3.48 8.84 48.25
CA PRO H 25 2.56 8.22 49.21
C PRO H 25 1.10 8.64 49.00
N ARG H 26 0.66 8.61 47.75
CA ARG H 26 -0.73 8.77 47.35
C ARG H 26 -1.17 7.74 46.32
N SER H 27 -0.25 7.05 45.66
CA SER H 27 -0.58 6.15 44.57
C SER H 27 -1.29 4.88 45.01
N LYS H 28 -1.35 4.60 46.32
CA LYS H 28 -2.15 3.49 46.81
C LYS H 28 -3.63 3.71 46.51
N TYR H 29 -4.11 4.94 46.69
CA TYR H 29 -5.51 5.27 46.46
C TYR H 29 -5.88 5.20 44.99
N TYR H 30 -4.91 5.33 44.09
CA TYR H 30 -5.16 5.16 42.67
C TYR H 30 -5.01 3.72 42.21
N LEU H 31 -4.07 2.97 42.79
CA LEU H 31 -3.75 1.64 42.29
C LEU H 31 -4.54 0.50 42.93
N ILE H 32 -5.06 0.67 44.15
CA ILE H 32 -5.83 -0.42 44.76
C ILE H 32 -7.24 -0.54 44.16
N PRO H 33 -8.07 0.53 44.03
CA PRO H 33 -9.39 0.31 43.40
C PRO H 33 -9.35 -0.09 41.93
N TYR H 34 -8.37 0.42 41.17
CA TYR H 34 -8.30 0.12 39.74
C TYR H 34 -7.96 -1.35 39.50
N PHE H 35 -6.91 -1.85 40.16
CA PHE H 35 -6.56 -3.25 40.02
C PHE H 35 -7.55 -4.17 40.73
N GLY H 36 -8.28 -3.66 41.71
CA GLY H 36 -9.34 -4.45 42.32
C GLY H 36 -10.54 -4.63 41.42
N LEU H 37 -11.01 -3.55 40.79
CA LEU H 37 -12.18 -3.64 39.93
C LEU H 37 -11.88 -4.23 38.56
N LEU H 38 -10.63 -4.17 38.08
CA LEU H 38 -10.30 -4.84 36.84
C LEU H 38 -10.39 -6.35 36.95
N GLY H 39 -10.04 -6.91 38.11
CA GLY H 39 -10.18 -8.34 38.32
C GLY H 39 -11.60 -8.82 38.51
N VAL H 40 -12.55 -7.91 38.70
CA VAL H 40 -13.96 -8.26 38.65
C VAL H 40 -14.53 -8.07 37.25
N SER H 41 -14.07 -7.02 36.54
CA SER H 41 -14.57 -6.74 35.19
C SER H 41 -14.13 -7.83 34.20
N VAL H 42 -12.86 -8.26 34.27
CA VAL H 42 -12.41 -9.35 33.41
C VAL H 42 -13.03 -10.68 33.80
N ALA H 43 -13.23 -10.95 35.09
CA ALA H 43 -13.85 -12.18 35.53
C ALA H 43 -15.36 -12.21 35.30
N ALA H 44 -15.98 -11.08 34.95
CA ALA H 44 -17.38 -11.07 34.57
C ALA H 44 -17.63 -11.35 33.10
N THR H 45 -16.69 -11.03 32.22
CA THR H 45 -16.85 -11.33 30.80
C THR H 45 -16.28 -12.68 30.41
N LEU H 46 -15.70 -13.41 31.36
CA LEU H 46 -15.30 -14.78 31.12
C LEU H 46 -16.29 -15.76 31.72
N PHE H 47 -17.22 -15.28 32.54
CA PHE H 47 -18.32 -16.09 33.03
C PHE H 47 -19.53 -16.03 32.11
N TYR H 48 -19.72 -14.91 31.41
CA TYR H 48 -20.85 -14.76 30.51
C TYR H 48 -20.53 -15.12 29.06
N THR H 49 -19.25 -15.31 28.72
CA THR H 49 -18.89 -15.82 27.40
C THR H 49 -18.62 -17.31 27.40
N GLY H 50 -18.79 -17.99 28.52
CA GLY H 50 -18.78 -19.43 28.55
C GLY H 50 -20.19 -19.91 28.74
N ARG H 51 -20.98 -19.08 29.41
CA ARG H 51 -22.40 -19.34 29.60
C ARG H 51 -23.20 -19.10 28.31
N ALA H 52 -22.70 -18.27 27.41
CA ALA H 52 -23.30 -18.07 26.10
C ALA H 52 -23.03 -19.23 25.16
N CYS H 53 -21.92 -19.94 25.36
CA CYS H 53 -21.62 -21.11 24.54
C CYS H 53 -22.56 -22.26 24.82
N PHE H 54 -23.12 -22.34 26.02
CA PHE H 54 -24.01 -23.42 26.40
C PHE H 54 -25.48 -23.08 26.22
N GLY H 55 -25.78 -21.90 25.69
CA GLY H 55 -27.13 -21.53 25.35
C GLY H 55 -27.94 -20.88 26.45
N ILE H 56 -27.37 -20.68 27.63
CA ILE H 56 -28.11 -20.13 28.75
C ILE H 56 -28.22 -18.62 28.58
N LYS H 57 -29.44 -18.10 28.65
CA LYS H 57 -29.72 -16.68 28.63
C LYS H 57 -30.18 -16.24 30.01
N ASP H 58 -30.34 -14.93 30.17
CA ASP H 58 -30.80 -14.39 31.45
C ASP H 58 -32.18 -13.76 31.30
N ASP I 1 24.23 -11.55 30.95
CA ASP I 1 23.76 -12.86 30.51
C ASP I 1 23.39 -12.86 29.04
N VAL I 2 24.01 -11.97 28.26
CA VAL I 2 23.71 -11.88 26.83
C VAL I 2 24.33 -13.06 26.11
N GLY I 3 23.52 -13.78 25.34
CA GLY I 3 23.98 -14.97 24.66
C GLY I 3 22.95 -15.57 23.73
N PRO I 4 23.20 -16.77 23.23
CA PRO I 4 22.33 -17.32 22.19
C PRO I 4 21.01 -17.90 22.70
N TYR I 5 20.84 -18.07 24.01
CA TYR I 5 19.56 -18.50 24.57
C TYR I 5 19.09 -17.50 25.62
N SER I 6 19.23 -16.22 25.29
CA SER I 6 18.88 -15.17 26.23
C SER I 6 17.67 -14.35 25.81
N ASN I 7 17.37 -14.26 24.52
CA ASN I 7 16.23 -13.47 24.08
C ASN I 7 14.98 -14.29 23.82
N LEU I 8 14.96 -15.55 24.24
CA LEU I 8 13.71 -16.29 24.02
C LEU I 8 12.87 -16.26 25.29
N PRO I 9 11.54 -16.15 25.17
CA PRO I 9 10.70 -16.18 26.38
C PRO I 9 10.64 -17.53 27.07
N PHE I 10 11.04 -18.61 26.40
CA PHE I 10 10.98 -19.95 26.94
C PHE I 10 12.37 -20.54 27.10
N LYS I 11 12.50 -21.48 28.02
CA LYS I 11 13.76 -22.16 28.28
C LYS I 11 13.92 -23.36 27.37
N VAL I 12 15.14 -23.54 26.85
CA VAL I 12 15.41 -24.60 25.89
C VAL I 12 16.31 -25.70 26.45
N LYS I 13 17.33 -25.38 27.22
CA LYS I 13 18.24 -26.36 27.78
C LYS I 13 18.26 -26.24 29.29
N ASN I 14 18.74 -27.31 29.95
CA ASN I 14 18.75 -27.49 31.41
C ASN I 14 17.35 -27.38 31.98
N ARG I 15 16.48 -28.34 31.64
CA ARG I 15 15.07 -28.27 31.96
C ARG I 15 14.62 -29.66 32.41
N ARG I 16 13.61 -29.71 33.29
CA ARG I 16 13.13 -30.99 33.81
C ARG I 16 12.40 -31.79 32.73
N VAL I 17 11.26 -31.28 32.28
CA VAL I 17 10.53 -31.88 31.16
C VAL I 17 11.26 -31.49 29.88
N PRO I 18 11.55 -32.43 28.98
CA PRO I 18 12.25 -32.07 27.74
C PRO I 18 11.41 -31.19 26.83
N TYR I 19 12.09 -30.46 25.94
CA TYR I 19 11.48 -29.39 25.16
C TYR I 19 10.49 -29.92 24.11
N ALA I 20 10.55 -31.22 23.80
CA ALA I 20 9.70 -31.80 22.78
C ALA I 20 8.22 -31.72 23.15
N VAL I 21 7.89 -31.88 24.43
CA VAL I 21 6.51 -31.79 24.87
C VAL I 21 5.95 -30.36 24.75
N PRO I 22 6.62 -29.28 25.23
CA PRO I 22 6.08 -27.94 24.94
C PRO I 22 6.10 -27.56 23.48
N HIS I 23 7.01 -28.12 22.68
CA HIS I 23 6.99 -27.79 21.26
C HIS I 23 5.85 -28.49 20.55
N PHE I 24 5.57 -29.74 20.93
CA PHE I 24 4.55 -30.51 20.23
C PHE I 24 3.14 -30.08 20.63
N LEU I 25 2.93 -29.71 21.90
CA LEU I 25 1.60 -29.36 22.35
C LEU I 25 1.10 -28.06 21.73
N PHE I 26 2.04 -27.14 21.44
CA PHE I 26 1.73 -25.88 20.78
C PHE I 26 1.10 -26.12 19.41
N PHE I 27 1.76 -26.94 18.58
CA PHE I 27 1.26 -27.23 17.25
C PHE I 27 0.03 -28.12 17.29
N ALA I 28 -0.07 -28.98 18.32
CA ALA I 28 -1.24 -29.84 18.45
C ALA I 28 -2.51 -29.04 18.78
N ILE I 29 -2.41 -28.08 19.71
CA ILE I 29 -3.55 -27.21 20.02
C ILE I 29 -3.88 -26.33 18.81
N GLY I 30 -2.85 -25.82 18.14
CA GLY I 30 -3.07 -24.97 16.98
C GLY I 30 -3.74 -25.67 15.82
N MET I 31 -3.50 -26.98 15.69
CA MET I 31 -4.18 -27.76 14.66
C MET I 31 -5.42 -28.48 15.18
N GLY I 32 -5.73 -28.38 16.46
CA GLY I 32 -6.90 -29.06 16.98
C GLY I 32 -8.07 -28.19 17.40
N ILE I 33 -7.84 -26.88 17.50
CA ILE I 33 -8.96 -25.94 17.75
C ILE I 33 -10.03 -25.95 16.67
N PRO I 34 -9.75 -25.78 15.36
CA PRO I 34 -10.86 -25.67 14.41
C PRO I 34 -11.52 -26.98 14.05
N PHE I 35 -11.08 -28.10 14.60
CA PHE I 35 -11.88 -29.32 14.59
C PHE I 35 -12.85 -29.39 15.76
N PHE I 36 -12.46 -28.88 16.93
CA PHE I 36 -13.37 -28.79 18.07
C PHE I 36 -14.51 -27.84 17.80
N ALA I 37 -14.24 -26.71 17.14
CA ALA I 37 -15.30 -25.76 16.81
C ALA I 37 -16.32 -26.38 15.86
N CYS I 38 -15.85 -27.13 14.86
CA CYS I 38 -16.75 -27.79 13.92
C CYS I 38 -17.51 -28.93 14.60
N TYR I 39 -16.88 -29.62 15.55
CA TYR I 39 -17.58 -30.66 16.30
C TYR I 39 -18.73 -30.09 17.13
N VAL I 40 -18.48 -28.97 17.83
CA VAL I 40 -19.51 -28.35 18.65
C VAL I 40 -20.67 -27.86 17.78
N GLN I 41 -20.34 -27.20 16.67
CA GLN I 41 -21.40 -26.65 15.84
C GLN I 41 -22.10 -27.72 15.00
N LEU I 42 -21.48 -28.87 14.79
CA LEU I 42 -22.20 -29.98 14.16
C LEU I 42 -23.15 -30.62 15.15
N LYS I 43 -22.72 -30.80 16.40
CA LYS I 43 -23.56 -31.44 17.40
C LYS I 43 -24.69 -30.54 17.88
N ARG I 44 -24.55 -29.23 17.79
CA ARG I 44 -25.64 -28.33 18.14
C ARG I 44 -26.75 -28.27 17.10
N SER I 45 -26.49 -28.73 15.87
CA SER I 45 -27.45 -28.58 14.79
C SER I 45 -27.96 -29.92 14.28
N GLY I 46 -28.26 -30.84 15.19
CA GLY I 46 -28.93 -32.06 14.82
C GLY I 46 -28.05 -33.20 14.35
N SER I 47 -27.23 -32.95 13.33
CA SER I 47 -26.36 -33.96 12.74
C SER I 47 -25.30 -34.45 13.73
N ILE I 48 -24.79 -35.65 13.51
CA ILE I 48 -23.91 -36.37 14.44
C ILE I 48 -22.63 -35.61 14.80
N SER J 1 44.66 -6.16 -32.64
CA SER J 1 45.27 -7.48 -32.53
C SER J 1 44.44 -8.39 -31.64
N LEU J 2 45.05 -9.48 -31.17
CA LEU J 2 44.38 -10.44 -30.32
C LEU J 2 44.53 -10.11 -28.84
N THR J 3 45.20 -9.02 -28.51
CA THR J 3 45.45 -8.64 -27.11
C THR J 3 44.66 -7.41 -26.71
N ARG J 4 43.69 -7.02 -27.52
CA ARG J 4 42.86 -5.83 -27.26
C ARG J 4 41.41 -6.28 -27.28
N ILE J 5 40.82 -6.43 -26.11
CA ILE J 5 39.41 -6.78 -25.95
C ILE J 5 38.77 -5.70 -25.11
N GLN J 6 37.70 -5.10 -25.63
CA GLN J 6 37.13 -3.92 -24.98
C GLN J 6 35.69 -4.11 -24.55
N GLY J 7 34.83 -4.66 -25.41
CA GLY J 7 33.45 -4.86 -25.03
C GLY J 7 32.97 -6.27 -25.30
N SER J 8 32.46 -6.94 -24.29
CA SER J 8 31.98 -8.31 -24.46
C SER J 8 30.57 -8.47 -23.92
N VAL J 9 30.25 -7.77 -22.84
CA VAL J 9 28.96 -7.96 -22.18
C VAL J 9 27.84 -7.26 -22.93
N LYS J 10 28.14 -6.15 -23.60
CA LYS J 10 27.12 -5.38 -24.32
C LYS J 10 26.57 -6.17 -25.50
N ARG J 11 27.43 -6.87 -26.23
CA ARG J 11 26.99 -7.70 -27.32
C ARG J 11 26.19 -8.90 -26.81
N ARG J 12 26.54 -9.41 -25.63
CA ARG J 12 25.75 -10.46 -24.99
C ARG J 12 24.35 -9.97 -24.64
N ILE J 13 24.24 -8.73 -24.15
CA ILE J 13 22.92 -8.17 -23.84
C ILE J 13 22.10 -7.97 -25.10
N LEU J 14 22.72 -7.45 -26.16
CA LEU J 14 22.00 -7.25 -27.42
C LEU J 14 21.58 -8.57 -28.07
N THR J 15 22.36 -9.64 -27.91
CA THR J 15 21.88 -10.93 -28.40
C THR J 15 20.84 -11.54 -27.46
N ASP J 16 20.92 -11.25 -26.17
CA ASP J 16 20.01 -11.84 -25.19
C ASP J 16 18.65 -11.18 -25.17
N ILE J 17 18.51 -9.98 -25.73
CA ILE J 17 17.20 -9.39 -25.96
C ILE J 17 16.62 -9.75 -27.33
N SER J 18 17.47 -9.90 -28.34
CA SER J 18 17.02 -10.17 -29.71
C SER J 18 16.76 -11.65 -29.96
N VAL J 19 16.88 -12.50 -28.94
CA VAL J 19 16.44 -13.89 -29.01
C VAL J 19 15.20 -14.13 -28.18
N GLY J 20 15.09 -13.48 -27.02
CA GLY J 20 13.93 -13.62 -26.16
C GLY J 20 12.68 -12.94 -26.66
N LEU J 21 12.80 -12.11 -27.69
CA LEU J 21 11.64 -11.52 -28.34
C LEU J 21 11.19 -12.31 -29.56
N THR J 22 12.14 -12.84 -30.35
CA THR J 22 11.77 -13.68 -31.49
C THR J 22 11.16 -15.00 -31.02
N LEU J 23 11.69 -15.56 -29.93
CA LEU J 23 11.12 -16.77 -29.36
C LEU J 23 9.75 -16.51 -28.77
N GLY J 24 9.55 -15.34 -28.15
CA GLY J 24 8.25 -15.00 -27.62
C GLY J 24 7.21 -14.76 -28.71
N PHE J 25 7.62 -14.10 -29.79
CA PHE J 25 6.73 -13.90 -30.92
C PHE J 25 6.43 -15.19 -31.66
N GLY J 26 7.36 -16.14 -31.64
CA GLY J 26 7.08 -17.45 -32.20
C GLY J 26 6.05 -18.23 -31.38
N PHE J 27 6.11 -18.10 -30.06
CA PHE J 27 5.18 -18.77 -29.18
C PHE J 27 3.87 -18.02 -29.02
N ALA J 28 3.75 -16.83 -29.61
CA ALA J 28 2.49 -16.10 -29.64
C ALA J 28 1.81 -16.13 -30.99
N SER J 29 2.54 -16.44 -32.06
CA SER J 29 1.97 -16.59 -33.39
C SER J 29 1.40 -17.99 -33.62
N TYR J 30 1.47 -18.86 -32.62
CA TYR J 30 0.80 -20.15 -32.68
C TYR J 30 -0.53 -20.13 -31.96
N TRP J 31 -0.71 -19.26 -30.96
CA TRP J 31 -1.99 -19.06 -30.30
C TRP J 31 -3.00 -18.33 -31.16
N TRP J 32 -2.55 -17.57 -32.16
CA TRP J 32 -3.44 -16.76 -32.98
C TRP J 32 -3.60 -17.30 -34.40
N TRP J 33 -2.70 -18.19 -34.82
CA TRP J 33 -2.84 -18.77 -36.15
C TRP J 33 -2.95 -20.30 -36.11
N GLY J 34 -3.06 -20.92 -34.94
CA GLY J 34 -3.27 -22.35 -34.90
C GLY J 34 -4.27 -22.76 -33.84
N VAL J 35 -4.71 -21.82 -33.01
CA VAL J 35 -5.68 -22.10 -31.96
C VAL J 35 -6.91 -21.24 -32.15
N HIS J 36 -6.74 -20.04 -32.71
CA HIS J 36 -7.82 -19.05 -32.75
C HIS J 36 -8.57 -19.04 -34.09
N LYS J 37 -7.85 -18.82 -35.20
CA LYS J 37 -8.49 -18.65 -36.50
C LYS J 37 -9.23 -19.88 -37.03
N PRO J 38 -8.71 -21.12 -36.94
CA PRO J 38 -9.56 -22.27 -37.35
C PRO J 38 -10.82 -22.46 -36.51
N THR J 39 -10.82 -22.06 -35.24
CA THR J 39 -12.06 -22.12 -34.46
C THR J 39 -13.08 -21.11 -34.96
N VAL J 40 -12.63 -19.92 -35.37
CA VAL J 40 -13.54 -18.93 -35.95
C VAL J 40 -14.08 -19.43 -37.28
N ALA J 41 -13.23 -20.11 -38.07
CA ALA J 41 -13.68 -20.68 -39.33
C ALA J 41 -14.71 -21.79 -39.13
N HIS J 42 -14.49 -22.65 -38.13
CA HIS J 42 -15.44 -23.73 -37.83
C HIS J 42 -16.76 -23.17 -37.32
N ARG J 43 -16.70 -22.14 -36.47
CA ARG J 43 -17.89 -21.46 -35.99
C ARG J 43 -18.70 -20.83 -37.13
N GLU J 44 -18.01 -20.22 -38.10
CA GLU J 44 -18.71 -19.60 -39.21
C GLU J 44 -19.31 -20.64 -40.15
N ASN J 45 -18.56 -21.72 -40.44
CA ASN J 45 -19.10 -22.76 -41.31
C ASN J 45 -20.24 -23.53 -40.67
N TYR J 46 -20.34 -23.53 -39.34
CA TYR J 46 -21.56 -24.06 -38.75
C TYR J 46 -22.77 -23.16 -38.99
N TYR J 47 -22.58 -21.84 -39.00
CA TYR J 47 -23.70 -20.92 -39.18
C TYR J 47 -24.05 -20.67 -40.64
N ILE J 48 -23.20 -21.10 -41.58
CA ILE J 48 -23.52 -20.95 -43.00
C ILE J 48 -24.11 -22.28 -43.45
N GLU J 49 -24.15 -23.25 -42.55
CA GLU J 49 -24.81 -24.51 -42.82
C GLU J 49 -26.19 -24.65 -42.17
N LEU J 50 -26.40 -24.07 -40.98
CA LEU J 50 -27.70 -24.10 -40.33
C LEU J 50 -28.75 -23.28 -41.05
N ALA J 51 -28.36 -22.19 -41.70
CA ALA J 51 -29.30 -21.32 -42.39
C ALA J 51 -29.81 -21.95 -43.69
N LYS J 52 -28.96 -22.73 -44.35
CA LYS J 52 -29.33 -23.33 -45.63
C LYS J 52 -30.36 -24.44 -45.44
N LYS J 53 -30.28 -25.17 -44.32
CA LYS J 53 -31.28 -26.20 -44.01
C LYS J 53 -32.65 -25.57 -43.76
N LYS J 54 -32.67 -24.43 -43.08
CA LYS J 54 -33.93 -23.73 -42.87
C LYS J 54 -34.44 -23.10 -44.16
N LYS J 55 -33.52 -22.75 -45.06
CA LYS J 55 -33.92 -22.21 -46.36
C LYS J 55 -34.61 -23.28 -47.21
N ALA J 56 -34.07 -24.49 -47.21
CA ALA J 56 -34.65 -25.59 -47.98
C ALA J 56 -35.90 -26.15 -47.27
#